data_1XY8
# 
_entry.id   1XY8 
# 
_audit_conform.dict_name       mmcif_pdbx.dic 
_audit_conform.dict_version    5.355 
_audit_conform.dict_location   http://mmcif.pdb.org/dictionaries/ascii/mmcif_pdbx.dic 
# 
loop_
_database_2.database_id 
_database_2.database_code 
_database_2.pdbx_database_accession 
_database_2.pdbx_DOI 
PDB   1XY8         pdb_00001xy8 10.2210/pdb1xy8/pdb 
RCSB  RCSB030903   ?            ?                   
WWPDB D_1000030903 ?            ?                   
# 
loop_
_pdbx_database_related.db_name 
_pdbx_database_related.db_id 
_pdbx_database_related.details 
_pdbx_database_related.content_type 
PDB 1XXZ . unspecified 
PDB 1XY4 . unspecified 
PDB 1XY5 . unspecified 
PDB 1XY6 . unspecified 
PDB 1XY9 . unspecified 
# 
_pdbx_database_status.entry_id                        1XY8 
_pdbx_database_status.status_code                     REL 
_pdbx_database_status.recvd_initial_deposition_date   2004-11-09 
_pdbx_database_status.deposit_site                    RCSB 
_pdbx_database_status.process_site                    RCSB 
_pdbx_database_status.SG_entry                        N 
_pdbx_database_status.status_code_sf                  ? 
_pdbx_database_status.status_code_mr                  REL 
_pdbx_database_status.pdb_format_compatible           Y 
_pdbx_database_status.status_code_cs                  ? 
_pdbx_database_status.status_code_nmr_data            ? 
_pdbx_database_status.methods_development_category    ? 
# 
loop_
_audit_author.name 
_audit_author.pdbx_ordinal 
'Grace, C.R.R.' 1 
'Durrer, L.'    2 
'Koerber, S.C.' 3 
'Erchegyi, J.'  4 
'Reubi, J.C.'   5 
'Rivier, J.E.'  6 
'Riek, R.'      7 
# 
_citation.id                        primary 
_citation.title                     'Somatostatin receptor 1 selective analogues: 4. Three-dimensional consensus structure by NMR' 
_citation.journal_abbrev            J.Med.Chem. 
_citation.journal_volume            48 
_citation.page_first                523 
_citation.page_last                 533 
_citation.year                      2005 
_citation.journal_id_ASTM           JMCMAR 
_citation.country                   US 
_citation.journal_id_ISSN           0022-2623 
_citation.journal_id_CSD            0151 
_citation.book_publisher            ? 
_citation.pdbx_database_id_PubMed   15658866 
_citation.pdbx_database_id_DOI      10.1021/jm049518u 
# 
loop_
_citation_author.citation_id 
_citation_author.name 
_citation_author.ordinal 
_citation_author.identifier_ORCID 
primary 'Grace, C.R.R.' 1 ? 
primary 'Durrer, L.'    2 ? 
primary 'Koerber, S.C.' 3 ? 
primary 'Erchegyi, J.'  4 ? 
primary 'Reubi, J.C.'   5 ? 
primary 'Rivier, J.E.'  6 ? 
primary 'Riek, R.'      7 ? 
# 
_cell.entry_id           1XY8 
_cell.length_a           1.000 
_cell.length_b           1.000 
_cell.length_c           1.000 
_cell.angle_alpha        90.00 
_cell.angle_beta         90.00 
_cell.angle_gamma        90.00 
_cell.Z_PDB              1 
_cell.pdbx_unique_axis   ? 
# 
_symmetry.entry_id                         1XY8 
_symmetry.space_group_name_H-M             'P 1' 
_symmetry.pdbx_full_space_group_name_H-M   ? 
_symmetry.cell_setting                     ? 
_symmetry.Int_Tables_number                1 
# 
_entity.id                         1 
_entity.type                       polymer 
_entity.src_method                 syn 
_entity.pdbx_description           'SST1-selective somatosatin analog' 
_entity.formula_weight             1689.028 
_entity.pdbx_number_of_molecules   1 
_entity.pdbx_ec                    ? 
_entity.pdbx_mutation              ? 
_entity.pdbx_fragment              ? 
_entity.details                    ? 
# 
_entity_name_com.entity_id   1 
_entity_name_com.name        SRIF 
# 
_entity_poly.entity_id                      1 
_entity_poly.type                           'polypeptide(L)' 
_entity_poly.nstd_linkage                   no 
_entity_poly.nstd_monomer                   yes 
_entity_poly.pdbx_seq_one_letter_code       'YCKFE(DTR)(IAM)TF(HHK)SC' 
_entity_poly.pdbx_seq_one_letter_code_can   YCKFEWATFAKSC 
_entity_poly.pdbx_strand_id                 A 
_entity_poly.pdbx_target_identifier         ? 
# 
loop_
_entity_poly_seq.entity_id 
_entity_poly_seq.num 
_entity_poly_seq.mon_id 
_entity_poly_seq.hetero 
1 1  TYR n 
1 2  CYS n 
1 3  LYS n 
1 4  PHE n 
1 5  GLU n 
1 6  DTR n 
1 7  IAM n 
1 8  THR n 
1 9  PHE n 
1 10 HHK n 
1 11 SER n 
1 12 CYS n 
# 
_pdbx_entity_src_syn.entity_id              1 
_pdbx_entity_src_syn.pdbx_src_id            1 
_pdbx_entity_src_syn.pdbx_alt_source_flag   sample 
_pdbx_entity_src_syn.pdbx_beg_seq_num       ? 
_pdbx_entity_src_syn.pdbx_end_seq_num       ? 
_pdbx_entity_src_syn.organism_scientific    ? 
_pdbx_entity_src_syn.organism_common_name   ? 
_pdbx_entity_src_syn.ncbi_taxonomy_id       ? 
_pdbx_entity_src_syn.details                
'Peptide synthesised using solid phase approach either manually or on a CS-Biopeptide synthesizer Model CS536' 
# 
_struct_ref.id                         1 
_struct_ref.entity_id                  1 
_struct_ref.db_name                    PDB 
_struct_ref.db_code                    1XY8 
_struct_ref.pdbx_db_accession          1XY8 
_struct_ref.pdbx_db_isoform            ? 
_struct_ref.pdbx_seq_one_letter_code   ? 
_struct_ref.pdbx_align_begin           ? 
# 
_struct_ref_seq.align_id                      1 
_struct_ref_seq.ref_id                        1 
_struct_ref_seq.pdbx_PDB_id_code              1XY8 
_struct_ref_seq.pdbx_strand_id                A 
_struct_ref_seq.seq_align_beg                 1 
_struct_ref_seq.pdbx_seq_align_beg_ins_code   ? 
_struct_ref_seq.seq_align_end                 12 
_struct_ref_seq.pdbx_seq_align_end_ins_code   ? 
_struct_ref_seq.pdbx_db_accession             1XY8 
_struct_ref_seq.db_align_beg                  1 
_struct_ref_seq.pdbx_db_align_beg_ins_code    ? 
_struct_ref_seq.db_align_end                  12 
_struct_ref_seq.pdbx_db_align_end_ins_code    ? 
_struct_ref_seq.pdbx_auth_seq_align_beg       1 
_struct_ref_seq.pdbx_auth_seq_align_end       12 
# 
loop_
_chem_comp.id 
_chem_comp.type 
_chem_comp.mon_nstd_flag 
_chem_comp.name 
_chem_comp.pdbx_synonyms 
_chem_comp.formula 
_chem_comp.formula_weight 
CYS 'L-peptide linking' y CYSTEINE                                  ? 'C3 H7 N O2 S'   121.158 
DTR 'D-peptide linking' . D-TRYPTOPHAN                              ? 'C11 H12 N2 O2'  204.225 
GLU 'L-peptide linking' y 'GLUTAMIC ACID'                           ? 'C5 H9 N O4'     147.129 
HHK 'L-peptide linking' n '(2S)-2,8-DIAMINOOCTANOIC ACID'           ? 'C8 H18 N2 O2'   174.241 
IAM 'L-peptide linking' n '4-[(ISOPROPYLAMINO)METHYL]PHENYLALANINE' ? 'C13 H20 N2 O2'  236.310 
LYS 'L-peptide linking' y LYSINE                                    ? 'C6 H15 N2 O2 1' 147.195 
PHE 'L-peptide linking' y PHENYLALANINE                             ? 'C9 H11 N O2'    165.189 
SER 'L-peptide linking' y SERINE                                    ? 'C3 H7 N O3'     105.093 
THR 'L-peptide linking' y THREONINE                                 ? 'C4 H9 N O3'     119.119 
TYR 'L-peptide linking' y TYROSINE                                  ? 'C9 H11 N O3'    181.189 
# 
loop_
_pdbx_nmr_exptl.experiment_id 
_pdbx_nmr_exptl.solution_id 
_pdbx_nmr_exptl.conditions_id 
_pdbx_nmr_exptl.type 
1 1 1 DQF-COSY   
2 1 1 '2D NOESY' 
# 
_pdbx_nmr_exptl_sample_conditions.conditions_id       1 
_pdbx_nmr_exptl_sample_conditions.temperature         298 
_pdbx_nmr_exptl_sample_conditions.pressure            Ambient 
_pdbx_nmr_exptl_sample_conditions.pH                  7.0 
_pdbx_nmr_exptl_sample_conditions.ionic_strength      ? 
_pdbx_nmr_exptl_sample_conditions.pressure_units      ? 
_pdbx_nmr_exptl_sample_conditions.temperature_units   K 
# 
_pdbx_nmr_sample_details.solution_id      1 
_pdbx_nmr_sample_details.contents         '2.5 mM of the peptide' 
_pdbx_nmr_sample_details.solvent_system   DMSO-d6 
# 
_pdbx_nmr_spectrometer.spectrometer_id   1 
_pdbx_nmr_spectrometer.type              ? 
_pdbx_nmr_spectrometer.manufacturer      Bruker 
_pdbx_nmr_spectrometer.model             AVANCE 
_pdbx_nmr_spectrometer.field_strength    750 
# 
_pdbx_nmr_refine.entry_id           1XY8 
_pdbx_nmr_refine.method             'torsion angle dynamics' 
_pdbx_nmr_refine.details            'The structures are based on 151 distance restraints, 36 angle restraints' 
_pdbx_nmr_refine.software_ordinal   1 
# 
_pdbx_nmr_details.entry_id   1XY8 
_pdbx_nmr_details.text       'The structure was determined using standard 2D homonuclear techniques' 
# 
_pdbx_nmr_ensemble.entry_id                                      1XY8 
_pdbx_nmr_ensemble.conformers_calculated_total_number            20 
_pdbx_nmr_ensemble.conformers_submitted_total_number             10 
_pdbx_nmr_ensemble.conformer_selection_criteria                  'target function' 
_pdbx_nmr_ensemble.average_constraints_per_residue               ? 
_pdbx_nmr_ensemble.average_constraint_violations_per_residue     ? 
_pdbx_nmr_ensemble.maximum_distance_constraint_violation         ? 
_pdbx_nmr_ensemble.average_distance_constraint_violation         ? 
_pdbx_nmr_ensemble.maximum_upper_distance_constraint_violation   ? 
_pdbx_nmr_ensemble.maximum_lower_distance_constraint_violation   ? 
_pdbx_nmr_ensemble.distance_constraint_violation_method          ? 
_pdbx_nmr_ensemble.maximum_torsion_angle_constraint_violation    ? 
_pdbx_nmr_ensemble.average_torsion_angle_constraint_violation    ? 
_pdbx_nmr_ensemble.torsion_angle_constraint_violation_method     ? 
# 
_pdbx_nmr_representative.entry_id             1XY8 
_pdbx_nmr_representative.conformer_id         1 
_pdbx_nmr_representative.selection_criteria   'lowest energy' 
# 
loop_
_pdbx_nmr_software.name 
_pdbx_nmr_software.version 
_pdbx_nmr_software.classification 
_pdbx_nmr_software.authors 
_pdbx_nmr_software.ordinal 
DYANA 1.0.6 'structure solution' 'Peter Guntert' 1 
DYANA 1.0.6 refinement           'Peter Guntert' 2 
# 
_exptl.entry_id          1XY8 
_exptl.method            'SOLUTION NMR' 
_exptl.crystals_number   ? 
# 
_struct.entry_id                  1XY8 
_struct.title                     'NMR strcutre of sst1-selective somatostatin (SRIF) analog 1' 
_struct.pdbx_model_details        ? 
_struct.pdbx_CASP_flag            ? 
_struct.pdbx_model_type_details   ? 
# 
_struct_keywords.entry_id        1XY8 
_struct_keywords.pdbx_keywords   'HORMONE/GROWTH FACTOR' 
_struct_keywords.text            'Gamma turn, HORMONE-GROWTH FACTOR COMPLEX' 
# 
_struct_asym.id                            A 
_struct_asym.pdbx_blank_PDB_chainid_flag   N 
_struct_asym.pdbx_modified                 N 
_struct_asym.entity_id                     1 
_struct_asym.details                       ? 
# 
_struct_biol.id   1 
# 
loop_
_struct_conn.id 
_struct_conn.conn_type_id 
_struct_conn.pdbx_leaving_atom_flag 
_struct_conn.pdbx_PDB_id 
_struct_conn.ptnr1_label_asym_id 
_struct_conn.ptnr1_label_comp_id 
_struct_conn.ptnr1_label_seq_id 
_struct_conn.ptnr1_label_atom_id 
_struct_conn.pdbx_ptnr1_label_alt_id 
_struct_conn.pdbx_ptnr1_PDB_ins_code 
_struct_conn.pdbx_ptnr1_standard_comp_id 
_struct_conn.ptnr1_symmetry 
_struct_conn.ptnr2_label_asym_id 
_struct_conn.ptnr2_label_comp_id 
_struct_conn.ptnr2_label_seq_id 
_struct_conn.ptnr2_label_atom_id 
_struct_conn.pdbx_ptnr2_label_alt_id 
_struct_conn.pdbx_ptnr2_PDB_ins_code 
_struct_conn.ptnr1_auth_asym_id 
_struct_conn.ptnr1_auth_comp_id 
_struct_conn.ptnr1_auth_seq_id 
_struct_conn.ptnr2_auth_asym_id 
_struct_conn.ptnr2_auth_comp_id 
_struct_conn.ptnr2_auth_seq_id 
_struct_conn.ptnr2_symmetry 
_struct_conn.pdbx_ptnr3_label_atom_id 
_struct_conn.pdbx_ptnr3_label_seq_id 
_struct_conn.pdbx_ptnr3_label_comp_id 
_struct_conn.pdbx_ptnr3_label_asym_id 
_struct_conn.pdbx_ptnr3_label_alt_id 
_struct_conn.pdbx_ptnr3_PDB_ins_code 
_struct_conn.details 
_struct_conn.pdbx_dist_value 
_struct_conn.pdbx_value_order 
_struct_conn.pdbx_role 
disulf1 disulf ?    ? A CYS 2  SG ? ? ? 1_555 A CYS 12 SG ? ? A CYS 2  A CYS 12 1_555 ? ? ? ? ? ? ? 1.997 ? ? 
covale1 covale both ? A GLU 5  C  ? ? ? 1_555 A DTR 6  N  ? ? A GLU 5  A DTR 6  1_555 ? ? ? ? ? ? ? 1.324 ? ? 
covale2 covale one  ? A DTR 6  C  ? ? ? 1_555 A IAM 7  N  ? ? A DTR 6  A IAM 7  1_555 ? ? ? ? ? ? ? 1.326 ? ? 
covale3 covale both ? A IAM 7  C  ? ? ? 1_555 A THR 8  N  ? ? A IAM 7  A THR 8  1_555 ? ? ? ? ? ? ? 1.324 ? ? 
covale4 covale both ? A PHE 9  C  ? ? ? 1_555 A HHK 10 N  ? ? A PHE 9  A HHK 10 1_555 ? ? ? ? ? ? ? 1.326 ? ? 
covale5 covale both ? A HHK 10 C  ? ? ? 1_555 A SER 11 N  ? ? A HHK 10 A SER 11 1_555 ? ? ? ? ? ? ? 1.324 ? ? 
# 
loop_
_struct_conn_type.id 
_struct_conn_type.criteria 
_struct_conn_type.reference 
disulf ? ? 
covale ? ? 
# 
_atom_sites.entry_id                    1XY8 
_atom_sites.fract_transf_matrix[1][1]   1.000000 
_atom_sites.fract_transf_matrix[1][2]   0.000000 
_atom_sites.fract_transf_matrix[1][3]   0.000000 
_atom_sites.fract_transf_matrix[2][1]   0.000000 
_atom_sites.fract_transf_matrix[2][2]   1.000000 
_atom_sites.fract_transf_matrix[2][3]   0.000000 
_atom_sites.fract_transf_matrix[3][1]   0.000000 
_atom_sites.fract_transf_matrix[3][2]   0.000000 
_atom_sites.fract_transf_matrix[3][3]   1.000000 
_atom_sites.fract_transf_vector[1]      0.00000 
_atom_sites.fract_transf_vector[2]      0.00000 
_atom_sites.fract_transf_vector[3]      0.00000 
# 
loop_
_atom_type.symbol 
C 
H 
N 
O 
S 
# 
loop_
_atom_site.group_PDB 
_atom_site.id 
_atom_site.type_symbol 
_atom_site.label_atom_id 
_atom_site.label_alt_id 
_atom_site.label_comp_id 
_atom_site.label_asym_id 
_atom_site.label_entity_id 
_atom_site.label_seq_id 
_atom_site.pdbx_PDB_ins_code 
_atom_site.Cartn_x 
_atom_site.Cartn_y 
_atom_site.Cartn_z 
_atom_site.occupancy 
_atom_site.B_iso_or_equiv 
_atom_site.pdbx_formal_charge 
_atom_site.auth_seq_id 
_atom_site.auth_comp_id 
_atom_site.auth_asym_id 
_atom_site.auth_atom_id 
_atom_site.pdbx_PDB_model_num 
ATOM   1    N N    . TYR A 1 1  ? -3.040  -8.552  -3.504  1.00 0.00 ? 1  TYR A N    1  
ATOM   2    C CA   . TYR A 1 1  ? -1.700  -8.060  -3.772  1.00 0.00 ? 1  TYR A CA   1  
ATOM   3    C C    . TYR A 1 1  ? -1.190  -7.205  -2.611  1.00 0.00 ? 1  TYR A C    1  
ATOM   4    O O    . TYR A 1 1  ? -1.889  -7.019  -1.618  1.00 0.00 ? 1  TYR A O    1  
ATOM   5    C CB   . TYR A 1 1  ? -1.816  -7.186  -5.022  1.00 0.00 ? 1  TYR A CB   1  
ATOM   6    C CG   . TYR A 1 1  ? -2.619  -7.825  -6.156  1.00 0.00 ? 1  TYR A CG   1  
ATOM   7    C CD1  . TYR A 1 1  ? -2.001  -8.690  -7.037  1.00 0.00 ? 1  TYR A CD1  1  
ATOM   8    C CD2  . TYR A 1 1  ? -3.960  -7.536  -6.300  1.00 0.00 ? 1  TYR A CD2  1  
ATOM   9    C CE1  . TYR A 1 1  ? -2.758  -9.292  -8.105  1.00 0.00 ? 1  TYR A CE1  1  
ATOM   10   C CE2  . TYR A 1 1  ? -4.717  -8.137  -7.368  1.00 0.00 ? 1  TYR A CE2  1  
ATOM   11   C CZ   . TYR A 1 1  ? -4.077  -8.985  -8.218  1.00 0.00 ? 1  TYR A CZ   1  
ATOM   12   O OH   . TYR A 1 1  ? -4.791  -9.554  -9.226  1.00 0.00 ? 1  TYR A OH   1  
ATOM   13   H H1   . TYR A 1 1  ? -3.350  -8.444  -2.559  1.00 0.00 ? 1  TYR A H1   1  
ATOM   14   H HA   . TYR A 1 1  ? -1.045  -8.920  -3.896  1.00 0.00 ? 1  TYR A HA   1  
ATOM   15   H HB3  . TYR A 1 1  ? -0.814  -6.954  -5.383  1.00 0.00 ? 1  TYR A HB3  1  
ATOM   16   H HD1  . TYR A 1 1  ? -0.942  -8.917  -6.923  1.00 0.00 ? 1  TYR A HD1  1  
ATOM   17   H HD2  . TYR A 1 1  ? -4.448  -6.852  -5.605  1.00 0.00 ? 1  TYR A HD2  1  
ATOM   18   H HE1  . TYR A 1 1  ? -2.283  -9.977  -8.806  1.00 0.00 ? 1  TYR A HE1  1  
ATOM   19   H HE2  . TYR A 1 1  ? -5.778  -7.918  -7.493  1.00 0.00 ? 1  TYR A HE2  1  
ATOM   20   H HH   . TYR A 1 1  ? -4.784  -8.956  -10.028 1.00 0.00 ? 1  TYR A HH   1  
ATOM   21   N N    . CYS A 1 2  ? 0.029   -6.708  -2.776  1.00 0.00 ? 2  CYS A N    1  
ATOM   22   C CA   . CYS A 1 2  ? 0.642   -5.877  -1.755  1.00 0.00 ? 2  CYS A CA   1  
ATOM   23   C C    . CYS A 1 2  ? 0.342   -4.412  -2.083  1.00 0.00 ? 2  CYS A C    1  
ATOM   24   O O    . CYS A 1 2  ? -0.703  -3.889  -1.700  1.00 0.00 ? 2  CYS A O    1  
ATOM   25   C CB   . CYS A 1 2  ? 2.145   -6.140  -1.639  1.00 0.00 ? 2  CYS A CB   1  
ATOM   26   S SG   . CYS A 1 2  ? 2.604   -7.463  -0.460  1.00 0.00 ? 2  CYS A SG   1  
ATOM   27   H H    . CYS A 1 2  ? 0.590   -6.864  -3.588  1.00 0.00 ? 2  CYS A H    1  
ATOM   28   H HA   . CYS A 1 2  ? 0.187   -6.160  -0.806  1.00 0.00 ? 2  CYS A HA   1  
ATOM   29   H HB3  . CYS A 1 2  ? 2.638   -5.217  -1.336  1.00 0.00 ? 2  CYS A HB3  1  
ATOM   30   N N    . LYS A 1 3  ? 1.280   -3.793  -2.787  1.00 0.00 ? 3  LYS A N    1  
ATOM   31   C CA   . LYS A 1 3  ? 1.127   -2.400  -3.171  1.00 0.00 ? 3  LYS A CA   1  
ATOM   32   C C    . LYS A 1 3  ? 1.086   -1.531  -1.911  1.00 0.00 ? 3  LYS A C    1  
ATOM   33   O O    . LYS A 1 3  ? 0.609   -1.969  -0.866  1.00 0.00 ? 3  LYS A O    1  
ATOM   34   C CB   . LYS A 1 3  ? -0.087  -2.223  -4.081  1.00 0.00 ? 3  LYS A CB   1  
ATOM   35   C CG   . LYS A 1 3  ? 0.221   -2.690  -5.506  1.00 0.00 ? 3  LYS A CG   1  
ATOM   36   C CD   . LYS A 1 3  ? -0.973  -2.454  -6.432  1.00 0.00 ? 3  LYS A CD   1  
ATOM   37   C CE   . LYS A 1 3  ? -0.871  -3.322  -7.689  1.00 0.00 ? 3  LYS A CE   1  
ATOM   38   N NZ   . LYS A 1 3  ? -1.492  -2.635  -8.844  1.00 0.00 ? 3  LYS A NZ   1  
ATOM   39   H H    . LYS A 1 3  ? 2.127   -4.227  -3.093  1.00 0.00 ? 3  LYS A H    1  
ATOM   40   H HA   . LYS A 1 3  ? 2.009   -2.124  -3.750  1.00 0.00 ? 3  LYS A HA   1  
ATOM   41   H HB3  . LYS A 1 3  ? -0.388  -1.176  -4.096  1.00 0.00 ? 3  LYS A HB3  1  
ATOM   42   H HG3  . LYS A 1 3  ? 0.479   -3.748  -5.498  1.00 0.00 ? 3  LYS A HG3  1  
ATOM   43   H HD3  . LYS A 1 3  ? -1.018  -1.403  -6.713  1.00 0.00 ? 3  LYS A HD3  1  
ATOM   44   H HE3  . LYS A 1 3  ? -1.366  -4.278  -7.518  1.00 0.00 ? 3  LYS A HE3  1  
ATOM   45   H HZ1  . LYS A 1 3  ? -1.212  -1.661  -8.900  1.00 0.00 ? 3  LYS A HZ1  1  
ATOM   46   H HZ2  . LYS A 1 3  ? -1.236  -3.066  -9.724  1.00 0.00 ? 3  LYS A HZ2  1  
ATOM   47   N N    . PHE A 1 4  ? 1.589   -0.313  -2.054  1.00 0.00 ? 4  PHE A N    1  
ATOM   48   C CA   . PHE A 1 4  ? 1.613   0.620   -0.942  1.00 0.00 ? 4  PHE A CA   1  
ATOM   49   C C    . PHE A 1 4  ? 0.206   1.125   -0.620  1.00 0.00 ? 4  PHE A C    1  
ATOM   50   O O    . PHE A 1 4  ? -0.434  0.640   0.312   1.00 0.00 ? 4  PHE A O    1  
ATOM   51   C CB   . PHE A 1 4  ? 2.481   1.805   -1.372  1.00 0.00 ? 4  PHE A CB   1  
ATOM   52   C CG   . PHE A 1 4  ? 3.982   1.505   -1.385  1.00 0.00 ? 4  PHE A CG   1  
ATOM   53   C CD1  . PHE A 1 4  ? 4.539   0.779   -0.378  1.00 0.00 ? 4  PHE A CD1  1  
ATOM   54   C CD2  . PHE A 1 4  ? 4.758   1.963   -2.402  1.00 0.00 ? 4  PHE A CD2  1  
ATOM   55   C CE1  . PHE A 1 4  ? 5.932   0.501   -0.389  1.00 0.00 ? 4  PHE A CE1  1  
ATOM   56   C CE2  . PHE A 1 4  ? 6.149   1.685   -2.413  1.00 0.00 ? 4  PHE A CE2  1  
ATOM   57   C CZ   . PHE A 1 4  ? 6.707   0.959   -1.407  1.00 0.00 ? 4  PHE A CZ   1  
ATOM   58   H H    . PHE A 1 4  ? 1.974   0.036   -2.909  1.00 0.00 ? 4  PHE A H    1  
ATOM   59   H HA   . PHE A 1 4  ? 2.012   0.087   -0.080  1.00 0.00 ? 4  PHE A HA   1  
ATOM   60   H HB3  . PHE A 1 4  ? 2.295   2.643   -0.700  1.00 0.00 ? 4  PHE A HB3  1  
ATOM   61   H HD1  . PHE A 1 4  ? 3.916   0.412   0.438   1.00 0.00 ? 4  PHE A HD1  1  
ATOM   62   H HD2  . PHE A 1 4  ? 4.311   2.545   -3.209  1.00 0.00 ? 4  PHE A HD2  1  
ATOM   63   H HE1  . PHE A 1 4  ? 6.378   -0.079  0.418   1.00 0.00 ? 4  PHE A HE1  1  
ATOM   64   H HE2  . PHE A 1 4  ? 6.774   2.052   -3.230  1.00 0.00 ? 4  PHE A HE2  1  
ATOM   65   H HZ   . PHE A 1 4  ? 7.776   0.746   -1.417  1.00 0.00 ? 4  PHE A HZ   1  
ATOM   66   N N    . GLU A 1 5  ? -0.235  2.097   -1.406  1.00 0.00 ? 5  GLU A N    1  
ATOM   67   C CA   . GLU A 1 5  ? -1.554  2.673   -1.215  1.00 0.00 ? 5  GLU A CA   1  
ATOM   68   C C    . GLU A 1 5  ? -1.657  4.019   -1.938  1.00 0.00 ? 5  GLU A C    1  
ATOM   69   O O    . GLU A 1 5  ? -0.651  4.559   -2.394  1.00 0.00 ? 5  GLU A O    1  
ATOM   70   C CB   . GLU A 1 5  ? -1.877  2.826   0.272   1.00 0.00 ? 5  GLU A CB   1  
ATOM   71   C CG   . GLU A 1 5  ? -2.929  1.807   0.714   1.00 0.00 ? 5  GLU A CG   1  
ATOM   72   C CD   . GLU A 1 5  ? -3.958  2.451   1.646   1.00 0.00 ? 5  GLU A CD   1  
ATOM   73   O OE1  . GLU A 1 5  ? -4.240  3.652   1.526   1.00 0.00 ? 5  GLU A OE1  1  
ATOM   74   H H    . GLU A 1 5  ? 0.292   2.487   -2.160  1.00 0.00 ? 5  GLU A H    1  
ATOM   75   H HA   . GLU A 1 5  ? -2.250  1.960   -1.659  1.00 0.00 ? 5  GLU A HA   1  
ATOM   76   H HB2  . GLU A 1 5  ? -0.968  2.693   0.861   1.00 0.00 ? 5  GLU A HB2  1  
ATOM   77   H HB3  . GLU A 1 5  ? -2.238  3.836   0.468   1.00 0.00 ? 5  GLU A HB3  1  
ATOM   78   H HG2  . GLU A 1 5  ? -3.434  1.399   -0.162  1.00 0.00 ? 5  GLU A HG2  1  
ATOM   79   H HG3  . GLU A 1 5  ? -2.444  0.973   1.221   1.00 0.00 ? 5  GLU A HG3  1  
HETATM 80   N N    . DTR A 1 6  ? -2.880  4.517   -2.024  1.00 0.00 ? 6  DTR A N    1  
HETATM 81   C CA   . DTR A 1 6  ? -3.127  5.787   -2.685  1.00 0.00 ? 6  DTR A CA   1  
HETATM 82   C CB   . DTR A 1 6  ? -2.861  5.596   -4.179  1.00 0.00 ? 6  DTR A CB   1  
HETATM 83   C CG   . DTR A 1 6  ? -3.697  4.490   -4.825  1.00 0.00 ? 6  DTR A CG   1  
HETATM 84   C CD1  . DTR A 1 6  ? -3.541  3.163   -4.709  1.00 0.00 ? 6  DTR A CD1  1  
HETATM 85   N NE1  . DTR A 1 6  ? -4.492  2.479   -5.439  1.00 0.00 ? 6  DTR A NE1  1  
HETATM 86   C CE2  . DTR A 1 6  ? -5.301  3.422   -6.058  1.00 0.00 ? 6  DTR A CE2  1  
HETATM 87   C CZ2  . DTR A 1 6  ? -6.401  3.233   -6.904  1.00 0.00 ? 6  DTR A CZ2  1  
HETATM 88   C CH2  . DTR A 1 6  ? -7.027  4.391   -7.381  1.00 0.00 ? 6  DTR A CH2  1  
HETATM 89   C CZ3  . DTR A 1 6  ? -6.544  5.639   -7.008  1.00 0.00 ? 6  DTR A CZ3  1  
HETATM 90   C CE3  . DTR A 1 6  ? -5.445  5.845   -6.164  1.00 0.00 ? 6  DTR A CE3  1  
HETATM 91   C CD2  . DTR A 1 6  ? -4.833  4.670   -5.697  1.00 0.00 ? 6  DTR A CD2  1  
HETATM 92   C C    . DTR A 1 6  ? -2.154  6.816   -2.108  1.00 0.00 ? 6  DTR A C    1  
HETATM 93   O O    . DTR A 1 6  ? -1.401  7.448   -2.846  1.00 0.00 ? 6  DTR A O    1  
HETATM 94   H H    . DTR A 1 6  ? -3.694  4.069   -1.651  1.00 0.00 ? 6  DTR A H    1  
HETATM 95   H HA   . DTR A 1 6  ? -4.171  6.084   -2.584  1.00 0.00 ? 6  DTR A HA   1  
HETATM 96   H HB2  . DTR A 1 6  ? -3.057  6.536   -4.696  1.00 0.00 ? 6  DTR A HB2  1  
HETATM 97   H HB3  . DTR A 1 6  ? -1.804  5.370   -4.323  1.00 0.00 ? 6  DTR A HB3  1  
HETATM 98   H HD1  . DTR A 1 6  ? -2.765  2.687   -4.113  1.00 0.00 ? 6  DTR A HD1  1  
HETATM 99   H HE1  . DTR A 1 6  ? -4.589  1.395   -5.515  1.00 0.00 ? 6  DTR A HE1  1  
HETATM 100  H HZ2  . DTR A 1 6  ? -6.752  2.237   -7.175  1.00 0.00 ? 6  DTR A HZ2  1  
HETATM 101  H HH2  . DTR A 1 6  ? -7.887  4.315   -8.042  1.00 0.00 ? 6  DTR A HH2  1  
HETATM 102  H HZ3  . DTR A 1 6  ? -7.055  6.519   -7.398  1.00 0.00 ? 6  DTR A HZ3  1  
HETATM 103  H HE3  . DTR A 1 6  ? -5.095  6.842   -5.892  1.00 0.00 ? 6  DTR A HE3  1  
HETATM 104  N N    . IAM A 1 7  ? -2.202  6.955   -0.790  1.00 0.00 ? 7  IAM A N    1  
HETATM 105  C CA   . IAM A 1 7  ? -1.336  7.899   -0.106  1.00 0.00 ? 7  IAM A CA   1  
HETATM 106  C CB   . IAM A 1 7  ? -2.239  8.909   0.602   1.00 0.00 ? 7  IAM A CB   1  
HETATM 107  C CG   . IAM A 1 7  ? -3.554  8.313   1.112   1.00 0.00 ? 7  IAM A CG   1  
HETATM 108  C CD1  . IAM A 1 7  ? -3.585  7.637   2.292   1.00 0.00 ? 7  IAM A CD1  1  
HETATM 109  C CE1  . IAM A 1 7  ? -4.805  7.088   2.763   1.00 0.00 ? 7  IAM A CE1  1  
HETATM 110  C CZ   . IAM A 1 7  ? -5.944  7.235   2.035   1.00 0.00 ? 7  IAM A CZ   1  
HETATM 111  C CE2  . IAM A 1 7  ? -5.915  7.911   0.856   1.00 0.00 ? 7  IAM A CE2  1  
HETATM 112  C CD2  . IAM A 1 7  ? -4.694  8.461   0.383   1.00 0.00 ? 7  IAM A CD2  1  
HETATM 113  C CT   . IAM A 1 7  ? -7.268  6.638   2.550   1.00 0.00 ? 7  IAM A CT   1  
HETATM 114  N NH   . IAM A 1 7  ? -7.973  5.978   1.430   1.00 0.00 ? 7  IAM A NH   1  
HETATM 115  C CI   . IAM A 1 7  ? -7.507  4.665   0.934   1.00 0.00 ? 7  IAM A CI   1  
HETATM 116  C CK1  . IAM A 1 7  ? -8.720  3.757   0.658   1.00 0.00 ? 7  IAM A CK1  1  
HETATM 117  C CK2  . IAM A 1 7  ? -6.587  3.992   1.966   1.00 0.00 ? 7  IAM A CK2  1  
HETATM 118  C C    . IAM A 1 7  ? -0.471  7.188   0.939   1.00 0.00 ? 7  IAM A C    1  
HETATM 119  O O    . IAM A 1 7  ? 0.700   7.522   1.112   1.00 0.00 ? 7  IAM A O    1  
HETATM 120  H H    . IAM A 1 7  ? -2.818  6.437   -0.196  1.00 0.00 ? 7  IAM A H    1  
HETATM 121  H HA   . IAM A 1 7  ? -0.691  8.352   -0.858  1.00 0.00 ? 7  IAM A HA   1  
HETATM 122  H HB   . IAM A 1 7  ? -1.700  9.338   1.444   1.00 0.00 ? 7  IAM A HB   1  
HETATM 123  H HB1  . IAM A 1 7  ? -2.464  9.723   -0.084  1.00 0.00 ? 7  IAM A HB1  1  
HETATM 124  H HD1  . IAM A 1 7  ? -2.671  7.517   2.873   1.00 0.00 ? 7  IAM A HD1  1  
HETATM 125  H HE1  . IAM A 1 7  ? -4.830  6.547   3.710   1.00 0.00 ? 7  IAM A HE1  1  
HETATM 126  H HE2  . IAM A 1 7  ? -6.829  8.031   0.273   1.00 0.00 ? 7  IAM A HE2  1  
HETATM 127  H HD2  . IAM A 1 7  ? -4.671  9.003   -0.561  1.00 0.00 ? 7  IAM A HD2  1  
HETATM 128  H HT1  . IAM A 1 7  ? -7.881  7.423   2.947   1.00 0.00 ? 7  IAM A HT1  1  
HETATM 129  H HT2  . IAM A 1 7  ? -7.063  5.919   3.316   1.00 0.00 ? 7  IAM A HT2  1  
HETATM 130  H HH   . IAM A 1 7  ? -8.793  6.430   0.998   1.00 0.00 ? 7  IAM A HH   1  
HETATM 131  H HI   . IAM A 1 7  ? -6.954  4.804   0.028   1.00 0.00 ? 7  IAM A HI   1  
HETATM 132  H HK11 . IAM A 1 7  ? -9.261  3.600   1.569   1.00 0.00 ? 7  IAM A HK11 1  
HETATM 133  H HK12 . IAM A 1 7  ? -9.360  4.227   -0.060  1.00 0.00 ? 7  IAM A HK12 1  
HETATM 134  H HK13 . IAM A 1 7  ? -8.384  2.817   0.277   1.00 0.00 ? 7  IAM A HK13 1  
HETATM 135  H HK21 . IAM A 1 7  ? -7.153  3.738   2.839   1.00 0.00 ? 7  IAM A HK21 1  
HETATM 136  H HK22 . IAM A 1 7  ? -6.165  3.104   1.546   1.00 0.00 ? 7  IAM A HK22 1  
HETATM 137  H HK23 . IAM A 1 7  ? -5.799  4.665   2.237   1.00 0.00 ? 7  IAM A HK23 1  
ATOM   138  N N    . THR A 1 8  ? -1.081  6.223   1.609   1.00 0.00 ? 8  THR A N    1  
ATOM   139  C CA   . THR A 1 8  ? -0.383  5.462   2.633   1.00 0.00 ? 8  THR A CA   1  
ATOM   140  C C    . THR A 1 8  ? 0.601   4.482   1.989   1.00 0.00 ? 8  THR A C    1  
ATOM   141  O O    . THR A 1 8  ? 0.812   4.513   0.778   1.00 0.00 ? 8  THR A O    1  
ATOM   142  C CB   . THR A 1 8  ? -1.431  4.781   3.513   1.00 0.00 ? 8  THR A CB   1  
ATOM   143  O OG1  . THR A 1 8  ? -2.514  4.519   2.625   1.00 0.00 ? 8  THR A OG1  1  
ATOM   144  C CG2  . THR A 1 8  ? -2.024  5.728   4.557   1.00 0.00 ? 8  THR A CG2  1  
ATOM   145  H H    . THR A 1 8  ? -2.035  5.957   1.464   1.00 0.00 ? 8  THR A H    1  
ATOM   146  H HA   . THR A 1 8  ? 0.205   6.155   3.234   1.00 0.00 ? 8  THR A HA   1  
ATOM   147  H HB   . THR A 1 8  ? -1.019  3.888   3.988   1.00 0.00 ? 8  THR A HB   1  
ATOM   148  H HG1  . THR A 1 8  ? -2.582  3.536   2.449   1.00 0.00 ? 8  THR A HG1  1  
ATOM   149  H HG21 . THR A 1 8  ? -1.617  6.729   4.412   1.00 0.00 ? 8  THR A HG21 1  
ATOM   150  H HG22 . THR A 1 8  ? -3.108  5.758   4.446   1.00 0.00 ? 8  THR A HG22 1  
ATOM   151  H HG23 . THR A 1 8  ? -1.770  5.376   5.555   1.00 0.00 ? 8  THR A HG23 1  
ATOM   152  N N    . PHE A 1 9  ? 1.178   3.636   2.829   1.00 0.00 ? 9  PHE A N    1  
ATOM   153  C CA   . PHE A 1 9  ? 2.136   2.649   2.359   1.00 0.00 ? 9  PHE A CA   1  
ATOM   154  C C    . PHE A 1 9  ? 1.932   1.307   3.067   1.00 0.00 ? 9  PHE A C    1  
ATOM   155  O O    . PHE A 1 9  ? 2.888   0.563   3.281   1.00 0.00 ? 9  PHE A O    1  
ATOM   156  C CB   . PHE A 1 9  ? 3.529   3.182   2.693   1.00 0.00 ? 9  PHE A CB   1  
ATOM   157  C CG   . PHE A 1 9  ? 4.411   3.429   1.465   1.00 0.00 ? 9  PHE A CG   1  
ATOM   158  C CD1  . PHE A 1 9  ? 3.969   4.227   0.459   1.00 0.00 ? 9  PHE A CD1  1  
ATOM   159  C CD2  . PHE A 1 9  ? 5.637   2.846   1.384   1.00 0.00 ? 9  PHE A CD2  1  
ATOM   160  C CE1  . PHE A 1 9  ? 4.787   4.455   -0.679  1.00 0.00 ? 9  PHE A CE1  1  
ATOM   161  C CE2  . PHE A 1 9  ? 6.457   3.073   0.245   1.00 0.00 ? 9  PHE A CE2  1  
ATOM   162  C CZ   . PHE A 1 9  ? 6.014   3.873   -0.761  1.00 0.00 ? 9  PHE A CZ   1  
ATOM   163  H H    . PHE A 1 9  ? 1.002   3.617   3.814   1.00 0.00 ? 9  PHE A H    1  
ATOM   164  H HA   . PHE A 1 9  ? 1.968   2.521   1.290   1.00 0.00 ? 9  PHE A HA   1  
ATOM   165  H HB3  . PHE A 1 9  ? 4.031   2.473   3.352   1.00 0.00 ? 9  PHE A HB3  1  
ATOM   166  H HD1  . PHE A 1 9  ? 2.985   4.694   0.526   1.00 0.00 ? 9  PHE A HD1  1  
ATOM   167  H HD2  . PHE A 1 9  ? 5.993   2.204   2.190   1.00 0.00 ? 9  PHE A HD2  1  
ATOM   168  H HE1  . PHE A 1 9  ? 4.433   5.096   -1.485  1.00 0.00 ? 9  PHE A HE1  1  
ATOM   169  H HE2  . PHE A 1 9  ? 7.439   2.607   0.179   1.00 0.00 ? 9  PHE A HE2  1  
ATOM   170  H HZ   . PHE A 1 9  ? 6.642   4.046   -1.635  1.00 0.00 ? 9  PHE A HZ   1  
HETATM 171  N N    . HHK A 1 10 ? 0.681   1.040   3.412   1.00 0.00 ? 10 HHK A N    1  
HETATM 172  C CA   . HHK A 1 10 ? 0.341   -0.198  4.092   1.00 0.00 ? 10 HHK A CA   1  
HETATM 173  C CB   . HHK A 1 10 ? -1.070  -0.118  4.677   1.00 0.00 ? 10 HHK A CB   1  
HETATM 174  C CG   . HHK A 1 10 ? -1.041  0.424   6.107   1.00 0.00 ? 10 HHK A CG   1  
HETATM 175  C CD   . HHK A 1 10 ? -1.060  1.956   6.114   1.00 0.00 ? 10 HHK A CD   1  
HETATM 176  C CE   . HHK A 1 10 ? -2.492  2.483   6.221   1.00 0.00 ? 10 HHK A CE   1  
HETATM 177  C CZ   . HHK A 1 10 ? -3.082  2.680   4.813   1.00 0.00 ? 10 HHK A CZ   1  
HETATM 178  C CT   . HHK A 1 10 ? -4.331  1.796   4.650   1.00 0.00 ? 10 HHK A CT   1  
HETATM 179  N NH   . HHK A 1 10 ? -4.317  1.162   3.314   1.00 0.00 ? 10 HHK A NH   1  
HETATM 180  C C    . HHK A 1 10 ? 0.543   -1.373  3.134   1.00 0.00 ? 10 HHK A C    1  
HETATM 181  O O    . HHK A 1 10 ? -0.425  -1.999  2.701   1.00 0.00 ? 10 HHK A O    1  
HETATM 182  H H    . HHK A 1 10 ? -0.090  1.650   3.236   1.00 0.00 ? 10 HHK A H    1  
HETATM 183  H HA   . HHK A 1 10 ? 1.030   -0.311  4.928   1.00 0.00 ? 10 HHK A HA   1  
HETATM 184  H HB2  . HHK A 1 10 ? -1.692  0.525   4.053   1.00 0.00 ? 10 HHK A HB2  1  
HETATM 185  H HB3  . HHK A 1 10 ? -1.529  -1.107  4.670   1.00 0.00 ? 10 HHK A HB3  1  
HETATM 186  H HG2  . HHK A 1 10 ? -1.898  0.043   6.662   1.00 0.00 ? 10 HHK A HG2  1  
HETATM 187  H HG3  . HHK A 1 10 ? -0.147  0.068   6.618   1.00 0.00 ? 10 HHK A HG3  1  
HETATM 188  H HD2  . HHK A 1 10 ? -0.470  2.327   6.951   1.00 0.00 ? 10 HHK A HD2  1  
HETATM 189  H HD3  . HHK A 1 10 ? -0.596  2.331   5.203   1.00 0.00 ? 10 HHK A HD3  1  
HETATM 190  H HE2  . HHK A 1 10 ? -3.105  1.784   6.791   1.00 0.00 ? 10 HHK A HE2  1  
HETATM 191  H HE3  . HHK A 1 10 ? -2.498  3.428   6.766   1.00 0.00 ? 10 HHK A HE3  1  
HETATM 192  H HZ2  . HHK A 1 10 ? -3.351  3.706   4.680   1.00 0.00 ? 10 HHK A HZ2  1  
HETATM 193  H HZ3  . HHK A 1 10 ? -2.352  2.406   4.078   1.00 0.00 ? 10 HHK A HZ3  1  
HETATM 194  H HT2  . HHK A 1 10 ? -4.330  1.038   5.404   1.00 0.00 ? 10 HHK A HT2  1  
HETATM 195  H HT1  . HHK A 1 10 ? -5.211  2.398   4.752   1.00 0.00 ? 10 HHK A HT1  1  
HETATM 196  H HH2  . HHK A 1 10 ? -3.379  1.187   2.941   1.00 0.00 ? 10 HHK A HH2  1  
ATOM   197  N N    . SER A 1 11 ? 1.805   -1.637  2.829   1.00 0.00 ? 11 SER A N    1  
ATOM   198  C CA   . SER A 1 11 ? 2.146   -2.727  1.930   1.00 0.00 ? 11 SER A CA   1  
ATOM   199  C C    . SER A 1 11 ? 1.747   -4.064  2.554   1.00 0.00 ? 11 SER A C    1  
ATOM   200  O O    . SER A 1 11 ? 2.471   -4.606  3.389   1.00 0.00 ? 11 SER A O    1  
ATOM   201  C CB   . SER A 1 11 ? 3.639   -2.719  1.597   1.00 0.00 ? 11 SER A CB   1  
ATOM   202  O OG   . SER A 1 11 ? 4.445   -2.604  2.765   1.00 0.00 ? 11 SER A OG   1  
ATOM   203  H H    . SER A 1 11 ? 2.585   -1.123  3.185   1.00 0.00 ? 11 SER A H    1  
ATOM   204  H HA   . SER A 1 11 ? 1.571   -2.541  1.022   1.00 0.00 ? 11 SER A HA   1  
ATOM   205  H HB3  . SER A 1 11 ? 3.856   -1.891  0.923   1.00 0.00 ? 11 SER A HB3  1  
ATOM   206  H HG   . SER A 1 11 ? 5.384   -2.887  2.564   1.00 0.00 ? 11 SER A HG   1  
ATOM   207  N N    . CYS A 1 12 ? 0.596   -4.563  2.125   1.00 0.00 ? 12 CYS A N    1  
ATOM   208  C CA   . CYS A 1 12 ? 0.094   -5.829  2.631   1.00 0.00 ? 12 CYS A CA   1  
ATOM   209  C C    . CYS A 1 12 ? 0.306   -5.858  4.145   1.00 0.00 ? 12 CYS A C    1  
ATOM   210  O O    . CYS A 1 12 ? 0.374   -6.930  4.746   1.00 0.00 ? 12 CYS A O    1  
ATOM   211  C CB   . CYS A 1 12 ? 0.759   -7.019  1.938   1.00 0.00 ? 12 CYS A CB   1  
ATOM   212  S SG   . CYS A 1 12 ? 2.481   -6.726  1.393   1.00 0.00 ? 12 CYS A SG   1  
ATOM   213  H H    . CYS A 1 12 ? 0.014   -4.118  1.445   1.00 0.00 ? 12 CYS A H    1  
ATOM   214  H HA   . CYS A 1 12 ? -0.969  -5.863  2.389   1.00 0.00 ? 12 CYS A HA   1  
ATOM   215  H HB3  . CYS A 1 12 ? 0.161   -7.299  1.071   1.00 0.00 ? 12 CYS A HB3  1  
ATOM   216  N N    . TYR A 1 1  ? -2.031  -8.960  -3.987  1.00 0.00 ? 1  TYR A N    2  
ATOM   217  C CA   . TYR A 1 1  ? -0.675  -8.472  -3.798  1.00 0.00 ? 1  TYR A CA   2  
ATOM   218  C C    . TYR A 1 1  ? -0.613  -7.461  -2.652  1.00 0.00 ? 1  TYR A C    2  
ATOM   219  O O    . TYR A 1 1  ? -1.594  -7.266  -1.936  1.00 0.00 ? 1  TYR A O    2  
ATOM   220  C CB   . TYR A 1 1  ? -0.291  -7.772  -5.103  1.00 0.00 ? 1  TYR A CB   2  
ATOM   221  C CG   . TYR A 1 1  ? -0.643  -8.568  -6.362  1.00 0.00 ? 1  TYR A CG   2  
ATOM   222  C CD1  . TYR A 1 1  ? 0.184   -9.587  -6.788  1.00 0.00 ? 1  TYR A CD1  2  
ATOM   223  C CD2  . TYR A 1 1  ? -1.786  -8.264  -7.073  1.00 0.00 ? 1  TYR A CD2  2  
ATOM   224  C CE1  . TYR A 1 1  ? -0.147  -10.335 -7.972  1.00 0.00 ? 1  TYR A CE1  2  
ATOM   225  C CE2  . TYR A 1 1  ? -2.117  -9.013  -8.259  1.00 0.00 ? 1  TYR A CE2  2  
ATOM   226  C CZ   . TYR A 1 1  ? -1.281  -10.012 -8.650  1.00 0.00 ? 1  TYR A CZ   2  
ATOM   227  O OH   . TYR A 1 1  ? -1.592  -10.718 -9.768  1.00 0.00 ? 1  TYR A OH   2  
ATOM   228  H H1   . TYR A 1 1  ? -2.734  -8.252  -4.017  1.00 0.00 ? 1  TYR A H1   2  
ATOM   229  H HA   . TYR A 1 1  ? -0.041  -9.324  -3.553  1.00 0.00 ? 1  TYR A HA   2  
ATOM   230  H HB3  . TYR A 1 1  ? 0.780   -7.575  -5.096  1.00 0.00 ? 1  TYR A HB3  2  
ATOM   231  H HD1  . TYR A 1 1  ? 1.088   -9.826  -6.225  1.00 0.00 ? 1  TYR A HD1  2  
ATOM   232  H HD2  . TYR A 1 1  ? -2.440  -7.459  -6.737  1.00 0.00 ? 1  TYR A HD2  2  
ATOM   233  H HE1  . TYR A 1 1  ? 0.498   -11.143 -8.318  1.00 0.00 ? 1  TYR A HE1  2  
ATOM   234  H HE2  . TYR A 1 1  ? -3.018  -8.785  -8.828  1.00 0.00 ? 1  TYR A HE2  2  
ATOM   235  H HH   . TYR A 1 1  ? -2.360  -11.331 -9.583  1.00 0.00 ? 1  TYR A HH   2  
ATOM   236  N N    . CYS A 1 2  ? 0.551   -6.841  -2.514  1.00 0.00 ? 2  CYS A N    2  
ATOM   237  C CA   . CYS A 1 2  ? 0.754   -5.853  -1.469  1.00 0.00 ? 2  CYS A CA   2  
ATOM   238  C C    . CYS A 1 2  ? -0.015  -4.586  -1.847  1.00 0.00 ? 2  CYS A C    2  
ATOM   239  O O    . CYS A 1 2  ? -1.150  -4.392  -1.416  1.00 0.00 ? 2  CYS A O    2  
ATOM   240  C CB   . CYS A 1 2  ? 2.239   -5.571  -1.236  1.00 0.00 ? 2  CYS A CB   2  
ATOM   241  S SG   . CYS A 1 2  ? 2.961   -6.407  0.223   1.00 0.00 ? 2  CYS A SG   2  
ATOM   242  H H    . CYS A 1 2  ? 1.344   -7.005  -3.101  1.00 0.00 ? 2  CYS A H    2  
ATOM   243  H HA   . CYS A 1 2  ? 0.358   -6.285  -0.549  1.00 0.00 ? 2  CYS A HA   2  
ATOM   244  H HB3  . CYS A 1 2  ? 2.379   -4.496  -1.128  1.00 0.00 ? 2  CYS A HB3  2  
ATOM   245  N N    . LYS A 1 3  ? 0.634   -3.757  -2.652  1.00 0.00 ? 3  LYS A N    2  
ATOM   246  C CA   . LYS A 1 3  ? 0.025   -2.514  -3.094  1.00 0.00 ? 3  LYS A CA   2  
ATOM   247  C C    . LYS A 1 3  ? -0.065  -1.547  -1.913  1.00 0.00 ? 3  LYS A C    2  
ATOM   248  O O    . LYS A 1 3  ? -0.813  -1.786  -0.965  1.00 0.00 ? 3  LYS A O    2  
ATOM   249  C CB   . LYS A 1 3  ? -1.320  -2.787  -3.771  1.00 0.00 ? 3  LYS A CB   2  
ATOM   250  C CG   . LYS A 1 3  ? -1.185  -2.756  -5.293  1.00 0.00 ? 3  LYS A CG   2  
ATOM   251  C CD   . LYS A 1 3  ? -1.319  -1.331  -5.828  1.00 0.00 ? 3  LYS A CD   2  
ATOM   252  C CE   . LYS A 1 3  ? -0.381  -1.099  -7.015  1.00 0.00 ? 3  LYS A CE   2  
ATOM   253  N NZ   . LYS A 1 3  ? 1.031   -1.162  -6.581  1.00 0.00 ? 3  LYS A NZ   2  
ATOM   254  H H    . LYS A 1 3  ? 1.557   -3.923  -2.999  1.00 0.00 ? 3  LYS A H    2  
ATOM   255  H HA   . LYS A 1 3  ? 0.683   -2.080  -3.848  1.00 0.00 ? 3  LYS A HA   2  
ATOM   256  H HB3  . LYS A 1 3  ? -2.049  -2.043  -3.450  1.00 0.00 ? 3  LYS A HB3  2  
ATOM   257  H HG3  . LYS A 1 3  ? -1.949  -3.391  -5.743  1.00 0.00 ? 3  LYS A HG3  2  
ATOM   258  H HD3  . LYS A 1 3  ? -1.089  -0.618  -5.036  1.00 0.00 ? 3  LYS A HD3  2  
ATOM   259  H HE3  . LYS A 1 3  ? -0.587  -0.128  -7.464  1.00 0.00 ? 3  LYS A HE3  2  
ATOM   260  H HZ1  . LYS A 1 3  ? 1.608   -1.675  -7.237  1.00 0.00 ? 3  LYS A HZ1  2  
ATOM   261  H HZ2  . LYS A 1 3  ? 1.442   -0.240  -6.487  1.00 0.00 ? 3  LYS A HZ2  2  
ATOM   262  N N    . PHE A 1 4  ? 0.707   -0.473  -2.008  1.00 0.00 ? 4  PHE A N    2  
ATOM   263  C CA   . PHE A 1 4  ? 0.724   0.532   -0.959  1.00 0.00 ? 4  PHE A CA   2  
ATOM   264  C C    . PHE A 1 4  ? -0.623  1.252   -0.869  1.00 0.00 ? 4  PHE A C    2  
ATOM   265  O O    . PHE A 1 4  ? -1.494  0.853   -0.100  1.00 0.00 ? 4  PHE A O    2  
ATOM   266  C CB   . PHE A 1 4  ? 1.808   1.545   -1.328  1.00 0.00 ? 4  PHE A CB   2  
ATOM   267  C CG   . PHE A 1 4  ? 3.234   1.061   -1.056  1.00 0.00 ? 4  PHE A CG   2  
ATOM   268  C CD1  . PHE A 1 4  ? 3.563   0.576   0.171   1.00 0.00 ? 4  PHE A CD1  2  
ATOM   269  C CD2  . PHE A 1 4  ? 4.169   1.114   -2.041  1.00 0.00 ? 4  PHE A CD2  2  
ATOM   270  C CE1  . PHE A 1 4  ? 4.887   0.126   0.424   1.00 0.00 ? 4  PHE A CE1  2  
ATOM   271  C CE2  . PHE A 1 4  ? 5.493   0.664   -1.788  1.00 0.00 ? 4  PHE A CE2  2  
ATOM   272  C CZ   . PHE A 1 4  ? 5.822   0.179   -0.561  1.00 0.00 ? 4  PHE A CZ   2  
ATOM   273  H H    . PHE A 1 4  ? 1.311   -0.286  -2.782  1.00 0.00 ? 4  PHE A H    2  
ATOM   274  H HA   . PHE A 1 4  ? 0.920   0.016   -0.019  1.00 0.00 ? 4  PHE A HA   2  
ATOM   275  H HB3  . PHE A 1 4  ? 1.635   2.467   -0.771  1.00 0.00 ? 4  PHE A HB3  2  
ATOM   276  H HD1  . PHE A 1 4  ? 2.813   0.533   0.960   1.00 0.00 ? 4  PHE A HD1  2  
ATOM   277  H HD2  . PHE A 1 4  ? 3.905   1.501   -3.023  1.00 0.00 ? 4  PHE A HD2  2  
ATOM   278  H HE1  . PHE A 1 4  ? 5.151   -0.262  1.408   1.00 0.00 ? 4  PHE A HE1  2  
ATOM   279  H HE2  . PHE A 1 4  ? 6.242   0.707   -2.577  1.00 0.00 ? 4  PHE A HE2  2  
ATOM   280  H HZ   . PHE A 1 4  ? 6.838   -0.165  -0.366  1.00 0.00 ? 4  PHE A HZ   2  
ATOM   281  N N    . GLU A 1 5  ? -0.750  2.303   -1.666  1.00 0.00 ? 5  GLU A N    2  
ATOM   282  C CA   . GLU A 1 5  ? -1.975  3.082   -1.687  1.00 0.00 ? 5  GLU A CA   2  
ATOM   283  C C    . GLU A 1 5  ? -1.729  4.442   -2.344  1.00 0.00 ? 5  GLU A C    2  
ATOM   284  O O    . GLU A 1 5  ? -0.665  4.676   -2.914  1.00 0.00 ? 5  GLU A O    2  
ATOM   285  C CB   . GLU A 1 5  ? -2.542  3.251   -0.273  1.00 0.00 ? 5  GLU A CB   2  
ATOM   286  C CG   . GLU A 1 5  ? -3.808  2.415   -0.089  1.00 0.00 ? 5  GLU A CG   2  
ATOM   287  C CD   . GLU A 1 5  ? -4.846  3.172   0.744   1.00 0.00 ? 5  GLU A CD   2  
ATOM   288  O OE1  . GLU A 1 5  ? -5.642  3.944   0.190   1.00 0.00 ? 5  GLU A OE1  2  
ATOM   289  H H    . GLU A 1 5  ? -0.036  2.621   -2.289  1.00 0.00 ? 5  GLU A H    2  
ATOM   290  H HA   . GLU A 1 5  ? -2.678  2.504   -2.285  1.00 0.00 ? 5  GLU A HA   2  
ATOM   291  H HB2  . GLU A 1 5  ? -1.792  2.952   0.459   1.00 0.00 ? 5  GLU A HB2  2  
ATOM   292  H HB3  . GLU A 1 5  ? -2.765  4.303   -0.092  1.00 0.00 ? 5  GLU A HB3  2  
ATOM   293  H HG2  . GLU A 1 5  ? -4.231  2.165   -1.061  1.00 0.00 ? 5  GLU A HG2  2  
ATOM   294  H HG3  . GLU A 1 5  ? -3.559  1.474   0.402   1.00 0.00 ? 5  GLU A HG3  2  
HETATM 295  N N    . DTR A 1 6  ? -2.731  5.305   -2.241  1.00 0.00 ? 6  DTR A N    2  
HETATM 296  C CA   . DTR A 1 6  ? -2.635  6.633   -2.818  1.00 0.00 ? 6  DTR A CA   2  
HETATM 297  C CB   . DTR A 1 6  ? -2.250  6.477   -4.291  1.00 0.00 ? 6  DTR A CB   2  
HETATM 298  C CG   . DTR A 1 6  ? -3.028  5.385   -5.026  1.00 0.00 ? 6  DTR A CG   2  
HETATM 299  C CD1  . DTR A 1 6  ? -2.753  4.075   -5.090  1.00 0.00 ? 6  DTR A CD1  2  
HETATM 300  N NE1  . DTR A 1 6  ? -3.684  3.399   -5.849  1.00 0.00 ? 6  DTR A NE1  2  
HETATM 301  C CE2  . DTR A 1 6  ? -4.611  4.332   -6.300  1.00 0.00 ? 6  DTR A CE2  2  
HETATM 302  C CZ2  . DTR A 1 6  ? -5.742  4.145   -7.102  1.00 0.00 ? 6  DTR A CZ2  2  
HETATM 303  C CH2  . DTR A 1 6  ? -6.495  5.288   -7.393  1.00 0.00 ? 6  DTR A CH2  2  
HETATM 304  C CZ3  . DTR A 1 6  ? -6.096  6.520   -6.890  1.00 0.00 ? 6  DTR A CZ3  2  
HETATM 305  C CE3  . DTR A 1 6  ? -4.968  6.725   -6.087  1.00 0.00 ? 6  DTR A CE3  2  
HETATM 306  C CD2  . DTR A 1 6  ? -4.228  5.563   -5.806  1.00 0.00 ? 6  DTR A CD2  2  
HETATM 307  C C    . DTR A 1 6  ? -1.542  7.398   -2.069  1.00 0.00 ? 6  DTR A C    2  
HETATM 308  O O    . DTR A 1 6  ? -0.578  7.863   -2.676  1.00 0.00 ? 6  DTR A O    2  
HETATM 309  H H    . DTR A 1 6  ? -3.592  5.107   -1.774  1.00 0.00 ? 6  DTR A H    2  
HETATM 310  H HA   . DTR A 1 6  ? -3.600  7.139   -2.794  1.00 0.00 ? 6  DTR A HA   2  
HETATM 311  H HB2  . DTR A 1 6  ? -2.408  7.428   -4.800  1.00 0.00 ? 6  DTR A HB2  2  
HETATM 312  H HB3  . DTR A 1 6  ? -1.183  6.255   -4.356  1.00 0.00 ? 6  DTR A HB3  2  
HETATM 313  H HD1  . DTR A 1 6  ? -1.900  3.603   -4.600  1.00 0.00 ? 6  DTR A HD1  2  
HETATM 314  H HE1  . DTR A 1 6  ? -3.692  2.328   -6.056  1.00 0.00 ? 6  DTR A HE1  2  
HETATM 315  H HZ2  . DTR A 1 6  ? -6.023  3.161   -7.478  1.00 0.00 ? 6  DTR A HZ2  2  
HETATM 316  H HH2  . DTR A 1 6  ? -7.388  5.212   -8.013  1.00 0.00 ? 6  DTR A HH2  2  
HETATM 317  H HZ3  . DTR A 1 6  ? -6.706  7.391   -7.138  1.00 0.00 ? 6  DTR A HZ3  2  
HETATM 318  H HE3  . DTR A 1 6  ? -4.687  7.709   -5.710  1.00 0.00 ? 6  DTR A HE3  2  
HETATM 319  N N    . IAM A 1 7  ? -1.729  7.504   -0.762  1.00 0.00 ? 7  IAM A N    2  
HETATM 320  C CA   . IAM A 1 7  ? -0.771  8.204   0.078   1.00 0.00 ? 7  IAM A CA   2  
HETATM 321  C CB   . IAM A 1 7  ? -1.542  9.295   0.823   1.00 0.00 ? 7  IAM A CB   2  
HETATM 322  C CG   . IAM A 1 7  ? -2.946  8.875   1.263   1.00 0.00 ? 7  IAM A CG   2  
HETATM 323  C CD1  . IAM A 1 7  ? -3.974  8.901   0.374   1.00 0.00 ? 7  IAM A CD1  2  
HETATM 324  C CE1  . IAM A 1 7  ? -5.277  8.511   0.784   1.00 0.00 ? 7  IAM A CE1  2  
HETATM 325  C CZ   . IAM A 1 7  ? -5.495  8.112   2.067   1.00 0.00 ? 7  IAM A CZ   2  
HETATM 326  C CE2  . IAM A 1 7  ? -4.466  8.086   2.954   1.00 0.00 ? 7  IAM A CE2  2  
HETATM 327  C CD2  . IAM A 1 7  ? -3.163  8.477   2.545   1.00 0.00 ? 7  IAM A CD2  2  
HETATM 328  C CT   . IAM A 1 7  ? -6.905  7.687   2.509   1.00 0.00 ? 7  IAM A CT   2  
HETATM 329  N NH   . IAM A 1 7  ? -7.520  6.851   1.455   1.00 0.00 ? 7  IAM A NH   2  
HETATM 330  C CI   . IAM A 1 7  ? -8.307  5.655   1.825   1.00 0.00 ? 7  IAM A CI   2  
HETATM 331  C CK1  . IAM A 1 7  ? -8.989  5.081   0.569   1.00 0.00 ? 7  IAM A CK1  2  
HETATM 332  C CK2  . IAM A 1 7  ? -9.378  6.024   2.868   1.00 0.00 ? 7  IAM A CK2  2  
HETATM 333  C C    . IAM A 1 7  ? -0.141  7.255   1.098   1.00 0.00 ? 7  IAM A C    2  
HETATM 334  O O    . IAM A 1 7  ? 1.032   7.398   1.443   1.00 0.00 ? 7  IAM A O    2  
HETATM 335  H H    . IAM A 1 7  ? -2.515  7.122   -0.276  1.00 0.00 ? 7  IAM A H    2  
HETATM 336  H HA   . IAM A 1 7  ? 0.006   8.598   -0.578  1.00 0.00 ? 7  IAM A HA   2  
HETATM 337  H HB   . IAM A 1 7  ? -0.970  9.594   1.699   1.00 0.00 ? 7  IAM A HB   2  
HETATM 338  H HB1  . IAM A 1 7  ? -1.622  10.171  0.179   1.00 0.00 ? 7  IAM A HB1  2  
HETATM 339  H HD1  . IAM A 1 7  ? -3.800  9.221   -0.653  1.00 0.00 ? 7  IAM A HD1  2  
HETATM 340  H HE1  . IAM A 1 7  ? -6.101  8.530   0.071   1.00 0.00 ? 7  IAM A HE1  2  
HETATM 341  H HE2  . IAM A 1 7  ? -4.640  7.766   3.982   1.00 0.00 ? 7  IAM A HE2  2  
HETATM 342  H HD2  . IAM A 1 7  ? -2.339  8.456   3.256   1.00 0.00 ? 7  IAM A HD2  2  
HETATM 343  H HT1  . IAM A 1 7  ? -7.507  8.559   2.671   1.00 0.00 ? 7  IAM A HT1  2  
HETATM 344  H HT2  . IAM A 1 7  ? -6.841  7.123   3.418   1.00 0.00 ? 7  IAM A HT2  2  
HETATM 345  H HH   . IAM A 1 7  ? -7.402  7.104   0.463   1.00 0.00 ? 7  IAM A HH   2  
HETATM 346  H HI   . IAM A 1 7  ? -7.658  4.917   2.244   1.00 0.00 ? 7  IAM A HI   2  
HETATM 347  H HK11 . IAM A 1 7  ? -9.652  5.814   0.155   1.00 0.00 ? 7  IAM A HK11 2  
HETATM 348  H HK12 . IAM A 1 7  ? -8.246  4.825   -0.156  1.00 0.00 ? 7  IAM A HK12 2  
HETATM 349  H HK13 . IAM A 1 7  ? -9.546  4.205   0.832   1.00 0.00 ? 7  IAM A HK13 2  
HETATM 350  H HK21 . IAM A 1 7  ? -9.993  5.171   3.064   1.00 0.00 ? 7  IAM A HK21 2  
HETATM 351  H HK22 . IAM A 1 7  ? -8.901  6.336   3.774   1.00 0.00 ? 7  IAM A HK22 2  
HETATM 352  H HK23 . IAM A 1 7  ? -9.984  6.821   2.492   1.00 0.00 ? 7  IAM A HK23 2  
ATOM   353  N N    . THR A 1 8  ? -0.946  6.306   1.552   1.00 0.00 ? 8  THR A N    2  
ATOM   354  C CA   . THR A 1 8  ? -0.481  5.333   2.528   1.00 0.00 ? 8  THR A CA   2  
ATOM   355  C C    . THR A 1 8  ? 0.498   4.354   1.877   1.00 0.00 ? 8  THR A C    2  
ATOM   356  O O    . THR A 1 8  ? 0.645   4.334   0.658   1.00 0.00 ? 8  THR A O    2  
ATOM   357  C CB   . THR A 1 8  ? -1.708  4.653   3.138   1.00 0.00 ? 8  THR A CB   2  
ATOM   358  O OG1  . THR A 1 8  ? -2.661  4.641   2.079   1.00 0.00 ? 8  THR A OG1  2  
ATOM   359  C CG2  . THR A 1 8  ? -2.369  5.503   4.226   1.00 0.00 ? 8  THR A CG2  2  
ATOM   360  H H    . THR A 1 8  ? -1.898  6.196   1.266   1.00 0.00 ? 8  THR A H    2  
ATOM   361  H HA   . THR A 1 8  ? 0.067   5.863   3.308   1.00 0.00 ? 8  THR A HA   2  
ATOM   362  H HB   . THR A 1 8  ? -1.455  3.664   3.518   1.00 0.00 ? 8  THR A HB   2  
ATOM   363  H HG1  . THR A 1 8  ? -3.575  4.457   2.444   1.00 0.00 ? 8  THR A HG1  2  
ATOM   364  H HG21 . THR A 1 8  ? -2.846  4.851   4.956   1.00 0.00 ? 8  THR A HG21 2  
ATOM   365  H HG22 . THR A 1 8  ? -1.612  6.111   4.720   1.00 0.00 ? 8  THR A HG22 2  
ATOM   366  H HG23 . THR A 1 8  ? -3.117  6.152   3.773   1.00 0.00 ? 8  THR A HG23 2  
ATOM   367  N N    . PHE A 1 9  ? 1.142   3.563   2.724   1.00 0.00 ? 9  PHE A N    2  
ATOM   368  C CA   . PHE A 1 9  ? 2.103   2.583   2.247   1.00 0.00 ? 9  PHE A CA   2  
ATOM   369  C C    . PHE A 1 9  ? 2.059   1.312   3.101   1.00 0.00 ? 9  PHE A C    2  
ATOM   370  O O    . PHE A 1 9  ? 3.077   0.647   3.282   1.00 0.00 ? 9  PHE A O    2  
ATOM   371  C CB   . PHE A 1 9  ? 3.489   3.217   2.369   1.00 0.00 ? 9  PHE A CB   2  
ATOM   372  C CG   . PHE A 1 9  ? 4.186   3.451   1.029   1.00 0.00 ? 9  PHE A CG   2  
ATOM   373  C CD1  . PHE A 1 9  ? 3.667   4.337   0.137   1.00 0.00 ? 9  PHE A CD1  2  
ATOM   374  C CD2  . PHE A 1 9  ? 5.328   2.773   0.727   1.00 0.00 ? 9  PHE A CD2  2  
ATOM   375  C CE1  . PHE A 1 9  ? 4.314   4.553   -1.108  1.00 0.00 ? 9  PHE A CE1  2  
ATOM   376  C CE2  . PHE A 1 9  ? 5.974   2.990   -0.517  1.00 0.00 ? 9  PHE A CE2  2  
ATOM   377  C CZ   . PHE A 1 9  ? 5.455   3.876   -1.408  1.00 0.00 ? 9  PHE A CZ   2  
ATOM   378  H H    . PHE A 1 9  ? 1.017   3.584   3.716   1.00 0.00 ? 9  PHE A H    2  
ATOM   379  H HA   . PHE A 1 9  ? 1.831   2.336   1.221   1.00 0.00 ? 9  PHE A HA   2  
ATOM   380  H HB3  . PHE A 1 9  ? 4.118   2.577   2.988   1.00 0.00 ? 9  PHE A HB3  2  
ATOM   381  H HD1  . PHE A 1 9  ? 2.753   4.879   0.377   1.00 0.00 ? 9  PHE A HD1  2  
ATOM   382  H HD2  . PHE A 1 9  ? 5.744   2.063   1.443   1.00 0.00 ? 9  PHE A HD2  2  
ATOM   383  H HE1  . PHE A 1 9  ? 3.898   5.264   -1.822  1.00 0.00 ? 9  PHE A HE1  2  
ATOM   384  H HE2  . PHE A 1 9  ? 6.888   2.447   -0.758  1.00 0.00 ? 9  PHE A HE2  2  
ATOM   385  H HZ   . PHE A 1 9  ? 5.951   4.042   -2.364  1.00 0.00 ? 9  PHE A HZ   2  
HETATM 386  N N    . HHK A 1 10 ? 0.870   1.014   3.601   1.00 0.00 ? 10 HHK A N    2  
HETATM 387  C CA   . HHK A 1 10 ? 0.679   -0.163  4.432   1.00 0.00 ? 10 HHK A CA   2  
HETATM 388  C CB   . HHK A 1 10 ? -0.807  -0.388  4.709   1.00 0.00 ? 10 HHK A CB   2  
HETATM 389  C CG   . HHK A 1 10 ? -1.204  0.188   6.069   1.00 0.00 ? 10 HHK A CG   2  
HETATM 390  C CD   . HHK A 1 10 ? -1.807  1.585   5.919   1.00 0.00 ? 10 HHK A CD   2  
HETATM 391  C CE   . HHK A 1 10 ? -3.221  1.514   5.339   1.00 0.00 ? 10 HHK A CE   2  
HETATM 392  C CZ   . HHK A 1 10 ? -3.207  1.992   3.875   1.00 0.00 ? 10 HHK A CZ   2  
HETATM 393  C CT   . HHK A 1 10 ? -4.255  1.206   3.067   1.00 0.00 ? 10 HHK A CT   2  
HETATM 394  N NH   . HHK A 1 10 ? -5.288  2.135   2.562   1.00 0.00 ? 10 HHK A NH   2  
HETATM 395  C C    . HHK A 1 10 ? 1.371   -1.361  3.776   1.00 0.00 ? 10 HHK A C    2  
HETATM 396  O O    . HHK A 1 10 ? 2.327   -1.906  4.325   1.00 0.00 ? 10 HHK A O    2  
HETATM 397  H H    . HHK A 1 10 ? 0.046   1.562   3.449   1.00 0.00 ? 10 HHK A H    2  
HETATM 398  H HA   . HHK A 1 10 ? 1.160   0.032   5.390   1.00 0.00 ? 10 HHK A HA   2  
HETATM 399  H HB2  . HHK A 1 10 ? -1.404  0.079   3.924   1.00 0.00 ? 10 HHK A HB2  2  
HETATM 400  H HB3  . HHK A 1 10 ? -1.028  -1.456  4.682   1.00 0.00 ? 10 HHK A HB3  2  
HETATM 401  H HG2  . HHK A 1 10 ? -1.926  -0.474  6.551   1.00 0.00 ? 10 HHK A HG2  2  
HETATM 402  H HG3  . HHK A 1 10 ? -0.331  0.230   6.720   1.00 0.00 ? 10 HHK A HG3  2  
HETATM 403  H HD2  . HHK A 1 10 ? -1.832  2.079   6.890   1.00 0.00 ? 10 HHK A HD2  2  
HETATM 404  H HD3  . HHK A 1 10 ? -1.172  2.191   5.271   1.00 0.00 ? 10 HHK A HD3  2  
HETATM 405  H HE2  . HHK A 1 10 ? -3.593  0.492   5.398   1.00 0.00 ? 10 HHK A HE2  2  
HETATM 406  H HE3  . HHK A 1 10 ? -3.893  2.135   5.932   1.00 0.00 ? 10 HHK A HE3  2  
HETATM 407  H HZ2  . HHK A 1 10 ? -3.438  3.035   3.841   1.00 0.00 ? 10 HHK A HZ2  2  
HETATM 408  H HZ3  . HHK A 1 10 ? -2.236  1.828   3.455   1.00 0.00 ? 10 HHK A HZ3  2  
HETATM 409  H HT2  . HHK A 1 10 ? -3.778  0.719   2.246   1.00 0.00 ? 10 HHK A HT2  2  
HETATM 410  H HT1  . HHK A 1 10 ? -4.715  0.471   3.699   1.00 0.00 ? 10 HHK A HT1  2  
HETATM 411  H HH2  . HHK A 1 10 ? -4.941  3.082   2.611   1.00 0.00 ? 10 HHK A HH2  2  
ATOM   412  N N    . SER A 1 11 ? 0.861   -1.731  2.611   1.00 0.00 ? 11 SER A N    2  
ATOM   413  C CA   . SER A 1 11 ? 1.420   -2.854  1.875   1.00 0.00 ? 11 SER A CA   2  
ATOM   414  C C    . SER A 1 11 ? 1.295   -4.136  2.701   1.00 0.00 ? 11 SER A C    2  
ATOM   415  O O    . SER A 1 11 ? 1.480   -4.115  3.917   1.00 0.00 ? 11 SER A O    2  
ATOM   416  C CB   . SER A 1 11 ? 2.883   -2.600  1.506   1.00 0.00 ? 11 SER A CB   2  
ATOM   417  O OG   . SER A 1 11 ? 3.584   -3.811  1.240   1.00 0.00 ? 11 SER A OG   2  
ATOM   418  H H    . SER A 1 11 ? 0.085   -1.283  2.171   1.00 0.00 ? 11 SER A H    2  
ATOM   419  H HA   . SER A 1 11 ? 0.824   -2.927  0.964   1.00 0.00 ? 11 SER A HA   2  
ATOM   420  H HB3  . SER A 1 11 ? 3.374   -2.068  2.322   1.00 0.00 ? 11 SER A HB3  2  
ATOM   421  H HG   . SER A 1 11 ? 4.471   -3.607  0.827   1.00 0.00 ? 11 SER A HG   2  
ATOM   422  N N    . CYS A 1 12 ? 0.983   -5.220  2.009   1.00 0.00 ? 12 CYS A N    2  
ATOM   423  C CA   . CYS A 1 12 ? 0.833   -6.509  2.664   1.00 0.00 ? 12 CYS A CA   2  
ATOM   424  C C    . CYS A 1 12 ? 2.107   -6.794  3.461   1.00 0.00 ? 12 CYS A C    2  
ATOM   425  O O    . CYS A 1 12 ? 2.274   -6.292  4.571   1.00 0.00 ? 12 CYS A O    2  
ATOM   426  C CB   . CYS A 1 12 ? 0.525   -7.622  1.660   1.00 0.00 ? 12 CYS A CB   2  
ATOM   427  S SG   . CYS A 1 12 ? 1.921   -8.075  0.567   1.00 0.00 ? 12 CYS A SG   2  
ATOM   428  H H    . CYS A 1 12 ? 0.834   -5.229  1.019   1.00 0.00 ? 12 CYS A H    2  
ATOM   429  H HA   . CYS A 1 12 ? -0.029  -6.424  3.326   1.00 0.00 ? 12 CYS A HA   2  
ATOM   430  H HB3  . CYS A 1 12 ? -0.317  -7.311  1.040   1.00 0.00 ? 12 CYS A HB3  2  
ATOM   431  N N    . TYR A 1 1  ? -1.359  -8.484  -4.755  1.00 0.00 ? 1  TYR A N    3  
ATOM   432  C CA   . TYR A 1 1  ? -0.132  -7.784  -4.407  1.00 0.00 ? 1  TYR A CA   3  
ATOM   433  C C    . TYR A 1 1  ? -0.273  -7.069  -3.063  1.00 0.00 ? 1  TYR A C    3  
ATOM   434  O O    . TYR A 1 1  ? -1.308  -7.170  -2.408  1.00 0.00 ? 1  TYR A O    3  
ATOM   435  C CB   . TYR A 1 1  ? 0.085   -6.742  -5.507  1.00 0.00 ? 1  TYR A CB   3  
ATOM   436  C CG   . TYR A 1 1  ? 0.509   -7.335  -6.852  1.00 0.00 ? 1  TYR A CG   3  
ATOM   437  C CD1  . TYR A 1 1  ? 1.721   -7.987  -6.966  1.00 0.00 ? 1  TYR A CD1  3  
ATOM   438  C CD2  . TYR A 1 1  ? -0.319  -7.219  -7.948  1.00 0.00 ? 1  TYR A CD2  3  
ATOM   439  C CE1  . TYR A 1 1  ? 2.120   -8.546  -8.232  1.00 0.00 ? 1  TYR A CE1  3  
ATOM   440  C CE2  . TYR A 1 1  ? 0.081   -7.776  -9.215  1.00 0.00 ? 1  TYR A CE2  3  
ATOM   441  C CZ   . TYR A 1 1  ? 1.280   -8.413  -9.294  1.00 0.00 ? 1  TYR A CZ   3  
ATOM   442  O OH   . TYR A 1 1  ? 1.658   -8.940  -10.490 1.00 0.00 ? 1  TYR A OH   3  
ATOM   443  H H1   . TYR A 1 1  ? -2.156  -8.241  -4.203  1.00 0.00 ? 1  TYR A H1   3  
ATOM   444  H HA   . TYR A 1 1  ? 0.667   -8.522  -4.337  1.00 0.00 ? 1  TYR A HA   3  
ATOM   445  H HB3  . TYR A 1 1  ? 0.845   -6.035  -5.176  1.00 0.00 ? 1  TYR A HB3  3  
ATOM   446  H HD1  . TYR A 1 1  ? 2.374   -8.080  -6.100  1.00 0.00 ? 1  TYR A HD1  3  
ATOM   447  H HD2  . TYR A 1 1  ? -1.275  -6.704  -7.858  1.00 0.00 ? 1  TYR A HD2  3  
ATOM   448  H HE1  . TYR A 1 1  ? 3.073   -9.063  -8.337  1.00 0.00 ? 1  TYR A HE1  3  
ATOM   449  H HE2  . TYR A 1 1  ? -0.563  -7.692  -10.089 1.00 0.00 ? 1  TYR A HE2  3  
ATOM   450  H HH   . TYR A 1 1  ? 1.810   -9.924  -10.396 1.00 0.00 ? 1  TYR A HH   3  
ATOM   451  N N    . CYS A 1 2  ? 0.784   -6.362  -2.691  1.00 0.00 ? 2  CYS A N    3  
ATOM   452  C CA   . CYS A 1 2  ? 0.792   -5.629  -1.437  1.00 0.00 ? 2  CYS A CA   3  
ATOM   453  C C    . CYS A 1 2  ? -0.081  -4.382  -1.603  1.00 0.00 ? 2  CYS A C    3  
ATOM   454  O O    . CYS A 1 2  ? -0.753  -3.963  -0.662  1.00 0.00 ? 2  CYS A O    3  
ATOM   455  C CB   . CYS A 1 2  ? 2.213   -5.275  -0.997  1.00 0.00 ? 2  CYS A CB   3  
ATOM   456  S SG   . CYS A 1 2  ? 3.098   -6.612  -0.114  1.00 0.00 ? 2  CYS A SG   3  
ATOM   457  H H    . CYS A 1 2  ? 1.622   -6.284  -3.232  1.00 0.00 ? 2  CYS A H    3  
ATOM   458  H HA   . CYS A 1 2  ? 0.374   -6.295  -0.682  1.00 0.00 ? 2  CYS A HA   3  
ATOM   459  H HB3  . CYS A 1 2  ? 2.172   -4.397  -0.352  1.00 0.00 ? 2  CYS A HB3  3  
ATOM   460  N N    . LYS A 1 3  ? -0.043  -3.829  -2.805  1.00 0.00 ? 3  LYS A N    3  
ATOM   461  C CA   . LYS A 1 3  ? -0.821  -2.639  -3.106  1.00 0.00 ? 3  LYS A CA   3  
ATOM   462  C C    . LYS A 1 3  ? -0.710  -1.653  -1.942  1.00 0.00 ? 3  LYS A C    3  
ATOM   463  O O    . LYS A 1 3  ? -1.500  -1.707  -1.000  1.00 0.00 ? 3  LYS A O    3  
ATOM   464  C CB   . LYS A 1 3  ? -2.261  -3.017  -3.457  1.00 0.00 ? 3  LYS A CB   3  
ATOM   465  C CG   . LYS A 1 3  ? -2.859  -3.943  -2.396  1.00 0.00 ? 3  LYS A CG   3  
ATOM   466  C CD   . LYS A 1 3  ? -4.334  -4.235  -2.690  1.00 0.00 ? 3  LYS A CD   3  
ATOM   467  C CE   . LYS A 1 3  ? -4.531  -5.693  -3.105  1.00 0.00 ? 3  LYS A CE   3  
ATOM   468  N NZ   . LYS A 1 3  ? -5.967  -6.050  -3.076  1.00 0.00 ? 3  LYS A NZ   3  
ATOM   469  H H    . LYS A 1 3  ? 0.508   -4.177  -3.565  1.00 0.00 ? 3  LYS A H    3  
ATOM   470  H HA   . LYS A 1 3  ? -0.384  -2.178  -3.992  1.00 0.00 ? 3  LYS A HA   3  
ATOM   471  H HB3  . LYS A 1 3  ? -2.287  -3.508  -4.429  1.00 0.00 ? 3  LYS A HB3  3  
ATOM   472  H HG3  . LYS A 1 3  ? -2.765  -3.486  -1.413  1.00 0.00 ? 3  LYS A HG3  3  
ATOM   473  H HD3  . LYS A 1 3  ? -4.685  -3.576  -3.482  1.00 0.00 ? 3  LYS A HD3  3  
ATOM   474  H HE3  . LYS A 1 3  ? -3.975  -6.349  -2.433  1.00 0.00 ? 3  LYS A HE3  3  
ATOM   475  H HZ1  . LYS A 1 3  ? -6.427  -5.710  -2.240  1.00 0.00 ? 3  LYS A HZ1  3  
ATOM   476  H HZ2  . LYS A 1 3  ? -6.470  -5.662  -3.867  1.00 0.00 ? 3  LYS A HZ2  3  
ATOM   477  N N    . PHE A 1 4  ? 0.278   -0.776  -2.043  1.00 0.00 ? 4  PHE A N    3  
ATOM   478  C CA   . PHE A 1 4  ? 0.502   0.221   -1.009  1.00 0.00 ? 4  PHE A CA   3  
ATOM   479  C C    . PHE A 1 4  ? -0.744  1.083   -0.797  1.00 0.00 ? 4  PHE A C    3  
ATOM   480  O O    . PHE A 1 4  ? -1.570  0.785   0.065   1.00 0.00 ? 4  PHE A O    3  
ATOM   481  C CB   . PHE A 1 4  ? 1.649   1.112   -1.490  1.00 0.00 ? 4  PHE A CB   3  
ATOM   482  C CG   . PHE A 1 4  ? 3.035   0.486   -1.332  1.00 0.00 ? 4  PHE A CG   3  
ATOM   483  C CD1  . PHE A 1 4  ? 3.490   0.146   -0.096  1.00 0.00 ? 4  PHE A CD1  3  
ATOM   484  C CD2  . PHE A 1 4  ? 3.811   0.265   -2.426  1.00 0.00 ? 4  PHE A CD2  3  
ATOM   485  C CE1  . PHE A 1 4  ? 4.776   -0.439  0.050   1.00 0.00 ? 4  PHE A CE1  3  
ATOM   486  C CE2  . PHE A 1 4  ? 5.097   -0.318  -2.280  1.00 0.00 ? 4  PHE A CE2  3  
ATOM   487  C CZ   . PHE A 1 4  ? 5.553   -0.658  -1.044  1.00 0.00 ? 4  PHE A CZ   3  
ATOM   488  H H    . PHE A 1 4  ? 0.915   -0.737  -2.812  1.00 0.00 ? 4  PHE A H    3  
ATOM   489  H HA   . PHE A 1 4  ? 0.732   -0.314  -0.088  1.00 0.00 ? 4  PHE A HA   3  
ATOM   490  H HB3  . PHE A 1 4  ? 1.622   2.052   -0.937  1.00 0.00 ? 4  PHE A HB3  3  
ATOM   491  H HD1  . PHE A 1 4  ? 2.868   0.320   0.781   1.00 0.00 ? 4  PHE A HD1  3  
ATOM   492  H HD2  . PHE A 1 4  ? 3.447   0.538   -3.417  1.00 0.00 ? 4  PHE A HD2  3  
ATOM   493  H HE1  . PHE A 1 4  ? 5.143   -0.710  1.041   1.00 0.00 ? 4  PHE A HE1  3  
ATOM   494  H HE2  . PHE A 1 4  ? 5.720   -0.492  -3.157  1.00 0.00 ? 4  PHE A HE2  3  
ATOM   495  H HZ   . PHE A 1 4  ? 6.541   -1.106  -0.931  1.00 0.00 ? 4  PHE A HZ   3  
ATOM   496  N N    . GLU A 1 5  ? -0.842  2.133   -1.601  1.00 0.00 ? 5  GLU A N    3  
ATOM   497  C CA   . GLU A 1 5  ? -1.974  3.040   -1.512  1.00 0.00 ? 5  GLU A CA   3  
ATOM   498  C C    . GLU A 1 5  ? -1.661  4.352   -2.234  1.00 0.00 ? 5  GLU A C    3  
ATOM   499  O O    . GLU A 1 5  ? -0.545  4.548   -2.717  1.00 0.00 ? 5  GLU A O    3  
ATOM   500  C CB   . GLU A 1 5  ? -2.361  3.293   -0.052  1.00 0.00 ? 5  GLU A CB   3  
ATOM   501  C CG   . GLU A 1 5  ? -3.692  2.621   0.286   1.00 0.00 ? 5  GLU A CG   3  
ATOM   502  C CD   . GLU A 1 5  ? -3.481  1.418   1.208   1.00 0.00 ? 5  GLU A CD   3  
ATOM   503  O OE1  . GLU A 1 5  ? -3.916  0.304   0.882   1.00 0.00 ? 5  GLU A OE1  3  
ATOM   504  H H    . GLU A 1 5  ? -0.165  2.367   -2.300  1.00 0.00 ? 5  GLU A H    3  
ATOM   505  H HA   . GLU A 1 5  ? -2.794  2.529   -2.015  1.00 0.00 ? 5  GLU A HA   3  
ATOM   506  H HB2  . GLU A 1 5  ? -1.579  2.912   0.604   1.00 0.00 ? 5  GLU A HB2  3  
ATOM   507  H HB3  . GLU A 1 5  ? -2.434  4.365   0.125   1.00 0.00 ? 5  GLU A HB3  3  
ATOM   508  H HG2  . GLU A 1 5  ? -4.355  3.341   0.767   1.00 0.00 ? 5  GLU A HG2  3  
ATOM   509  H HG3  . GLU A 1 5  ? -4.186  2.298   -0.631  1.00 0.00 ? 5  GLU A HG3  3  
HETATM 510  N N    . DTR A 1 6  ? -2.662  5.219   -2.280  1.00 0.00 ? 6  DTR A N    3  
HETATM 511  C CA   . DTR A 1 6  ? -2.507  6.505   -2.933  1.00 0.00 ? 6  DTR A CA   3  
HETATM 512  C CB   . DTR A 1 6  ? -2.081  6.249   -4.381  1.00 0.00 ? 6  DTR A CB   3  
HETATM 513  C CG   . DTR A 1 6  ? -2.967  5.244   -5.121  1.00 0.00 ? 6  DTR A CG   3  
HETATM 514  C CD1  . DTR A 1 6  ? -2.902  3.908   -5.088  1.00 0.00 ? 6  DTR A CD1  3  
HETATM 515  N NE1  . DTR A 1 6  ? -3.869  3.333   -5.888  1.00 0.00 ? 6  DTR A NE1  3  
HETATM 516  C CE2  . DTR A 1 6  ? -4.596  4.368   -6.466  1.00 0.00 ? 6  DTR A CE2  3  
HETATM 517  C CZ2  . DTR A 1 6  ? -5.679  4.306   -7.352  1.00 0.00 ? 6  DTR A CZ2  3  
HETATM 518  C CH2  . DTR A 1 6  ? -6.213  5.533   -7.771  1.00 0.00 ? 6  DTR A CH2  3  
HETATM 519  C CZ3  . DTR A 1 6  ? -5.661  6.719   -7.301  1.00 0.00 ? 6  DTR A CZ3  3  
HETATM 520  C CE3  . DTR A 1 6  ? -4.579  6.799   -6.416  1.00 0.00 ? 6  DTR A CE3  3  
HETATM 521  C CD2  . DTR A 1 6  ? -4.060  5.554   -6.010  1.00 0.00 ? 6  DTR A CD2  3  
HETATM 522  C C    . DTR A 1 6  ? -1.413  7.282   -2.198  1.00 0.00 ? 6  DTR A C    3  
HETATM 523  O O    . DTR A 1 6  ? -0.441  7.727   -2.808  1.00 0.00 ? 6  DTR A O    3  
HETATM 524  H H    . DTR A 1 6  ? -3.564  5.050   -1.884  1.00 0.00 ? 6  DTR A H    3  
HETATM 525  H HA   . DTR A 1 6  ? -3.456  7.042   -2.973  1.00 0.00 ? 6  DTR A HA   3  
HETATM 526  H HB2  . DTR A 1 6  ? -2.088  7.193   -4.925  1.00 0.00 ? 6  DTR A HB2  3  
HETATM 527  H HB3  . DTR A 1 6  ? -1.054  5.886   -4.387  1.00 0.00 ? 6  DTR A HB3  3  
HETATM 528  H HD1  . DTR A 1 6  ? -2.177  3.342   -4.504  1.00 0.00 ? 6  DTR A HD1  3  
HETATM 529  H HE1  . DTR A 1 6  ? -4.035  2.267   -6.038  1.00 0.00 ? 6  DTR A HE1  3  
HETATM 530  H HZ2  . DTR A 1 6  ? -6.085  3.356   -7.699  1.00 0.00 ? 6  DTR A HZ2  3  
HETATM 531  H HH2  . DTR A 1 6  ? -7.056  5.555   -8.460  1.00 0.00 ? 6  DTR A HH2  3  
HETATM 532  H HZ3  . DTR A 1 6  ? -6.101  7.654   -7.646  1.00 0.00 ? 6  DTR A HZ3  3  
HETATM 533  H HE3  . DTR A 1 6  ? -4.173  7.747   -6.069  1.00 0.00 ? 6  DTR A HE3  3  
HETATM 534  N N    . IAM A 1 7  ? -1.605  7.419   -0.892  1.00 0.00 ? 7  IAM A N    3  
HETATM 535  C CA   . IAM A 1 7  ? -0.646  8.132   -0.066  1.00 0.00 ? 7  IAM A CA   3  
HETATM 536  C CB   . IAM A 1 7  ? -1.422  9.221   0.679   1.00 0.00 ? 7  IAM A CB   3  
HETATM 537  C CG   . IAM A 1 7  ? -2.811  8.785   1.147   1.00 0.00 ? 7  IAM A CG   3  
HETATM 538  C CD1  . IAM A 1 7  ? -2.994  8.347   2.421   1.00 0.00 ? 7  IAM A CD1  3  
HETATM 539  C CE1  . IAM A 1 7  ? -4.285  7.943   2.855   1.00 0.00 ? 7  IAM A CE1  3  
HETATM 540  C CZ   . IAM A 1 7  ? -5.337  7.992   1.995   1.00 0.00 ? 7  IAM A CZ   3  
HETATM 541  C CE2  . IAM A 1 7  ? -5.156  8.432   0.722   1.00 0.00 ? 7  IAM A CE2  3  
HETATM 542  C CD2  . IAM A 1 7  ? -3.864  8.834   0.288   1.00 0.00 ? 7  IAM A CD2  3  
HETATM 543  C CT   . IAM A 1 7  ? -6.736  7.556   2.467   1.00 0.00 ? 7  IAM A CT   3  
HETATM 544  N NH   . IAM A 1 7  ? -6.822  6.082   2.449   1.00 0.00 ? 7  IAM A NH   3  
HETATM 545  C CI   . IAM A 1 7  ? -7.706  5.378   3.405   1.00 0.00 ? 7  IAM A CI   3  
HETATM 546  C CK1  . IAM A 1 7  ? -9.175  5.711   3.084   1.00 0.00 ? 7  IAM A CK1  3  
HETATM 547  C CK2  . IAM A 1 7  ? -7.381  5.810   4.846   1.00 0.00 ? 7  IAM A CK2  3  
HETATM 548  C C    . IAM A 1 7  ? 0.002   7.195   0.954   1.00 0.00 ? 7  IAM A C    3  
HETATM 549  O O    . IAM A 1 7  ? 1.182   7.337   1.271   1.00 0.00 ? 7  IAM A O    3  
HETATM 550  H H    . IAM A 1 7  ? -2.396  7.056   -0.404  1.00 0.00 ? 7  IAM A H    3  
HETATM 551  H HA   . IAM A 1 7  ? 0.120   8.530   -0.731  1.00 0.00 ? 7  IAM A HA   3  
HETATM 552  H HB   . IAM A 1 7  ? -0.842  9.536   1.546   1.00 0.00 ? 7  IAM A HB   3  
HETATM 553  H HB1  . IAM A 1 7  ? -1.524  10.089  0.030   1.00 0.00 ? 7  IAM A HB1  3  
HETATM 554  H HD1  . IAM A 1 7  ? -2.150  8.305   3.109   1.00 0.00 ? 7  IAM A HD1  3  
HETATM 555  H HE1  . IAM A 1 7  ? -4.430  7.593   3.878   1.00 0.00 ? 7  IAM A HE1  3  
HETATM 556  H HE2  . IAM A 1 7  ? -5.999  8.471   0.034   1.00 0.00 ? 7  IAM A HE2  3  
HETATM 557  H HD2  . IAM A 1 7  ? -3.719  9.185   -0.733  1.00 0.00 ? 7  IAM A HD2  3  
HETATM 558  H HT1  . IAM A 1 7  ? -7.476  7.967   1.812   1.00 0.00 ? 7  IAM A HT1  3  
HETATM 559  H HT2  . IAM A 1 7  ? -6.906  7.910   3.465   1.00 0.00 ? 7  IAM A HT2  3  
HETATM 560  H HH   . IAM A 1 7  ? -6.267  5.541   1.769   1.00 0.00 ? 7  IAM A HH   3  
HETATM 561  H HI   . IAM A 1 7  ? -7.552  4.323   3.321   1.00 0.00 ? 7  IAM A HI   3  
HETATM 562  H HK11 . IAM A 1 7  ? -9.334  6.765   3.184   1.00 0.00 ? 7  IAM A HK11 3  
HETATM 563  H HK12 . IAM A 1 7  ? -9.400  5.410   2.084   1.00 0.00 ? 7  IAM A HK12 3  
HETATM 564  H HK13 . IAM A 1 7  ? -9.814  5.189   3.766   1.00 0.00 ? 7  IAM A HK13 3  
HETATM 565  H HK21 . IAM A 1 7  ? -6.335  6.019   4.929   1.00 0.00 ? 7  IAM A HK21 3  
HETATM 566  H HK22 . IAM A 1 7  ? -7.940  6.692   5.090   1.00 0.00 ? 7  IAM A HK22 3  
HETATM 567  H HK23 . IAM A 1 7  ? -7.645  5.025   5.523   1.00 0.00 ? 7  IAM A HK23 3  
ATOM   568  N N    . THR A 1 8  ? -0.796  6.257   1.439   1.00 0.00 ? 8  THR A N    3  
ATOM   569  C CA   . THR A 1 8  ? -0.315  5.296   2.417   1.00 0.00 ? 8  THR A CA   3  
ATOM   570  C C    . THR A 1 8  ? 0.483   4.187   1.727   1.00 0.00 ? 8  THR A C    3  
ATOM   571  O O    . THR A 1 8  ? 0.398   4.022   0.512   1.00 0.00 ? 8  THR A O    3  
ATOM   572  C CB   . THR A 1 8  ? -1.521  4.777   3.203   1.00 0.00 ? 8  THR A CB   3  
ATOM   573  O OG1  . THR A 1 8  ? -2.592  4.825   2.267   1.00 0.00 ? 8  THR A OG1  3  
ATOM   574  C CG2  . THR A 1 8  ? -1.953  5.738   4.314   1.00 0.00 ? 8  THR A CG2  3  
ATOM   575  H H    . THR A 1 8  ? -1.754  6.148   1.177   1.00 0.00 ? 8  THR A H    3  
ATOM   576  H HA   . THR A 1 8  ? 0.369   5.808   3.096   1.00 0.00 ? 8  THR A HA   3  
ATOM   577  H HB   . THR A 1 8  ? -1.326  3.783   3.605   1.00 0.00 ? 8  THR A HB   3  
ATOM   578  H HG1  . THR A 1 8  ? -3.054  3.938   2.231   1.00 0.00 ? 8  THR A HG1  3  
ATOM   579  H HG21 . THR A 1 8  ? -2.503  5.188   5.077   1.00 0.00 ? 8  THR A HG21 3  
ATOM   580  H HG22 . THR A 1 8  ? -1.071  6.197   4.762   1.00 0.00 ? 8  THR A HG22 3  
ATOM   581  H HG23 . THR A 1 8  ? -2.592  6.515   3.894   1.00 0.00 ? 8  THR A HG23 3  
ATOM   582  N N    . PHE A 1 9  ? 1.240   3.458   2.534   1.00 0.00 ? 9  PHE A N    3  
ATOM   583  C CA   . PHE A 1 9  ? 2.053   2.370   2.016   1.00 0.00 ? 9  PHE A CA   3  
ATOM   584  C C    . PHE A 1 9  ? 2.041   1.175   2.971   1.00 0.00 ? 9  PHE A C    3  
ATOM   585  O O    . PHE A 1 9  ? 3.020   0.436   3.060   1.00 0.00 ? 9  PHE A O    3  
ATOM   586  C CB   . PHE A 1 9  ? 3.484   2.898   1.896   1.00 0.00 ? 9  PHE A CB   3  
ATOM   587  C CG   . PHE A 1 9  ? 4.029   2.900   0.468   1.00 0.00 ? 9  PHE A CG   3  
ATOM   588  C CD1  . PHE A 1 9  ? 3.366   3.569   -0.512  1.00 0.00 ? 9  PHE A CD1  3  
ATOM   589  C CD2  . PHE A 1 9  ? 5.176   2.232   0.178   1.00 0.00 ? 9  PHE A CD2  3  
ATOM   590  C CE1  . PHE A 1 9  ? 3.872   3.572   -1.839  1.00 0.00 ? 9  PHE A CE1  3  
ATOM   591  C CE2  . PHE A 1 9  ? 5.683   2.234   -1.150  1.00 0.00 ? 9  PHE A CE2  3  
ATOM   592  C CZ   . PHE A 1 9  ? 5.019   2.903   -2.129  1.00 0.00 ? 9  PHE A CZ   3  
ATOM   593  H H    . PHE A 1 9  ? 1.304   3.600   3.522   1.00 0.00 ? 9  PHE A H    3  
ATOM   594  H HA   . PHE A 1 9  ? 1.623   2.073   1.059   1.00 0.00 ? 9  PHE A HA   3  
ATOM   595  H HB3  . PHE A 1 9  ? 4.138   2.291   2.524   1.00 0.00 ? 9  PHE A HB3  3  
ATOM   596  H HD1  . PHE A 1 9  ? 2.445   4.104   -0.280  1.00 0.00 ? 9  PHE A HD1  3  
ATOM   597  H HD2  . PHE A 1 9  ? 5.709   1.695   0.962   1.00 0.00 ? 9  PHE A HD2  3  
ATOM   598  H HE1  . PHE A 1 9  ? 3.340   4.109   -2.625  1.00 0.00 ? 9  PHE A HE1  3  
ATOM   599  H HE2  . PHE A 1 9  ? 6.604   1.698   -1.383  1.00 0.00 ? 9  PHE A HE2  3  
ATOM   600  H HZ   . PHE A 1 9  ? 5.408   2.904   -3.147  1.00 0.00 ? 9  PHE A HZ   3  
HETATM 601  N N    . HHK A 1 10 ? 0.918   1.021   3.662   1.00 0.00 ? 10 HHK A N    3  
HETATM 602  C CA   . HHK A 1 10 ? 0.768   -0.073  4.608   1.00 0.00 ? 10 HHK A CA   3  
HETATM 603  C CB   . HHK A 1 10 ? -0.676  -0.148  5.110   1.00 0.00 ? 10 HHK A CB   3  
HETATM 604  C CG   . HHK A 1 10 ? -0.847  0.649   6.404   1.00 0.00 ? 10 HHK A CG   3  
HETATM 605  C CD   . HHK A 1 10 ? -1.501  2.005   6.132   1.00 0.00 ? 10 HHK A CD   3  
HETATM 606  C CE   . HHK A 1 10 ? -2.954  1.832   5.683   1.00 0.00 ? 10 HHK A CE   3  
HETATM 607  C CZ   . HHK A 1 10 ? -3.078  2.142   4.182   1.00 0.00 ? 10 HHK A CZ   3  
HETATM 608  C CT   . HHK A 1 10 ? -4.159  1.243   3.556   1.00 0.00 ? 10 HHK A CT   3  
HETATM 609  N NH   . HHK A 1 10 ? -4.972  2.035   2.609   1.00 0.00 ? 10 HHK A NH   3  
HETATM 610  C C    . HHK A 1 10 ? 1.264   -1.368  3.966   1.00 0.00 ? 10 HHK A C    3  
HETATM 611  O O    . HHK A 1 10 ? 2.178   -2.010  4.480   1.00 0.00 ? 10 HHK A O    3  
HETATM 612  H H    . HHK A 1 10 ? 0.128   1.626   3.584   1.00 0.00 ? 10 HHK A H    3  
HETATM 613  H HA   . HHK A 1 10 ? 1.398   0.151   5.469   1.00 0.00 ? 10 HHK A HA   3  
HETATM 614  H HB2  . HHK A 1 10 ? -1.351  0.239   4.347   1.00 0.00 ? 10 HHK A HB2  3  
HETATM 615  H HB3  . HHK A 1 10 ? -0.951  -1.188  5.279   1.00 0.00 ? 10 HHK A HB3  3  
HETATM 616  H HG2  . HHK A 1 10 ? -1.459  0.082   7.108   1.00 0.00 ? 10 HHK A HG2  3  
HETATM 617  H HG3  . HHK A 1 10 ? 0.124   0.798   6.877   1.00 0.00 ? 10 HHK A HG3  3  
HETATM 618  H HD2  . HHK A 1 10 ? -1.465  2.617   7.033   1.00 0.00 ? 10 HHK A HD2  3  
HETATM 619  H HD3  . HHK A 1 10 ? -0.941  2.535   5.362   1.00 0.00 ? 10 HHK A HD3  3  
HETATM 620  H HE2  . HHK A 1 10 ? -3.285  0.814   5.885   1.00 0.00 ? 10 HHK A HE2  3  
HETATM 621  H HE3  . HHK A 1 10 ? -3.600  2.496   6.258   1.00 0.00 ? 10 HHK A HE3  3  
HETATM 622  H HZ2  . HHK A 1 10 ? -3.345  3.170   4.052   1.00 0.00 ? 10 HHK A HZ2  3  
HETATM 623  H HZ3  . HHK A 1 10 ? -2.137  1.958   3.700   1.00 0.00 ? 10 HHK A HZ3  3  
HETATM 624  H HT2  . HHK A 1 10 ? -3.691  0.435   3.035   1.00 0.00 ? 10 HHK A HT2  3  
HETATM 625  H HT1  . HHK A 1 10 ? -4.787  0.851   4.328   1.00 0.00 ? 10 HHK A HT1  3  
HETATM 626  H HH2  . HHK A 1 10 ? -4.711  3.009   2.674   1.00 0.00 ? 10 HHK A HH2  3  
ATOM   627  N N    . SER A 1 11 ? 0.640   -1.716  2.848   1.00 0.00 ? 11 SER A N    3  
ATOM   628  C CA   . SER A 1 11 ? 1.006   -2.925  2.130   1.00 0.00 ? 11 SER A CA   3  
ATOM   629  C C    . SER A 1 11 ? 0.901   -4.136  3.058   1.00 0.00 ? 11 SER A C    3  
ATOM   630  O O    . SER A 1 11 ? 0.456   -4.014  4.199   1.00 0.00 ? 11 SER A O    3  
ATOM   631  C CB   . SER A 1 11 ? 2.421   -2.817  1.558   1.00 0.00 ? 11 SER A CB   3  
ATOM   632  O OG   . SER A 1 11 ? 2.436   -2.159  0.294   1.00 0.00 ? 11 SER A OG   3  
ATOM   633  H H    . SER A 1 11 ? -0.103  -1.189  2.438   1.00 0.00 ? 11 SER A H    3  
ATOM   634  H HA   . SER A 1 11 ? 0.288   -3.005  1.314   1.00 0.00 ? 11 SER A HA   3  
ATOM   635  H HB3  . SER A 1 11 ? 2.846   -3.814  1.453   1.00 0.00 ? 11 SER A HB3  3  
ATOM   636  H HG   . SER A 1 11 ? 1.632   -2.423  -0.239  1.00 0.00 ? 11 SER A HG   3  
ATOM   637  N N    . CYS A 1 12 ? 1.317   -5.281  2.535   1.00 0.00 ? 12 CYS A N    3  
ATOM   638  C CA   . CYS A 1 12 ? 1.274   -6.514  3.301   1.00 0.00 ? 12 CYS A CA   3  
ATOM   639  C C    . CYS A 1 12 ? 1.758   -6.214  4.721   1.00 0.00 ? 12 CYS A C    3  
ATOM   640  O O    . CYS A 1 12 ? 2.862   -5.705  4.911   1.00 0.00 ? 12 CYS A O    3  
ATOM   641  C CB   . CYS A 1 12 ? 2.099   -7.620  2.641   1.00 0.00 ? 12 CYS A CB   3  
ATOM   642  S SG   . CYS A 1 12 ? 1.841   -7.796  0.837   1.00 0.00 ? 12 CYS A SG   3  
ATOM   643  H H    . CYS A 1 12 ? 1.676   -5.372  1.606   1.00 0.00 ? 12 CYS A H    3  
ATOM   644  H HA   . CYS A 1 12 ? 0.235   -6.844  3.307   1.00 0.00 ? 12 CYS A HA   3  
ATOM   645  H HB3  . CYS A 1 12 ? 1.861   -8.568  3.120   1.00 0.00 ? 12 CYS A HB3  3  
ATOM   646  N N    . TYR A 1 1  ? -2.212  -9.087  -4.271  1.00 0.00 ? 1  TYR A N    4  
ATOM   647  C CA   . TYR A 1 1  ? -0.946  -8.377  -4.210  1.00 0.00 ? 1  TYR A CA   4  
ATOM   648  C C    . TYR A 1 1  ? -0.909  -7.422  -3.015  1.00 0.00 ? 1  TYR A C    4  
ATOM   649  O O    . TYR A 1 1  ? -1.939  -7.151  -2.400  1.00 0.00 ? 1  TYR A O    4  
ATOM   650  C CB   . TYR A 1 1  ? -0.861  -7.560  -5.502  1.00 0.00 ? 1  TYR A CB   4  
ATOM   651  C CG   . TYR A 1 1  ? -1.301  -8.325  -6.752  1.00 0.00 ? 1  TYR A CG   4  
ATOM   652  C CD1  . TYR A 1 1  ? -0.578  -9.419  -7.183  1.00 0.00 ? 1  TYR A CD1  4  
ATOM   653  C CD2  . TYR A 1 1  ? -2.423  -7.923  -7.448  1.00 0.00 ? 1  TYR A CD2  4  
ATOM   654  C CE1  . TYR A 1 1  ? -0.990  -10.139 -8.358  1.00 0.00 ? 1  TYR A CE1  4  
ATOM   655  C CE2  . TYR A 1 1  ? -2.838  -8.643  -8.625  1.00 0.00 ? 1  TYR A CE2  4  
ATOM   656  C CZ   . TYR A 1 1  ? -2.103  -9.715  -9.021  1.00 0.00 ? 1  TYR A CZ   4  
ATOM   657  O OH   . TYR A 1 1  ? -2.494  -10.395 -10.132 1.00 0.00 ? 1  TYR A OH   4  
ATOM   658  H H1   . TYR A 1 1  ? -2.134  -10.079 -4.377  1.00 0.00 ? 1  TYR A H1   4  
ATOM   659  H HA   . TYR A 1 1  ? -0.150  -9.114  -4.102  1.00 0.00 ? 1  TYR A HA   4  
ATOM   660  H HB3  . TYR A 1 1  ? 0.166   -7.221  -5.640  1.00 0.00 ? 1  TYR A HB3  4  
ATOM   661  H HD1  . TYR A 1 1  ? 0.309   -9.736  -6.634  1.00 0.00 ? 1  TYR A HD1  4  
ATOM   662  H HD2  . TYR A 1 1  ? -2.994  -7.060  -7.108  1.00 0.00 ? 1  TYR A HD2  4  
ATOM   663  H HE1  . TYR A 1 1  ? -0.429  -11.003 -8.710  1.00 0.00 ? 1  TYR A HE1  4  
ATOM   664  H HE2  . TYR A 1 1  ? -3.721  -8.336  -9.183  1.00 0.00 ? 1  TYR A HE2  4  
ATOM   665  H HH   . TYR A 1 1  ? -2.078  -11.305 -10.139 1.00 0.00 ? 1  TYR A HH   4  
ATOM   666  N N    . CYS A 1 2  ? 0.290   -6.938  -2.723  1.00 0.00 ? 2  CYS A N    4  
ATOM   667  C CA   . CYS A 1 2  ? 0.476   -6.019  -1.613  1.00 0.00 ? 2  CYS A CA   4  
ATOM   668  C C    . CYS A 1 2  ? 0.034   -4.625  -2.063  1.00 0.00 ? 2  CYS A C    4  
ATOM   669  O O    . CYS A 1 2  ? -1.124  -4.250  -1.886  1.00 0.00 ? 2  CYS A O    4  
ATOM   670  C CB   . CYS A 1 2  ? 1.919   -6.025  -1.110  1.00 0.00 ? 2  CYS A CB   4  
ATOM   671  S SG   . CYS A 1 2  ? 2.303   -7.341  0.106   1.00 0.00 ? 2  CYS A SG   4  
ATOM   672  H H    . CYS A 1 2  ? 1.122   -7.164  -3.229  1.00 0.00 ? 2  CYS A H    4  
ATOM   673  H HA   . CYS A 1 2  ? -0.154  -6.380  -0.799  1.00 0.00 ? 2  CYS A HA   4  
ATOM   674  H HB3  . CYS A 1 2  ? 2.135   -5.059  -0.656  1.00 0.00 ? 2  CYS A HB3  4  
ATOM   675  N N    . LYS A 1 3  ? 0.980   -3.896  -2.637  1.00 0.00 ? 3  LYS A N    4  
ATOM   676  C CA   . LYS A 1 3  ? 0.703   -2.553  -3.113  1.00 0.00 ? 3  LYS A CA   4  
ATOM   677  C C    . LYS A 1 3  ? 0.721   -1.582  -1.929  1.00 0.00 ? 3  LYS A C    4  
ATOM   678  O O    . LYS A 1 3  ? 0.339   -1.945  -0.818  1.00 0.00 ? 3  LYS A O    4  
ATOM   679  C CB   . LYS A 1 3  ? -0.601  -2.525  -3.910  1.00 0.00 ? 3  LYS A CB   4  
ATOM   680  C CG   . LYS A 1 3  ? -0.371  -1.976  -5.321  1.00 0.00 ? 3  LYS A CG   4  
ATOM   681  C CD   . LYS A 1 3  ? 0.130   -3.074  -6.262  1.00 0.00 ? 3  LYS A CD   4  
ATOM   682  C CE   . LYS A 1 3  ? -1.004  -3.607  -7.137  1.00 0.00 ? 3  LYS A CE   4  
ATOM   683  N NZ   . LYS A 1 3  ? -0.496  -3.976  -8.478  1.00 0.00 ? 3  LYS A NZ   4  
ATOM   684  H H    . LYS A 1 3  ? 1.919   -4.209  -2.775  1.00 0.00 ? 3  LYS A H    4  
ATOM   685  H HA   . LYS A 1 3  ? 1.507   -2.276  -3.798  1.00 0.00 ? 3  LYS A HA   4  
ATOM   686  H HB3  . LYS A 1 3  ? -1.337  -1.909  -3.393  1.00 0.00 ? 3  LYS A HB3  4  
ATOM   687  H HG3  . LYS A 1 3  ? 0.355   -1.164  -5.284  1.00 0.00 ? 3  LYS A HG3  4  
ATOM   688  H HD3  . LYS A 1 3  ? 0.559   -3.888  -5.679  1.00 0.00 ? 3  LYS A HD3  4  
ATOM   689  H HE3  . LYS A 1 3  ? -1.784  -2.851  -7.233  1.00 0.00 ? 3  LYS A HE3  4  
ATOM   690  H HZ1  . LYS A 1 3  ? 0.318   -3.431  -8.738  1.00 0.00 ? 3  LYS A HZ1  4  
ATOM   691  H HZ2  . LYS A 1 3  ? -0.225  -4.951  -8.525  1.00 0.00 ? 3  LYS A HZ2  4  
ATOM   692  N N    . PHE A 1 4  ? 1.168   -0.365  -2.210  1.00 0.00 ? 4  PHE A N    4  
ATOM   693  C CA   . PHE A 1 4  ? 1.239   0.660   -1.182  1.00 0.00 ? 4  PHE A CA   4  
ATOM   694  C C    . PHE A 1 4  ? -0.154  1.196   -0.844  1.00 0.00 ? 4  PHE A C    4  
ATOM   695  O O    . PHE A 1 4  ? -0.809  0.701   0.072   1.00 0.00 ? 4  PHE A O    4  
ATOM   696  C CB   . PHE A 1 4  ? 2.088   1.799   -1.747  1.00 0.00 ? 4  PHE A CB   4  
ATOM   697  C CG   . PHE A 1 4  ? 3.592   1.510   -1.757  1.00 0.00 ? 4  PHE A CG   4  
ATOM   698  C CD1  . PHE A 1 4  ? 4.173   0.895   -0.692  1.00 0.00 ? 4  PHE A CD1  4  
ATOM   699  C CD2  . PHE A 1 4  ? 4.344   1.865   -2.832  1.00 0.00 ? 4  PHE A CD2  4  
ATOM   700  C CE1  . PHE A 1 4  ? 5.566   0.626   -0.701  1.00 0.00 ? 4  PHE A CE1  4  
ATOM   701  C CE2  . PHE A 1 4  ? 5.739   1.595   -2.841  1.00 0.00 ? 4  PHE A CE2  4  
ATOM   702  C CZ   . PHE A 1 4  ? 6.320   0.982   -1.776  1.00 0.00 ? 4  PHE A CZ   4  
ATOM   703  H H    . PHE A 1 4  ? 1.474   -0.077  -3.116  1.00 0.00 ? 4  PHE A H    4  
ATOM   704  H HA   . PHE A 1 4  ? 1.672   0.199   -0.295  1.00 0.00 ? 4  PHE A HA   4  
ATOM   705  H HB3  . PHE A 1 4  ? 1.906   2.700   -1.159  1.00 0.00 ? 4  PHE A HB3  4  
ATOM   706  H HD1  . PHE A 1 4  ? 3.567   0.610   0.169   1.00 0.00 ? 4  PHE A HD1  4  
ATOM   707  H HD2  . PHE A 1 4  ? 3.878   2.358   -3.685  1.00 0.00 ? 4  PHE A HD2  4  
ATOM   708  H HE1  . PHE A 1 4  ? 6.031   0.135   0.152   1.00 0.00 ? 4  PHE A HE1  4  
ATOM   709  H HE2  . PHE A 1 4  ? 6.343   1.882   -3.703  1.00 0.00 ? 4  PHE A HE2  4  
ATOM   710  H HZ   . PHE A 1 4  ? 7.390   0.777   -1.784  1.00 0.00 ? 4  PHE A HZ   4  
ATOM   711  N N    . GLU A 1 5  ? -0.565  2.201   -1.603  1.00 0.00 ? 5  GLU A N    4  
ATOM   712  C CA   . GLU A 1 5  ? -1.869  2.809   -1.397  1.00 0.00 ? 5  GLU A CA   4  
ATOM   713  C C    . GLU A 1 5  ? -1.926  4.183   -2.070  1.00 0.00 ? 5  GLU A C    4  
ATOM   714  O O    . GLU A 1 5  ? -0.962  4.608   -2.704  1.00 0.00 ? 5  GLU A O    4  
ATOM   715  C CB   . GLU A 1 5  ? -2.193  2.918   0.095   1.00 0.00 ? 5  GLU A CB   4  
ATOM   716  C CG   . GLU A 1 5  ? -3.267  1.906   0.496   1.00 0.00 ? 5  GLU A CG   4  
ATOM   717  C CD   . GLU A 1 5  ? -4.596  2.607   0.793   1.00 0.00 ? 5  GLU A CD   4  
ATOM   718  O OE1  . GLU A 1 5  ? -4.823  3.730   0.322   1.00 0.00 ? 5  GLU A OE1  4  
ATOM   719  H H    . GLU A 1 5  ? -0.027  2.598   -2.346  1.00 0.00 ? 5  GLU A H    4  
ATOM   720  H HA   . GLU A 1 5  ? -2.583  2.136   -1.869  1.00 0.00 ? 5  GLU A HA   4  
ATOM   721  H HB2  . GLU A 1 5  ? -1.290  2.747   0.681   1.00 0.00 ? 5  GLU A HB2  4  
ATOM   722  H HB3  . GLU A 1 5  ? -2.534  3.927   0.326   1.00 0.00 ? 5  GLU A HB3  4  
ATOM   723  H HG2  . GLU A 1 5  ? -3.406  1.181   -0.304  1.00 0.00 ? 5  GLU A HG2  4  
ATOM   724  H HG3  . GLU A 1 5  ? -2.940  1.353   1.377   1.00 0.00 ? 5  GLU A HG3  4  
HETATM 725  N N    . DTR A 1 6  ? -3.066  4.838   -1.909  1.00 0.00 ? 6  DTR A N    4  
HETATM 726  C CA   . DTR A 1 6  ? -3.262  6.153   -2.494  1.00 0.00 ? 6  DTR A CA   4  
HETATM 727  C CB   . DTR A 1 6  ? -3.263  5.994   -4.015  1.00 0.00 ? 6  DTR A CB   4  
HETATM 728  C CG   . DTR A 1 6  ? -4.383  5.097   -4.545  1.00 0.00 ? 6  DTR A CG   4  
HETATM 729  C CD1  . DTR A 1 6  ? -4.621  3.811   -4.250  1.00 0.00 ? 6  DTR A CD1  4  
HETATM 730  N NE1  . DTR A 1 6  ? -5.728  3.334   -4.923  1.00 0.00 ? 6  DTR A NE1  4  
HETATM 731  C CE2  . DTR A 1 6  ? -6.226  4.378   -5.696  1.00 0.00 ? 6  DTR A CE2  4  
HETATM 732  C CZ2  . DTR A 1 6  ? -7.331  4.397   -6.555  1.00 0.00 ? 6  DTR A CZ2  4  
HETATM 733  C CH2  . DTR A 1 6  ? -7.593  5.608   -7.205  1.00 0.00 ? 6  DTR A CH2  4  
HETATM 734  C CZ3  . DTR A 1 6  ? -6.768  6.704   -6.978  1.00 0.00 ? 6  DTR A CZ3  4  
HETATM 735  C CE3  . DTR A 1 6  ? -5.659  6.700   -6.122  1.00 0.00 ? 6  DTR A CE3  4  
HETATM 736  C CD2  . DTR A 1 6  ? -5.418  5.475   -5.479  1.00 0.00 ? 6  DTR A CD2  4  
HETATM 737  C C    . DTR A 1 6  ? -2.093  7.042   -2.062  1.00 0.00 ? 6  DTR A C    4  
HETATM 738  O O    . DTR A 1 6  ? -1.395  7.607   -2.904  1.00 0.00 ? 6  DTR A O    4  
HETATM 739  H H    . DTR A 1 6  ? -3.845  4.486   -1.390  1.00 0.00 ? 6  DTR A H    4  
HETATM 740  H HA   . DTR A 1 6  ? -4.232  6.564   -2.216  1.00 0.00 ? 6  DTR A HA   4  
HETATM 741  H HB2  . DTR A 1 6  ? -3.353  6.979   -4.473  1.00 0.00 ? 6  DTR A HB2  4  
HETATM 742  H HB3  . DTR A 1 6  ? -2.304  5.582   -4.328  1.00 0.00 ? 6  DTR A HB3  4  
HETATM 743  H HD1  . DTR A 1 6  ? -4.017  3.219   -3.563  1.00 0.00 ? 6  DTR A HD1  4  
HETATM 744  H HE1  . DTR A 1 6  ? -6.134  2.324   -4.862  1.00 0.00 ? 6  DTR A HE1  4  
HETATM 745  H HZ2  . DTR A 1 6  ? -7.955  3.516   -6.708  1.00 0.00 ? 6  DTR A HZ2  4  
HETATM 746  H HH2  . DTR A 1 6  ? -8.440  5.692   -7.887  1.00 0.00 ? 6  DTR A HH2  4  
HETATM 747  H HZ3  . DTR A 1 6  ? -7.002  7.631   -7.500  1.00 0.00 ? 6  DTR A HZ3  4  
HETATM 748  H HE3  . DTR A 1 6  ? -5.036  7.581   -5.969  1.00 0.00 ? 6  DTR A HE3  4  
HETATM 749  N N    . IAM A 1 7  ? -1.914  7.137   -0.753  1.00 0.00 ? 7  IAM A N    4  
HETATM 750  C CA   . IAM A 1 7  ? -0.841  7.947   -0.200  1.00 0.00 ? 7  IAM A CA   4  
HETATM 751  C CB   . IAM A 1 7  ? -1.497  9.137   0.503   1.00 0.00 ? 7  IAM A CB   4  
HETATM 752  C CG   . IAM A 1 7  ? -2.878  8.831   1.084   1.00 0.00 ? 7  IAM A CG   4  
HETATM 753  C CD1  . IAM A 1 7  ? -2.989  8.256   2.312   1.00 0.00 ? 7  IAM A CD1  4  
HETATM 754  C CE1  . IAM A 1 7  ? -4.272  7.973   2.853   1.00 0.00 ? 7  IAM A CE1  4  
HETATM 755  C CZ   . IAM A 1 7  ? -5.390  8.278   2.140   1.00 0.00 ? 7  IAM A CZ   4  
HETATM 756  C CE2  . IAM A 1 7  ? -5.280  8.854   0.913   1.00 0.00 ? 7  IAM A CE2  4  
HETATM 757  C CD2  . IAM A 1 7  ? -3.997  9.136   0.373   1.00 0.00 ? 7  IAM A CD2  4  
HETATM 758  C CT   . IAM A 1 7  ? -6.781  7.973   2.726   1.00 0.00 ? 7  IAM A CT   4  
HETATM 759  N NH   . IAM A 1 7  ? -7.038  8.874   3.871   1.00 0.00 ? 7  IAM A NH   4  
HETATM 760  C CI   . IAM A 1 7  ? -6.278  8.707   5.129   1.00 0.00 ? 7  IAM A CI   4  
HETATM 761  C CK1  . IAM A 1 7  ? -6.422  7.255   5.627   1.00 0.00 ? 7  IAM A CK1  4  
HETATM 762  C CK2  . IAM A 1 7  ? -6.806  9.674   6.203   1.00 0.00 ? 7  IAM A CK2  4  
HETATM 763  C C    . IAM A 1 7  ? -0.024  7.151   0.820   1.00 0.00 ? 7  IAM A C    4  
HETATM 764  O O    . IAM A 1 7  ? 1.202   7.235   0.838   1.00 0.00 ? 7  IAM A O    4  
HETATM 765  H H    . IAM A 1 7  ? -2.486  6.674   -0.077  1.00 0.00 ? 7  IAM A H    4  
HETATM 766  H HA   . IAM A 1 7  ? -0.198  8.240   -1.029  1.00 0.00 ? 7  IAM A HA   4  
HETATM 767  H HB   . IAM A 1 7  ? -0.843  9.473   1.307   1.00 0.00 ? 7  IAM A HB   4  
HETATM 768  H HB1  . IAM A 1 7  ? -1.584  9.960   -0.203  1.00 0.00 ? 7  IAM A HB1  4  
HETATM 769  H HD1  . IAM A 1 7  ? -2.092  8.010   2.882   1.00 0.00 ? 7  IAM A HD1  4  
HETATM 770  H HE1  . IAM A 1 7  ? -4.360  7.513   3.836   1.00 0.00 ? 7  IAM A HE1  4  
HETATM 771  H HE2  . IAM A 1 7  ? -6.176  9.099   0.343   1.00 0.00 ? 7  IAM A HE2  4  
HETATM 772  H HD2  . IAM A 1 7  ? -3.908  9.597   -0.610  1.00 0.00 ? 7  IAM A HD2  4  
HETATM 773  H HT1  . IAM A 1 7  ? -6.813  6.956   3.055   1.00 0.00 ? 7  IAM A HT1  4  
HETATM 774  H HT2  . IAM A 1 7  ? -7.528  8.132   1.974   1.00 0.00 ? 7  IAM A HT2  4  
HETATM 775  H HH   . IAM A 1 7  ? -7.747  9.618   3.791   1.00 0.00 ? 7  IAM A HH   4  
HETATM 776  H HI   . IAM A 1 7  ? -5.245  8.920   4.953   1.00 0.00 ? 7  IAM A HI   4  
HETATM 777  H HK11 . IAM A 1 7  ? -7.454  7.045   5.820   1.00 0.00 ? 7  IAM A HK11 4  
HETATM 778  H HK12 . IAM A 1 7  ? -6.057  6.584   4.878   1.00 0.00 ? 7  IAM A HK12 4  
HETATM 779  H HK13 . IAM A 1 7  ? -5.860  7.129   6.526   1.00 0.00 ? 7  IAM A HK13 4  
HETATM 780  H HK21 . IAM A 1 7  ? -6.368  9.428   7.150   1.00 0.00 ? 7  IAM A HK21 4  
HETATM 781  H HK22 . IAM A 1 7  ? -6.544  10.678  5.942   1.00 0.00 ? 7  IAM A HK22 4  
HETATM 782  H HK23 . IAM A 1 7  ? -7.870  9.587   6.272   1.00 0.00 ? 7  IAM A HK23 4  
ATOM   783  N N    . THR A 1 8  ? -0.738  6.398   1.644   1.00 0.00 ? 8  THR A N    4  
ATOM   784  C CA   . THR A 1 8  ? -0.095  5.588   2.665   1.00 0.00 ? 8  THR A CA   4  
ATOM   785  C C    . THR A 1 8  ? 0.772   4.507   2.019   1.00 0.00 ? 8  THR A C    4  
ATOM   786  O O    . THR A 1 8  ? 0.890   4.447   0.797   1.00 0.00 ? 8  THR A O    4  
ATOM   787  C CB   . THR A 1 8  ? -1.185  5.028   3.580   1.00 0.00 ? 8  THR A CB   4  
ATOM   788  O OG1  . THR A 1 8  ? -2.272  4.756   2.698   1.00 0.00 ? 8  THR A OG1  4  
ATOM   789  C CG2  . THR A 1 8  ? -1.740  6.079   4.543   1.00 0.00 ? 8  THR A CG2  4  
ATOM   790  H H    . THR A 1 8  ? -1.737  6.336   1.621   1.00 0.00 ? 8  THR A H    4  
ATOM   791  H HA   . THR A 1 8  ? 0.569   6.231   3.243   1.00 0.00 ? 8  THR A HA   4  
ATOM   792  H HB   . THR A 1 8  ? -0.825  4.153   4.123   1.00 0.00 ? 8  THR A HB   4  
ATOM   793  H HG1  . THR A 1 8  ? -2.162  3.852   2.289   1.00 0.00 ? 8  THR A HG1  4  
ATOM   794  H HG21 . THR A 1 8  ? -2.721  6.406   4.199   1.00 0.00 ? 8  THR A HG21 4  
ATOM   795  H HG22 . THR A 1 8  ? -1.830  5.647   5.539   1.00 0.00 ? 8  THR A HG22 4  
ATOM   796  H HG23 . THR A 1 8  ? -1.065  6.934   4.576   1.00 0.00 ? 8  THR A HG23 4  
ATOM   797  N N    . PHE A 1 9  ? 1.359   3.677   2.871   1.00 0.00 ? 9  PHE A N    4  
ATOM   798  C CA   . PHE A 1 9  ? 2.212   2.600   2.398   1.00 0.00 ? 9  PHE A CA   4  
ATOM   799  C C    . PHE A 1 9  ? 1.937   1.306   3.164   1.00 0.00 ? 9  PHE A C    4  
ATOM   800  O O    . PHE A 1 9  ? 2.838   0.493   3.364   1.00 0.00 ? 9  PHE A O    4  
ATOM   801  C CB   . PHE A 1 9  ? 3.658   3.031   2.652   1.00 0.00 ? 9  PHE A CB   4  
ATOM   802  C CG   . PHE A 1 9  ? 4.421   3.432   1.388   1.00 0.00 ? 9  PHE A CG   4  
ATOM   803  C CD1  . PHE A 1 9  ? 3.945   4.429   0.596   1.00 0.00 ? 9  PHE A CD1  4  
ATOM   804  C CD2  . PHE A 1 9  ? 5.573   2.791   1.056   1.00 0.00 ? 9  PHE A CD2  4  
ATOM   805  C CE1  . PHE A 1 9  ? 4.652   4.803   -0.578  1.00 0.00 ? 9  PHE A CE1  4  
ATOM   806  C CE2  . PHE A 1 9  ? 6.280   3.163   -0.119  1.00 0.00 ? 9  PHE A CE2  4  
ATOM   807  C CZ   . PHE A 1 9  ? 5.805   4.162   -0.911  1.00 0.00 ? 9  PHE A CZ   4  
ATOM   808  H H    . PHE A 1 9  ? 1.259   3.733   3.864   1.00 0.00 ? 9  PHE A H    4  
ATOM   809  H HA   . PHE A 1 9  ? 1.991   2.451   1.341   1.00 0.00 ? 9  PHE A HA   4  
ATOM   810  H HB3  . PHE A 1 9  ? 4.188   2.215   3.141   1.00 0.00 ? 9  PHE A HB3  4  
ATOM   811  H HD1  . PHE A 1 9  ? 3.022   4.945   0.861   1.00 0.00 ? 9  PHE A HD1  4  
ATOM   812  H HD2  . PHE A 1 9  ? 5.954   1.990   1.691   1.00 0.00 ? 9  PHE A HD2  4  
ATOM   813  H HE1  . PHE A 1 9  ? 4.272   5.602   -1.214  1.00 0.00 ? 9  PHE A HE1  4  
ATOM   814  H HE2  . PHE A 1 9  ? 7.203   2.648   -0.383  1.00 0.00 ? 9  PHE A HE2  4  
ATOM   815  H HZ   . PHE A 1 9  ? 6.347   4.446   -1.812  1.00 0.00 ? 9  PHE A HZ   4  
HETATM 816  N N    . HHK A 1 10 ? 0.687   1.154   3.574   1.00 0.00 ? 10 HHK A N    4  
HETATM 817  C CA   . HHK A 1 10 ? 0.280   -0.028  4.314   1.00 0.00 ? 10 HHK A CA   4  
HETATM 818  C CB   . HHK A 1 10 ? -1.067  0.206   5.001   1.00 0.00 ? 10 HHK A CB   4  
HETATM 819  C CG   . HHK A 1 10 ? -0.878  0.890   6.357   1.00 0.00 ? 10 HHK A CG   4  
HETATM 820  C CD   . HHK A 1 10 ? -1.490  2.292   6.353   1.00 0.00 ? 10 HHK A CD   4  
HETATM 821  C CE   . HHK A 1 10 ? -2.942  2.257   5.871   1.00 0.00 ? 10 HHK A CE   4  
HETATM 822  C CZ   . HHK A 1 10 ? -3.047  2.916   4.484   1.00 0.00 ? 10 HHK A CZ   4  
HETATM 823  C CT   . HHK A 1 10 ? -4.280  2.368   3.745   1.00 0.00 ? 10 HHK A CT   4  
HETATM 824  N NH   . HHK A 1 10 ? -4.766  3.377   2.778   1.00 0.00 ? 10 HHK A NH   4  
HETATM 825  C C    . HHK A 1 10 ? 0.290   -1.240  3.380   1.00 0.00 ? 10 HHK A C    4  
HETATM 826  O O    . HHK A 1 10 ? -0.744  -1.870  3.162   1.00 0.00 ? 10 HHK A O    4  
HETATM 827  H H    . HHK A 1 10 ? -0.041  1.820   3.408   1.00 0.00 ? 10 HHK A H    4  
HETATM 828  H HA   . HHK A 1 10 ? 1.018   -0.192  5.099   1.00 0.00 ? 10 HHK A HA   4  
HETATM 829  H HB2  . HHK A 1 10 ? -1.703  0.821   4.364   1.00 0.00 ? 10 HHK A HB2  4  
HETATM 830  H HB3  . HHK A 1 10 ? -1.580  -0.745  5.138   1.00 0.00 ? 10 HHK A HB3  4  
HETATM 831  H HG2  . HHK A 1 10 ? -1.345  0.289   7.140   1.00 0.00 ? 10 HHK A HG2  4  
HETATM 832  H HG3  . HHK A 1 10 ? 0.183   0.953   6.592   1.00 0.00 ? 10 HHK A HG3  4  
HETATM 833  H HD2  . HHK A 1 10 ? -1.446  2.715   7.357   1.00 0.00 ? 10 HHK A HD2  4  
HETATM 834  H HD3  . HHK A 1 10 ? -0.903  2.947   5.706   1.00 0.00 ? 10 HHK A HD3  4  
HETATM 835  H HE2  . HHK A 1 10 ? -3.290  1.227   5.824   1.00 0.00 ? 10 HHK A HE2  4  
HETATM 836  H HE3  . HHK A 1 10 ? -3.580  2.778   6.583   1.00 0.00 ? 10 HHK A HE3  4  
HETATM 837  H HZ2  . HHK A 1 10 ? -3.141  3.976   4.600   1.00 0.00 ? 10 HHK A HZ2  4  
HETATM 838  H HZ3  . HHK A 1 10 ? -2.164  2.698   3.916   1.00 0.00 ? 10 HHK A HZ3  4  
HETATM 839  H HT2  . HHK A 1 10 ? -4.012  1.473   3.224   1.00 0.00 ? 10 HHK A HT2  4  
HETATM 840  H HT1  . HHK A 1 10 ? -5.052  2.150   4.454   1.00 0.00 ? 10 HHK A HT1  4  
HETATM 841  H HH2  . HHK A 1 10 ? -4.069  4.100   2.668   1.00 0.00 ? 10 HHK A HH2  4  
ATOM   842  N N    . SER A 1 11 ? 1.469   -1.527  2.850   1.00 0.00 ? 11 SER A N    4  
ATOM   843  C CA   . SER A 1 11 ? 1.628   -2.652  1.943   1.00 0.00 ? 11 SER A CA   4  
ATOM   844  C C    . SER A 1 11 ? 1.542   -3.968  2.719   1.00 0.00 ? 11 SER A C    4  
ATOM   845  O O    . SER A 1 11 ? 2.257   -4.161  3.701   1.00 0.00 ? 11 SER A O    4  
ATOM   846  C CB   . SER A 1 11 ? 2.958   -2.567  1.188   1.00 0.00 ? 11 SER A CB   4  
ATOM   847  O OG   . SER A 1 11 ? 4.011   -2.081  2.014   1.00 0.00 ? 11 SER A OG   4  
ATOM   848  H H    . SER A 1 11 ? 2.306   -1.010  3.032   1.00 0.00 ? 11 SER A H    4  
ATOM   849  H HA   . SER A 1 11 ? 0.803   -2.571  1.236   1.00 0.00 ? 11 SER A HA   4  
ATOM   850  H HB3  . SER A 1 11 ? 2.841   -1.912  0.325   1.00 0.00 ? 11 SER A HB3  4  
ATOM   851  H HG   . SER A 1 11 ? 4.443   -2.840  2.499   1.00 0.00 ? 11 SER A HG   4  
ATOM   852  N N    . CYS A 1 12 ? 0.663   -4.838  2.250   1.00 0.00 ? 12 CYS A N    4  
ATOM   853  C CA   . CYS A 1 12 ? 0.473   -6.131  2.888   1.00 0.00 ? 12 CYS A CA   4  
ATOM   854  C C    . CYS A 1 12 ? -0.198  -5.901  4.244   1.00 0.00 ? 12 CYS A C    4  
ATOM   855  O O    . CYS A 1 12 ? 0.295   -6.370  5.271   1.00 0.00 ? 12 CYS A O    4  
ATOM   856  C CB   . CYS A 1 12 ? 1.792   -6.892  3.024   1.00 0.00 ? 12 CYS A CB   4  
ATOM   857  S SG   . CYS A 1 12 ? 3.045   -6.489  1.753   1.00 0.00 ? 12 CYS A SG   4  
ATOM   858  H H    . CYS A 1 12 ? 0.085   -4.674  1.452   1.00 0.00 ? 12 CYS A H    4  
ATOM   859  H HA   . CYS A 1 12 ? -0.172  -6.713  2.231   1.00 0.00 ? 12 CYS A HA   4  
ATOM   860  H HB3  . CYS A 1 12 ? 1.585   -7.961  2.984   1.00 0.00 ? 12 CYS A HB3  4  
ATOM   861  N N    . TYR A 1 1  ? -1.098  -8.937  -5.214  1.00 0.00 ? 1  TYR A N    5  
ATOM   862  C CA   . TYR A 1 1  ? -0.041  -8.090  -4.689  1.00 0.00 ? 1  TYR A CA   5  
ATOM   863  C C    . TYR A 1 1  ? -0.470  -7.420  -3.382  1.00 0.00 ? 1  TYR A C    5  
ATOM   864  O O    . TYR A 1 1  ? -1.646  -7.451  -3.021  1.00 0.00 ? 1  TYR A O    5  
ATOM   865  C CB   . TYR A 1 1  ? 0.198   -7.010  -5.747  1.00 0.00 ? 1  TYR A CB   5  
ATOM   866  C CG   . TYR A 1 1  ? 0.056   -7.505  -7.187  1.00 0.00 ? 1  TYR A CG   5  
ATOM   867  C CD1  . TYR A 1 1  ? -1.190  -7.548  -7.781  1.00 0.00 ? 1  TYR A CD1  5  
ATOM   868  C CD2  . TYR A 1 1  ? 1.171   -7.911  -7.891  1.00 0.00 ? 1  TYR A CD2  5  
ATOM   869  C CE1  . TYR A 1 1  ? -1.323  -8.013  -9.137  1.00 0.00 ? 1  TYR A CE1  5  
ATOM   870  C CE2  . TYR A 1 1  ? 1.035   -8.377  -9.246  1.00 0.00 ? 1  TYR A CE2  5  
ATOM   871  C CZ   . TYR A 1 1  ? -0.204  -8.407  -9.802  1.00 0.00 ? 1  TYR A CZ   5  
ATOM   872  O OH   . TYR A 1 1  ? -0.332  -8.848  -11.083 1.00 0.00 ? 1  TYR A OH   5  
ATOM   873  H H1   . TYR A 1 1  ? -1.953  -8.462  -5.426  1.00 0.00 ? 1  TYR A H1   5  
ATOM   874  H HA   . TYR A 1 1  ? 0.829   -8.717  -4.498  1.00 0.00 ? 1  TYR A HA   5  
ATOM   875  H HB3  . TYR A 1 1  ? 1.199   -6.599  -5.612  1.00 0.00 ? 1  TYR A HB3  5  
ATOM   876  H HD1  . TYR A 1 1  ? -2.070  -7.227  -7.225  1.00 0.00 ? 1  TYR A HD1  5  
ATOM   877  H HD2  . TYR A 1 1  ? 2.154   -7.877  -7.422  1.00 0.00 ? 1  TYR A HD2  5  
ATOM   878  H HE1  . TYR A 1 1  ? -2.300  -8.053  -9.619  1.00 0.00 ? 1  TYR A HE1  5  
ATOM   879  H HE2  . TYR A 1 1  ? 1.908   -8.701  -9.813  1.00 0.00 ? 1  TYR A HE2  5  
ATOM   880  H HH   . TYR A 1 1  ? -1.036  -8.320  -11.558 1.00 0.00 ? 1  TYR A HH   5  
ATOM   881  N N    . CYS A 1 2  ? 0.507   -6.832  -2.707  1.00 0.00 ? 2  CYS A N    5  
ATOM   882  C CA   . CYS A 1 2  ? 0.245   -6.156  -1.448  1.00 0.00 ? 2  CYS A CA   5  
ATOM   883  C C    . CYS A 1 2  ? -0.150  -4.710  -1.751  1.00 0.00 ? 2  CYS A C    5  
ATOM   884  O O    . CYS A 1 2  ? -1.041  -4.158  -1.108  1.00 0.00 ? 2  CYS A O    5  
ATOM   885  C CB   . CYS A 1 2  ? 1.445   -6.233  -0.503  1.00 0.00 ? 2  CYS A CB   5  
ATOM   886  S SG   . CYS A 1 2  ? 1.454   -7.688  0.608   1.00 0.00 ? 2  CYS A SG   5  
ATOM   887  H H    . CYS A 1 2  ? 1.460   -6.811  -3.007  1.00 0.00 ? 2  CYS A H    5  
ATOM   888  H HA   . CYS A 1 2  ? -0.578  -6.691  -0.972  1.00 0.00 ? 2  CYS A HA   5  
ATOM   889  H HB3  . CYS A 1 2  ? 1.471   -5.329  0.104   1.00 0.00 ? 2  CYS A HB3  5  
ATOM   890  N N    . LYS A 1 3  ? 0.532   -4.137  -2.732  1.00 0.00 ? 3  LYS A N    5  
ATOM   891  C CA   . LYS A 1 3  ? 0.264   -2.766  -3.128  1.00 0.00 ? 3  LYS A CA   5  
ATOM   892  C C    . LYS A 1 3  ? 0.429   -1.846  -1.915  1.00 0.00 ? 3  LYS A C    5  
ATOM   893  O O    . LYS A 1 3  ? 0.446   -2.313  -0.777  1.00 0.00 ? 3  LYS A O    5  
ATOM   894  C CB   . LYS A 1 3  ? -1.109  -2.659  -3.797  1.00 0.00 ? 3  LYS A CB   5  
ATOM   895  C CG   . LYS A 1 3  ? -2.110  -1.948  -2.884  1.00 0.00 ? 3  LYS A CG   5  
ATOM   896  C CD   . LYS A 1 3  ? -3.507  -1.940  -3.507  1.00 0.00 ? 3  LYS A CD   5  
ATOM   897  C CE   . LYS A 1 3  ? -4.500  -1.192  -2.613  1.00 0.00 ? 3  LYS A CE   5  
ATOM   898  N NZ   . LYS A 1 3  ? -5.368  -0.311  -3.426  1.00 0.00 ? 3  LYS A NZ   5  
ATOM   899  H H    . LYS A 1 3  ? 1.254   -4.593  -3.250  1.00 0.00 ? 3  LYS A H    5  
ATOM   900  H HA   . LYS A 1 3  ? 1.008   -2.489  -3.875  1.00 0.00 ? 3  LYS A HA   5  
ATOM   901  H HB3  . LYS A 1 3  ? -1.476  -3.656  -4.040  1.00 0.00 ? 3  LYS A HB3  5  
ATOM   902  H HG3  . LYS A 1 3  ? -1.780  -0.924  -2.707  1.00 0.00 ? 3  LYS A HG3  5  
ATOM   903  H HD3  . LYS A 1 3  ? -3.848  -2.964  -3.657  1.00 0.00 ? 3  LYS A HD3  5  
ATOM   904  H HE3  . LYS A 1 3  ? -3.961  -0.600  -1.875  1.00 0.00 ? 3  LYS A HE3  5  
ATOM   905  H HZ1  . LYS A 1 3  ? -5.165  -0.389  -4.417  1.00 0.00 ? 3  LYS A HZ1  5  
ATOM   906  H HZ2  . LYS A 1 3  ? -6.350  -0.532  -3.310  1.00 0.00 ? 3  LYS A HZ2  5  
ATOM   907  N N    . PHE A 1 4  ? 0.548   -0.559  -2.201  1.00 0.00 ? 4  PHE A N    5  
ATOM   908  C CA   . PHE A 1 4  ? 0.712   0.430   -1.149  1.00 0.00 ? 4  PHE A CA   5  
ATOM   909  C C    . PHE A 1 4  ? -0.609  1.151   -0.864  1.00 0.00 ? 4  PHE A C    5  
ATOM   910  O O    . PHE A 1 4  ? -1.371  0.738   0.007   1.00 0.00 ? 4  PHE A O    5  
ATOM   911  C CB   . PHE A 1 4  ? 1.739   1.448   -1.646  1.00 0.00 ? 4  PHE A CB   5  
ATOM   912  C CG   . PHE A 1 4  ? 3.192   0.996   -1.479  1.00 0.00 ? 4  PHE A CG   5  
ATOM   913  C CD1  . PHE A 1 4  ? 3.657   0.642   -0.251  1.00 0.00 ? 4  PHE A CD1  5  
ATOM   914  C CD2  . PHE A 1 4  ? 4.017   0.950   -2.558  1.00 0.00 ? 4  PHE A CD2  5  
ATOM   915  C CE1  . PHE A 1 4  ? 5.006   0.225   -0.095  1.00 0.00 ? 4  PHE A CE1  5  
ATOM   916  C CE2  . PHE A 1 4  ? 5.365   0.532   -2.404  1.00 0.00 ? 4  PHE A CE2  5  
ATOM   917  C CZ   . PHE A 1 4  ? 5.831   0.177   -1.176  1.00 0.00 ? 4  PHE A CZ   5  
ATOM   918  H H    . PHE A 1 4  ? 0.534   -0.188  -3.129  1.00 0.00 ? 4  PHE A H    5  
ATOM   919  H HA   . PHE A 1 4  ? 1.031   -0.102  -0.253  1.00 0.00 ? 4  PHE A HA   5  
ATOM   920  H HB3  . PHE A 1 4  ? 1.597   2.385   -1.108  1.00 0.00 ? 4  PHE A HB3  5  
ATOM   921  H HD1  . PHE A 1 4  ? 2.996   0.680   0.615   1.00 0.00 ? 4  PHE A HD1  5  
ATOM   922  H HD2  . PHE A 1 4  ? 3.644   1.233   -3.542  1.00 0.00 ? 4  PHE A HD2  5  
ATOM   923  H HE1  . PHE A 1 4  ? 5.378   -0.059  0.887   1.00 0.00 ? 4  PHE A HE1  5  
ATOM   924  H HE2  . PHE A 1 4  ? 6.028   0.494   -3.269  1.00 0.00 ? 4  PHE A HE2  5  
ATOM   925  H HZ   . PHE A 1 4  ? 6.866   -0.143  -1.056  1.00 0.00 ? 4  PHE A HZ   5  
ATOM   926  N N    . GLU A 1 5  ? -0.835  2.219   -1.617  1.00 0.00 ? 5  GLU A N    5  
ATOM   927  C CA   . GLU A 1 5  ? -2.047  3.001   -1.455  1.00 0.00 ? 5  GLU A CA   5  
ATOM   928  C C    . GLU A 1 5  ? -1.893  4.364   -2.134  1.00 0.00 ? 5  GLU A C    5  
ATOM   929  O O    . GLU A 1 5  ? -0.845  4.662   -2.706  1.00 0.00 ? 5  GLU A O    5  
ATOM   930  C CB   . GLU A 1 5  ? -2.405  3.164   0.023   1.00 0.00 ? 5  GLU A CB   5  
ATOM   931  C CG   . GLU A 1 5  ? -3.668  2.372   0.372   1.00 0.00 ? 5  GLU A CG   5  
ATOM   932  C CD   . GLU A 1 5  ? -3.320  1.091   1.130   1.00 0.00 ? 5  GLU A CD   5  
ATOM   933  O OE1  . GLU A 1 5  ? -3.505  -0.015  0.599   1.00 0.00 ? 5  GLU A OE1  5  
ATOM   934  H H    . GLU A 1 5  ? -0.208  2.548   -2.322  1.00 0.00 ? 5  GLU A H    5  
ATOM   935  H HA   . GLU A 1 5  ? -2.831  2.428   -1.953  1.00 0.00 ? 5  GLU A HA   5  
ATOM   936  H HB2  . GLU A 1 5  ? -1.576  2.822   0.642   1.00 0.00 ? 5  GLU A HB2  5  
ATOM   937  H HB3  . GLU A 1 5  ? -2.559  4.219   0.251   1.00 0.00 ? 5  GLU A HB3  5  
ATOM   938  H HG2  . GLU A 1 5  ? -4.332  2.989   0.979   1.00 0.00 ? 5  GLU A HG2  5  
ATOM   939  H HG3  . GLU A 1 5  ? -4.209  2.125   -0.540  1.00 0.00 ? 5  GLU A HG3  5  
HETATM 940  N N    . DTR A 1 6  ? -2.952  5.157   -2.050  1.00 0.00 ? 6  DTR A N    5  
HETATM 941  C CA   . DTR A 1 6  ? -2.948  6.481   -2.650  1.00 0.00 ? 6  DTR A CA   5  
HETATM 942  C CB   . DTR A 1 6  ? -2.660  6.315   -4.143  1.00 0.00 ? 6  DTR A CB   5  
HETATM 943  C CG   . DTR A 1 6  ? -3.558  5.294   -4.843  1.00 0.00 ? 6  DTR A CG   5  
HETATM 944  C CD1  . DTR A 1 6  ? -3.368  3.974   -4.963  1.00 0.00 ? 6  DTR A CD1  5  
HETATM 945  N NE1  . DTR A 1 6  ? -4.396  3.376   -5.662  1.00 0.00 ? 6  DTR A NE1  5  
HETATM 946  C CE2  . DTR A 1 6  ? -5.299  4.375   -6.009  1.00 0.00 ? 6  DTR A CE2  5  
HETATM 947  C CZ2  . DTR A 1 6  ? -6.499  4.279   -6.721  1.00 0.00 ? 6  DTR A CZ2  5  
HETATM 948  C CH2  . DTR A 1 6  ? -7.204  5.472   -6.918  1.00 0.00 ? 6  DTR A CH2  5  
HETATM 949  C CZ3  . DTR A 1 6  ? -6.695  6.664   -6.415  1.00 0.00 ? 6  DTR A CZ3  5  
HETATM 950  C CE3  . DTR A 1 6  ? -5.495  6.777   -5.701  1.00 0.00 ? 6  DTR A CE3  5  
HETATM 951  C CD2  . DTR A 1 6  ? -4.805  5.565   -5.515  1.00 0.00 ? 6  DTR A CD2  5  
HETATM 952  C C    . DTR A 1 6  ? -1.834  7.294   -1.989  1.00 0.00 ? 6  DTR A C    5  
HETATM 953  O O    . DTR A 1 6  ? -0.923  7.770   -2.665  1.00 0.00 ? 6  DTR A O    5  
HETATM 954  H H    . DTR A 1 6  ? -3.801  4.907   -1.586  1.00 0.00 ? 6  DTR A H    5  
HETATM 955  H HA   . DTR A 1 6  ? -3.927  6.951   -2.566  1.00 0.00 ? 6  DTR A HA   5  
HETATM 956  H HB2  . DTR A 1 6  ? -2.776  7.283   -4.634  1.00 0.00 ? 6  DTR A HB2  5  
HETATM 957  H HB3  . DTR A 1 6  ? -1.619  6.016   -4.271  1.00 0.00 ? 6  DTR A HB3  5  
HETATM 958  H HD1  . DTR A 1 6  ? -2.509  3.438   -4.560  1.00 0.00 ? 6  DTR A HD1  5  
HETATM 959  H HE1  . DTR A 1 6  ? -4.485  2.315   -5.899  1.00 0.00 ? 6  DTR A HE1  5  
HETATM 960  H HZ2  . DTR A 1 6  ? -6.868  3.325   -7.101  1.00 0.00 ? 6  DTR A HZ2  5  
HETATM 961  H HH2  . DTR A 1 6  ? -8.147  5.468   -7.464  1.00 0.00 ? 6  DTR A HH2  5  
HETATM 962  H HZ3  . DTR A 1 6  ? -7.268  7.574   -6.589  1.00 0.00 ? 6  DTR A HZ3  5  
HETATM 963  H HE3  . DTR A 1 6  ? -5.127  7.729   -5.322  1.00 0.00 ? 6  DTR A HE3  5  
HETATM 964  N N    . IAM A 1 7  ? -1.942  7.428   -0.675  1.00 0.00 ? 7  IAM A N    5  
HETATM 965  C CA   . IAM A 1 7  ? -0.956  8.176   0.086   1.00 0.00 ? 7  IAM A CA   5  
HETATM 966  C CB   . IAM A 1 7  ? -1.716  9.242   0.877   1.00 0.00 ? 7  IAM A CB   5  
HETATM 967  C CG   . IAM A 1 7  ? -3.036  8.751   1.473   1.00 0.00 ? 7  IAM A CG   5  
HETATM 968  C CD1  . IAM A 1 7  ? -3.093  8.361   2.775   1.00 0.00 ? 7  IAM A CD1  5  
HETATM 969  C CE1  . IAM A 1 7  ? -4.318  7.904   3.328   1.00 0.00 ? 7  IAM A CE1  5  
HETATM 970  C CZ   . IAM A 1 7  ? -5.436  7.858   2.556   1.00 0.00 ? 7  IAM A CZ   5  
HETATM 971  C CE2  . IAM A 1 7  ? -5.380  8.247   1.254   1.00 0.00 ? 7  IAM A CE2  5  
HETATM 972  C CD2  . IAM A 1 7  ? -4.154  8.703   0.702   1.00 0.00 ? 7  IAM A CD2  5  
HETATM 973  C CT   . IAM A 1 7  ? -6.766  7.366   3.155   1.00 0.00 ? 7  IAM A CT   5  
HETATM 974  N NH   . IAM A 1 7  ? -7.893  7.997   2.435   1.00 0.00 ? 7  IAM A NH   5  
HETATM 975  C CI   . IAM A 1 7  ? -8.621  7.240   1.392   1.00 0.00 ? 7  IAM A CI   5  
HETATM 976  C CK1  . IAM A 1 7  ? -9.727  8.127   0.794   1.00 0.00 ? 7  IAM A CK1  5  
HETATM 977  C CK2  . IAM A 1 7  ? -9.248  5.973   1.999   1.00 0.00 ? 7  IAM A CK2  5  
HETATM 978  C C    . IAM A 1 7  ? -0.211  7.265   1.063   1.00 0.00 ? 7  IAM A C    5  
HETATM 979  O O    . IAM A 1 7  ? 0.957   7.499   1.369   1.00 0.00 ? 7  IAM A O    5  
HETATM 980  H H    . IAM A 1 7  ? -2.685  7.036   -0.132  1.00 0.00 ? 7  IAM A H    5  
HETATM 981  H HA   . IAM A 1 7  ? -0.247  8.596   -0.629  1.00 0.00 ? 7  IAM A HA   5  
HETATM 982  H HB   . IAM A 1 7  ? -1.077  9.602   1.685   1.00 0.00 ? 7  IAM A HB   5  
HETATM 983  H HB1  . IAM A 1 7  ? -1.916  10.091  0.226   1.00 0.00 ? 7  IAM A HB1  5  
HETATM 984  H HD1  . IAM A 1 7  ? -2.195  8.397   3.394   1.00 0.00 ? 7  IAM A HD1  5  
HETATM 985  H HE1  . IAM A 1 7  ? -4.363  7.594   4.372   1.00 0.00 ? 7  IAM A HE1  5  
HETATM 986  H HE2  . IAM A 1 7  ? -6.278  8.210   0.635   1.00 0.00 ? 7  IAM A HE2  5  
HETATM 987  H HD2  . IAM A 1 7  ? -4.111  9.015   -0.342  1.00 0.00 ? 7  IAM A HD2  5  
HETATM 988  H HT1  . IAM A 1 7  ? -6.809  7.632   4.192   1.00 0.00 ? 7  IAM A HT1  5  
HETATM 989  H HT2  . IAM A 1 7  ? -6.830  6.300   3.056   1.00 0.00 ? 7  IAM A HT2  5  
HETATM 990  H HH   . IAM A 1 7  ? -8.170  8.963   2.659   1.00 0.00 ? 7  IAM A HH   5  
HETATM 991  H HI   . IAM A 1 7  ? -7.939  6.951   0.620   1.00 0.00 ? 7  IAM A HI   5  
HETATM 992  H HK11 . IAM A 1 7  ? -10.419 8.404   1.564   1.00 0.00 ? 7  IAM A HK11 5  
HETATM 993  H HK12 . IAM A 1 7  ? -9.291  9.008   0.372   1.00 0.00 ? 7  IAM A HK12 5  
HETATM 994  H HK13 . IAM A 1 7  ? -10.245 7.585   0.028   1.00 0.00 ? 7  IAM A HK13 5  
HETATM 995  H HK21 . IAM A 1 7  ? -8.805  5.775   2.952   1.00 0.00 ? 7  IAM A HK21 5  
HETATM 996  H HK22 . IAM A 1 7  ? -10.302 6.118   2.120   1.00 0.00 ? 7  IAM A HK22 5  
HETATM 997  H HK23 . IAM A 1 7  ? -9.078  5.141   1.346   1.00 0.00 ? 7  IAM A HK23 5  
ATOM   998  N N    . THR A 1 8  ? -0.918  6.245   1.527   1.00 0.00 ? 8  THR A N    5  
ATOM   999  C CA   . THR A 1 8  ? -0.338  5.297   2.463   1.00 0.00 ? 8  THR A CA   5  
ATOM   1000 C C    . THR A 1 8  ? 0.487   4.248   1.718   1.00 0.00 ? 8  THR A C    5  
ATOM   1001 O O    . THR A 1 8  ? 0.272   4.011   0.529   1.00 0.00 ? 8  THR A O    5  
ATOM   1002 C CB   . THR A 1 8  ? -1.475  4.699   3.295   1.00 0.00 ? 8  THR A CB   5  
ATOM   1003 O OG1  . THR A 1 8  ? -2.590  4.698   2.409   1.00 0.00 ? 8  THR A OG1  5  
ATOM   1004 C CG2  . THR A 1 8  ? -1.909  5.616   4.440   1.00 0.00 ? 8  THR A CG2  5  
ATOM   1005 H H    . THR A 1 8  ? -1.866  6.060   1.273   1.00 0.00 ? 8  THR A H    5  
ATOM   1006 H HA   . THR A 1 8  ? 0.348   5.835   3.117   1.00 0.00 ? 8  THR A HA   5  
ATOM   1007 H HB   . THR A 1 8  ? -1.205  3.711   3.669   1.00 0.00 ? 8  THR A HB   5  
ATOM   1008 H HG1  . THR A 1 8  ? -2.981  3.780   2.352   1.00 0.00 ? 8  THR A HG1  5  
ATOM   1009 H HG21 . THR A 1 8  ? -1.032  5.925   5.011   1.00 0.00 ? 8  THR A HG21 5  
ATOM   1010 H HG22 . THR A 1 8  ? -2.405  6.497   4.032   1.00 0.00 ? 8  THR A HG22 5  
ATOM   1011 H HG23 . THR A 1 8  ? -2.597  5.082   5.093   1.00 0.00 ? 8  THR A HG23 5  
ATOM   1012 N N    . PHE A 1 9  ? 1.415   3.642   2.445   1.00 0.00 ? 9  PHE A N    5  
ATOM   1013 C CA   . PHE A 1 9  ? 2.272   2.623   1.868   1.00 0.00 ? 9  PHE A CA   5  
ATOM   1014 C C    . PHE A 1 9  ? 2.430   1.434   2.819   1.00 0.00 ? 9  PHE A C    5  
ATOM   1015 O O    . PHE A 1 9  ? 3.474   0.784   2.840   1.00 0.00 ? 9  PHE A O    5  
ATOM   1016 C CB   . PHE A 1 9  ? 3.642   3.264   1.644   1.00 0.00 ? 9  PHE A CB   5  
ATOM   1017 C CG   . PHE A 1 9  ? 4.004   3.469   0.172   1.00 0.00 ? 9  PHE A CG   5  
ATOM   1018 C CD1  . PHE A 1 9  ? 3.168   4.168   -0.643  1.00 0.00 ? 9  PHE A CD1  5  
ATOM   1019 C CD2  . PHE A 1 9  ? 5.158   2.947   -0.325  1.00 0.00 ? 9  PHE A CD2  5  
ATOM   1020 C CE1  . PHE A 1 9  ? 3.502   4.356   -2.010  1.00 0.00 ? 9  PHE A CE1  5  
ATOM   1021 C CE2  . PHE A 1 9  ? 5.491   3.136   -1.693  1.00 0.00 ? 9  PHE A CE2  5  
ATOM   1022 C CZ   . PHE A 1 9  ? 4.655   3.836   -2.505  1.00 0.00 ? 9  PHE A CZ   5  
ATOM   1023 H H    . PHE A 1 9  ? 1.583   3.839   3.411   1.00 0.00 ? 9  PHE A H    5  
ATOM   1024 H HA   . PHE A 1 9  ? 1.801   2.287   0.946   1.00 0.00 ? 9  PHE A HA   5  
ATOM   1025 H HB3  . PHE A 1 9  ? 4.407   2.641   2.110   1.00 0.00 ? 9  PHE A HB3  5  
ATOM   1026 H HD1  . PHE A 1 9  ? 2.243   4.587   -0.243  1.00 0.00 ? 9  PHE A HD1  5  
ATOM   1027 H HD2  . PHE A 1 9  ? 5.825   2.384   0.327   1.00 0.00 ? 9  PHE A HD2  5  
ATOM   1028 H HE1  . PHE A 1 9  ? 2.833   4.919   -2.661  1.00 0.00 ? 9  PHE A HE1  5  
ATOM   1029 H HE2  . PHE A 1 9  ? 6.415   2.718   -2.090  1.00 0.00 ? 9  PHE A HE2  5  
ATOM   1030 H HZ   . PHE A 1 9  ? 4.912   3.981   -3.555  1.00 0.00 ? 9  PHE A HZ   5  
HETATM 1031 N N    . HHK A 1 10 ? 1.377   1.187   3.584   1.00 0.00 ? 10 HHK A N    5  
HETATM 1032 C CA   . HHK A 1 10 ? 1.383   0.089   4.535   1.00 0.00 ? 10 HHK A CA   5  
HETATM 1033 C CB   . HHK A 1 10 ? 0.007   -0.066  5.186   1.00 0.00 ? 10 HHK A CB   5  
HETATM 1034 C CG   . HHK A 1 10 ? -0.134  0.863   6.394   1.00 0.00 ? 10 HHK A CG   5  
HETATM 1035 C CD   . HHK A 1 10 ? -1.134  1.985   6.109   1.00 0.00 ? 10 HHK A CD   5  
HETATM 1036 C CE   . HHK A 1 10 ? -2.473  1.419   5.631   1.00 0.00 ? 10 HHK A CE   5  
HETATM 1037 C CZ   . HHK A 1 10 ? -2.643  1.683   4.124   1.00 0.00 ? 10 HHK A CZ   5  
HETATM 1038 C CT   . HHK A 1 10 ? -3.433  0.527   3.485   1.00 0.00 ? 10 HHK A CT   5  
HETATM 1039 N NH   . HHK A 1 10 ? -4.635  1.064   2.812   1.00 0.00 ? 10 HHK A NH   5  
HETATM 1040 C C    . HHK A 1 10 ? 1.879   -1.180  3.838   1.00 0.00 ? 10 HHK A C    5  
HETATM 1041 O O    . HHK A 1 10 ? 2.967   -1.673  4.137   1.00 0.00 ? 10 HHK A O    5  
HETATM 1042 H H    . HHK A 1 10 ? 0.530   1.719   3.563   1.00 0.00 ? 10 HHK A H    5  
HETATM 1043 H HA   . HHK A 1 10 ? 2.087   0.346   5.328   1.00 0.00 ? 10 HHK A HA   5  
HETATM 1044 H HB2  . HHK A 1 10 ? -0.773  0.158   4.458   1.00 0.00 ? 10 HHK A HB2  5  
HETATM 1045 H HB3  . HHK A 1 10 ? -0.138  -1.101  5.499   1.00 0.00 ? 10 HHK A HB3  5  
HETATM 1046 H HG2  . HHK A 1 10 ? -0.463  0.290   7.261   1.00 0.00 ? 10 HHK A HG2  5  
HETATM 1047 H HG3  . HHK A 1 10 ? 0.837   1.291   6.645   1.00 0.00 ? 10 HHK A HG3  5  
HETATM 1048 H HD2  . HHK A 1 10 ? -1.288  2.577   7.010   1.00 0.00 ? 10 HHK A HD2  5  
HETATM 1049 H HD3  . HHK A 1 10 ? -0.727  2.655   5.353   1.00 0.00 ? 10 HHK A HD3  5  
HETATM 1050 H HE2  . HHK A 1 10 ? -2.514  0.348   5.831   1.00 0.00 ? 10 HHK A HE2  5  
HETATM 1051 H HE3  . HHK A 1 10 ? -3.287  1.879   6.186   1.00 0.00 ? 10 HHK A HE3  5  
HETATM 1052 H HZ2  . HHK A 1 10 ? -3.170  2.601   3.982   1.00 0.00 ? 10 HHK A HZ2  5  
HETATM 1053 H HZ3  . HHK A 1 10 ? -1.678  1.753   3.662   1.00 0.00 ? 10 HHK A HZ3  5  
HETATM 1054 H HT2  . HHK A 1 10 ? -2.816  0.029   2.768   1.00 0.00 ? 10 HHK A HT2  5  
HETATM 1055 H HT1  . HHK A 1 10 ? -3.728  -0.167  4.245   1.00 0.00 ? 10 HHK A HT1  5  
HETATM 1056 H HH2  . HHK A 1 10 ? -4.530  2.060   2.681   1.00 0.00 ? 10 HHK A HH2  5  
ATOM   1057 N N    . SER A 1 11 ? 1.057   -1.675  2.924   1.00 0.00 ? 11 SER A N    5  
ATOM   1058 C CA   . SER A 1 11 ? 1.399   -2.876  2.183   1.00 0.00 ? 11 SER A CA   5  
ATOM   1059 C C    . SER A 1 11 ? 1.221   -4.109  3.073   1.00 0.00 ? 11 SER A C    5  
ATOM   1060 O O    . SER A 1 11 ? 1.878   -4.234  4.105   1.00 0.00 ? 11 SER A O    5  
ATOM   1061 C CB   . SER A 1 11 ? 2.834   -2.810  1.653   1.00 0.00 ? 11 SER A CB   5  
ATOM   1062 O OG   . SER A 1 11 ? 3.180   -1.497  1.219   1.00 0.00 ? 11 SER A OG   5  
ATOM   1063 H H    . SER A 1 11 ? 0.174   -1.269  2.688   1.00 0.00 ? 11 SER A H    5  
ATOM   1064 H HA   . SER A 1 11 ? 0.703   -2.906  1.345   1.00 0.00 ? 11 SER A HA   5  
ATOM   1065 H HB3  . SER A 1 11 ? 2.945   -3.506  0.822   1.00 0.00 ? 11 SER A HB3  5  
ATOM   1066 H HG   . SER A 1 11 ? 3.422   -0.930  2.008   1.00 0.00 ? 11 SER A HG   5  
ATOM   1067 N N    . CYS A 1 12 ? 0.326   -4.986  2.640   1.00 0.00 ? 12 CYS A N    5  
ATOM   1068 C CA   . CYS A 1 12 ? 0.054   -6.205  3.384   1.00 0.00 ? 12 CYS A CA   5  
ATOM   1069 C C    . CYS A 1 12 ? -0.545  -5.816  4.738   1.00 0.00 ? 12 CYS A C    5  
ATOM   1070 O O    . CYS A 1 12 ? 0.056   -6.072  5.782   1.00 0.00 ? 12 CYS A O    5  
ATOM   1071 C CB   . CYS A 1 12 ? 1.307   -7.066  3.540   1.00 0.00 ? 12 CYS A CB   5  
ATOM   1072 S SG   . CYS A 1 12 ? 2.548   -6.865  2.209   1.00 0.00 ? 12 CYS A SG   5  
ATOM   1073 H H    . CYS A 1 12 ? -0.202  -4.878  1.800   1.00 0.00 ? 12 CYS A H    5  
ATOM   1074 H HA   . CYS A 1 12 ? -0.664  -6.778  2.796   1.00 0.00 ? 12 CYS A HA   5  
ATOM   1075 H HB3  . CYS A 1 12 ? 1.010   -8.114  3.583   1.00 0.00 ? 12 CYS A HB3  5  
ATOM   1076 N N    . TYR A 1 1  ? 1.516   -7.208  -6.182  1.00 0.00 ? 1  TYR A N    6  
ATOM   1077 C CA   . TYR A 1 1  ? 1.335   -6.083  -5.283  1.00 0.00 ? 1  TYR A CA   6  
ATOM   1078 C C    . TYR A 1 1  ? 1.066   -6.559  -3.854  1.00 0.00 ? 1  TYR A C    6  
ATOM   1079 O O    . TYR A 1 1  ? 1.159   -7.751  -3.566  1.00 0.00 ? 1  TYR A O    6  
ATOM   1080 C CB   . TYR A 1 1  ? 0.109   -5.326  -5.795  1.00 0.00 ? 1  TYR A CB   6  
ATOM   1081 C CG   . TYR A 1 1  ? 0.403   -4.383  -6.965  1.00 0.00 ? 1  TYR A CG   6  
ATOM   1082 C CD1  . TYR A 1 1  ? 0.986   -4.872  -8.116  1.00 0.00 ? 1  TYR A CD1  6  
ATOM   1083 C CD2  . TYR A 1 1  ? 0.087   -3.044  -6.868  1.00 0.00 ? 1  TYR A CD2  6  
ATOM   1084 C CE1  . TYR A 1 1  ? 1.263   -3.986  -9.216  1.00 0.00 ? 1  TYR A CE1  6  
ATOM   1085 C CE2  . TYR A 1 1  ? 0.364   -2.157  -7.967  1.00 0.00 ? 1  TYR A CE2  6  
ATOM   1086 C CZ   . TYR A 1 1  ? 0.939   -2.672  -9.088  1.00 0.00 ? 1  TYR A CZ   6  
ATOM   1087 O OH   . TYR A 1 1  ? 1.201   -1.833  -10.127 1.00 0.00 ? 1  TYR A OH   6  
ATOM   1088 H H1   . TYR A 1 1  ? 2.384   -7.216  -6.681  1.00 0.00 ? 1  TYR A H1   6  
ATOM   1089 H HA   . TYR A 1 1  ? 2.252   -5.493  -5.293  1.00 0.00 ? 1  TYR A HA   6  
ATOM   1090 H HB3  . TYR A 1 1  ? -0.318  -4.748  -4.976  1.00 0.00 ? 1  TYR A HB3  6  
ATOM   1091 H HD1  . TYR A 1 1  ? 1.238   -5.931  -8.192  1.00 0.00 ? 1  TYR A HD1  6  
ATOM   1092 H HD2  . TYR A 1 1  ? -0.374  -2.656  -5.959  1.00 0.00 ? 1  TYR A HD2  6  
ATOM   1093 H HE1  . TYR A 1 1  ? 1.723   -4.359  -10.132 1.00 0.00 ? 1  TYR A HE1  6  
ATOM   1094 H HE2  . TYR A 1 1  ? 0.119   -1.096  -7.904  1.00 0.00 ? 1  TYR A HE2  6  
ATOM   1095 H HH   . TYR A 1 1  ? 2.189   -1.734  -10.245 1.00 0.00 ? 1  TYR A HH   6  
ATOM   1096 N N    . CYS A 1 2  ? 0.734   -5.603  -2.997  1.00 0.00 ? 2  CYS A N    6  
ATOM   1097 C CA   . CYS A 1 2  ? 0.451   -5.911  -1.607  1.00 0.00 ? 2  CYS A CA   6  
ATOM   1098 C C    . CYS A 1 2  ? -0.692  -5.007  -1.139  1.00 0.00 ? 2  CYS A C    6  
ATOM   1099 O O    . CYS A 1 2  ? -1.828  -5.459  -0.999  1.00 0.00 ? 2  CYS A O    6  
ATOM   1100 C CB   . CYS A 1 2  ? 1.694   -5.761  -0.728  1.00 0.00 ? 2  CYS A CB   6  
ATOM   1101 S SG   . CYS A 1 2  ? 1.900   -7.066  0.537   1.00 0.00 ? 2  CYS A SG   6  
ATOM   1102 H H    . CYS A 1 2  ? 0.661   -4.637  -3.240  1.00 0.00 ? 2  CYS A H    6  
ATOM   1103 H HA   . CYS A 1 2  ? 0.151   -6.959  -1.572  1.00 0.00 ? 2  CYS A HA   6  
ATOM   1104 H HB3  . CYS A 1 2  ? 1.654   -4.793  -0.228  1.00 0.00 ? 2  CYS A HB3  6  
ATOM   1105 N N    . LYS A 1 3  ? -0.351  -3.747  -0.911  1.00 0.00 ? 3  LYS A N    6  
ATOM   1106 C CA   . LYS A 1 3  ? -1.334  -2.777  -0.461  1.00 0.00 ? 3  LYS A CA   6  
ATOM   1107 C C    . LYS A 1 3  ? -0.684  -1.393  -0.396  1.00 0.00 ? 3  LYS A C    6  
ATOM   1108 O O    . LYS A 1 3  ? -0.812  -0.690  0.606   1.00 0.00 ? 3  LYS A O    6  
ATOM   1109 C CB   . LYS A 1 3  ? -1.965  -3.222  0.857   1.00 0.00 ? 3  LYS A CB   6  
ATOM   1110 C CG   . LYS A 1 3  ? -3.433  -2.800  0.934   1.00 0.00 ? 3  LYS A CG   6  
ATOM   1111 C CD   . LYS A 1 3  ? -4.354  -3.935  0.484   1.00 0.00 ? 3  LYS A CD   6  
ATOM   1112 C CE   . LYS A 1 3  ? -5.726  -3.398  0.071   1.00 0.00 ? 3  LYS A CE   6  
ATOM   1113 N NZ   . LYS A 1 3  ? -6.576  -4.493  -0.447  1.00 0.00 ? 3  LYS A NZ   6  
ATOM   1114 H H    . LYS A 1 3  ? 0.574   -3.388  -1.028  1.00 0.00 ? 3  LYS A H    6  
ATOM   1115 H HA   . LYS A 1 3  ? -2.129  -2.748  -1.206  1.00 0.00 ? 3  LYS A HA   6  
ATOM   1116 H HB3  . LYS A 1 3  ? -1.414  -2.790  1.693   1.00 0.00 ? 3  LYS A HB3  6  
ATOM   1117 H HG3  . LYS A 1 3  ? -3.598  -1.925  0.306   1.00 0.00 ? 3  LYS A HG3  6  
ATOM   1118 H HD3  . LYS A 1 3  ? -4.471  -4.657  1.295   1.00 0.00 ? 3  LYS A HD3  6  
ATOM   1119 H HE3  . LYS A 1 3  ? -5.606  -2.630  -0.694  1.00 0.00 ? 3  LYS A HE3  6  
ATOM   1120 H HZ1  . LYS A 1 3  ? -6.178  -5.406  -0.259  1.00 0.00 ? 3  LYS A HZ1  6  
ATOM   1121 H HZ2  . LYS A 1 3  ? -7.501  -4.485  -0.031  1.00 0.00 ? 3  LYS A HZ2  6  
ATOM   1122 N N    . PHE A 1 4  ? 0.000   -1.043  -1.476  1.00 0.00 ? 4  PHE A N    6  
ATOM   1123 C CA   . PHE A 1 4  ? 0.671   0.243   -1.552  1.00 0.00 ? 4  PHE A CA   6  
ATOM   1124 C C    . PHE A 1 4  ? -0.238  1.367   -1.048  1.00 0.00 ? 4  PHE A C    6  
ATOM   1125 O O    . PHE A 1 4  ? 0.239   2.343   -0.469  1.00 0.00 ? 4  PHE A O    6  
ATOM   1126 C CB   . PHE A 1 4  ? 0.995   0.492   -3.027  1.00 0.00 ? 4  PHE A CB   6  
ATOM   1127 C CG   . PHE A 1 4  ? 2.405   0.060   -3.436  1.00 0.00 ? 4  PHE A CG   6  
ATOM   1128 C CD1  . PHE A 1 4  ? 2.928   -1.097  -2.952  1.00 0.00 ? 4  PHE A CD1  6  
ATOM   1129 C CD2  . PHE A 1 4  ? 3.135   0.837   -4.280  1.00 0.00 ? 4  PHE A CD2  6  
ATOM   1130 C CE1  . PHE A 1 4  ? 4.238   -1.497  -3.331  1.00 0.00 ? 4  PHE A CE1  6  
ATOM   1131 C CE2  . PHE A 1 4  ? 4.445   0.438   -4.659  1.00 0.00 ? 4  PHE A CE2  6  
ATOM   1132 C CZ   . PHE A 1 4  ? 4.969   -0.720  -4.178  1.00 0.00 ? 4  PHE A CZ   6  
ATOM   1133 H H    . PHE A 1 4  ? 0.100   -1.621  -2.285  1.00 0.00 ? 4  PHE A H    6  
ATOM   1134 H HA   . PHE A 1 4  ? 1.557   0.186   -0.923  1.00 0.00 ? 4  PHE A HA   6  
ATOM   1135 H HB3  . PHE A 1 4  ? 0.873   1.555   -3.242  1.00 0.00 ? 4  PHE A HB3  6  
ATOM   1136 H HD1  . PHE A 1 4  ? 2.343   -1.720  -2.275  1.00 0.00 ? 4  PHE A HD1  6  
ATOM   1137 H HD2  . PHE A 1 4  ? 2.716   1.766   -4.668  1.00 0.00 ? 4  PHE A HD2  6  
ATOM   1138 H HE1  . PHE A 1 4  ? 4.658   -2.426  -2.944  1.00 0.00 ? 4  PHE A HE1  6  
ATOM   1139 H HE2  . PHE A 1 4  ? 5.028   1.061   -5.337  1.00 0.00 ? 4  PHE A HE2  6  
ATOM   1140 H HZ   . PHE A 1 4  ? 5.973   -1.027  -4.467  1.00 0.00 ? 4  PHE A HZ   6  
ATOM   1141 N N    . GLU A 1 5  ? -1.529  1.191   -1.283  1.00 0.00 ? 5  GLU A N    6  
ATOM   1142 C CA   . GLU A 1 5  ? -2.508  2.177   -0.857  1.00 0.00 ? 5  GLU A CA   6  
ATOM   1143 C C    . GLU A 1 5  ? -2.479  3.390   -1.789  1.00 0.00 ? 5  GLU A C    6  
ATOM   1144 O O    . GLU A 1 5  ? -1.721  3.414   -2.758  1.00 0.00 ? 5  GLU A O    6  
ATOM   1145 C CB   . GLU A 1 5  ? -2.271  2.596   0.595   1.00 0.00 ? 5  GLU A CB   6  
ATOM   1146 C CG   . GLU A 1 5  ? -3.482  2.259   1.469   1.00 0.00 ? 5  GLU A CG   6  
ATOM   1147 C CD   . GLU A 1 5  ? -4.351  3.498   1.699   1.00 0.00 ? 5  GLU A CD   6  
ATOM   1148 O OE1  . GLU A 1 5  ? -5.143  3.871   0.821   1.00 0.00 ? 5  GLU A OE1  6  
ATOM   1149 H H    . GLU A 1 5  ? -1.909  0.394   -1.752  1.00 0.00 ? 5  GLU A H    6  
ATOM   1150 H HA   . GLU A 1 5  ? -3.475  1.677   -0.931  1.00 0.00 ? 5  GLU A HA   6  
ATOM   1151 H HB2  . GLU A 1 5  ? -1.387  2.089   0.983   1.00 0.00 ? 5  GLU A HB2  6  
ATOM   1152 H HB3  . GLU A 1 5  ? -2.071  3.665   0.641   1.00 0.00 ? 5  GLU A HB3  6  
ATOM   1153 H HG2  . GLU A 1 5  ? -4.073  1.478   0.990   1.00 0.00 ? 5  GLU A HG2  6  
ATOM   1154 H HG3  . GLU A 1 5  ? -3.146  1.864   2.425   1.00 0.00 ? 5  GLU A HG3  6  
HETATM 1155 N N    . DTR A 1 6  ? -3.312  4.367   -1.463  1.00 0.00 ? 6  DTR A N    6  
HETATM 1156 C CA   . DTR A 1 6  ? -3.391  5.580   -2.260  1.00 0.00 ? 6  DTR A CA   6  
HETATM 1157 C CB   . DTR A 1 6  ? -3.769  5.179   -3.686  1.00 0.00 ? 6  DTR A CB   6  
HETATM 1158 C CG   . DTR A 1 6  ? -5.054  4.352   -3.780  1.00 0.00 ? 6  DTR A CG   6  
HETATM 1159 C CD1  . DTR A 1 6  ? -5.350  3.211   -3.143  1.00 0.00 ? 6  DTR A CD1  6  
HETATM 1160 N NE1  . DTR A 1 6  ? -6.606  2.755   -3.480  1.00 0.00 ? 6  DTR A NE1  6  
HETATM 1161 C CE2  . DTR A 1 6  ? -7.148  3.659   -4.387  1.00 0.00 ? 6  DTR A CE2  6  
HETATM 1162 C CZ2  . DTR A 1 6  ? -8.395  3.640   -5.023  1.00 0.00 ? 6  DTR A CZ2  6  
HETATM 1163 C CH2  . DTR A 1 6  ? -8.662  4.701   -5.898  1.00 0.00 ? 6  DTR A CH2  6  
HETATM 1164 C CZ3  . DTR A 1 6  ? -7.709  5.692   -6.090  1.00 0.00 ? 6  DTR A CZ3  6  
HETATM 1165 C CE3  . DTR A 1 6  ? -6.458  5.725   -5.463  1.00 0.00 ? 6  DTR A CE3  6  
HETATM 1166 C CD2  . DTR A 1 6  ? -6.211  4.652   -4.589  1.00 0.00 ? 6  DTR A CD2  6  
HETATM 1167 C C    . DTR A 1 6  ? -2.012  6.241   -2.250  1.00 0.00 ? 6  DTR A C    6  
HETATM 1168 O O    . DTR A 1 6  ? -1.271  6.153   -3.228  1.00 0.00 ? 6  DTR A O    6  
HETATM 1169 H H    . DTR A 1 6  ? -3.924  4.339   -0.673  1.00 0.00 ? 6  DTR A H    6  
HETATM 1170 H HA   . DTR A 1 6  ? -4.181  6.236   -1.893  1.00 0.00 ? 6  DTR A HA   6  
HETATM 1171 H HB2  . DTR A 1 6  ? -3.886  6.080   -4.288  1.00 0.00 ? 6  DTR A HB2  6  
HETATM 1172 H HB3  . DTR A 1 6  ? -2.950  4.608   -4.122  1.00 0.00 ? 6  DTR A HB3  6  
HETATM 1173 H HD1  . DTR A 1 6  ? -4.680  2.708   -2.446  1.00 0.00 ? 6  DTR A HD1  6  
HETATM 1174 H HE1  . DTR A 1 6  ? -7.089  1.852   -3.104  1.00 0.00 ? 6  DTR A HE1  6  
HETATM 1175 H HZ2  . DTR A 1 6  ? -9.118  2.844   -4.848  1.00 0.00 ? 6  DTR A HZ2  6  
HETATM 1176 H HH2  . DTR A 1 6  ? -9.615  4.747   -6.425  1.00 0.00 ? 6  DTR A HH2  6  
HETATM 1177 H HZ3  . DTR A 1 6  ? -7.951  6.502   -6.779  1.00 0.00 ? 6  DTR A HZ3  6  
HETATM 1178 H HE3  . DTR A 1 6  ? -5.735  6.520   -5.638  1.00 0.00 ? 6  DTR A HE3  6  
HETATM 1179 N N    . IAM A 1 7  ? -1.710  6.889   -1.134  1.00 0.00 ? 7  IAM A N    6  
HETATM 1180 C CA   . IAM A 1 7  ? -0.432  7.567   -0.986  1.00 0.00 ? 7  IAM A CA   6  
HETATM 1181 C CB   . IAM A 1 7  ? -0.722  8.946   -0.392  1.00 0.00 ? 7  IAM A CB   6  
HETATM 1182 C CG   . IAM A 1 7  ? -1.698  8.922   0.786   1.00 0.00 ? 7  IAM A CG   6  
HETATM 1183 C CD1  . IAM A 1 7  ? -1.224  8.864   2.061   1.00 0.00 ? 7  IAM A CD1  6  
HETATM 1184 C CE1  . IAM A 1 7  ? -2.128  8.843   3.155   1.00 0.00 ? 7  IAM A CE1  6  
HETATM 1185 C CZ   . IAM A 1 7  ? -3.469  8.881   2.928   1.00 0.00 ? 7  IAM A CZ   6  
HETATM 1186 C CE2  . IAM A 1 7  ? -3.944  8.941   1.655   1.00 0.00 ? 7  IAM A CE2  6  
HETATM 1187 C CD2  . IAM A 1 7  ? -3.037  8.962   0.560   1.00 0.00 ? 7  IAM A CD2  6  
HETATM 1188 C CT   . IAM A 1 7  ? -4.449  8.860   4.115   1.00 0.00 ? 7  IAM A CT   6  
HETATM 1189 N NH   . IAM A 1 7  ? -5.401  7.741   3.946   1.00 0.00 ? 7  IAM A NH   6  
HETATM 1190 C CI   . IAM A 1 7  ? -6.342  7.398   5.035   1.00 0.00 ? 7  IAM A CI   6  
HETATM 1191 C CK1  . IAM A 1 7  ? -7.039  6.064   4.709   1.00 0.00 ? 7  IAM A CK1  6  
HETATM 1192 C CK2  . IAM A 1 7  ? -7.399  8.506   5.195   1.00 0.00 ? 7  IAM A CK2  6  
HETATM 1193 C C    . IAM A 1 7  ? 0.488   6.799   -0.034  1.00 0.00 ? 7  IAM A C    6  
HETATM 1194 O O    . IAM A 1 7  ? 1.678   6.646   -0.304  1.00 0.00 ? 7  IAM A O    6  
HETATM 1195 H H    . IAM A 1 7  ? -2.318  6.956   -0.344  1.00 0.00 ? 7  IAM A H    6  
HETATM 1196 H HA   . IAM A 1 7  ? 0.027   7.613   -1.975  1.00 0.00 ? 7  IAM A HA   6  
HETATM 1197 H HB   . IAM A 1 7  ? 0.215   9.394   -0.067  1.00 0.00 ? 7  IAM A HB   6  
HETATM 1198 H HB1  . IAM A 1 7  ? -1.127  9.588   -1.173  1.00 0.00 ? 7  IAM A HB1  6  
HETATM 1199 H HD1  . IAM A 1 7  ? -0.149  8.833   2.240   1.00 0.00 ? 7  IAM A HD1  6  
HETATM 1200 H HE1  . IAM A 1 7  ? -1.749  8.799   4.175   1.00 0.00 ? 7  IAM A HE1  6  
HETATM 1201 H HE2  . IAM A 1 7  ? -5.018  8.972   1.475   1.00 0.00 ? 7  IAM A HE2  6  
HETATM 1202 H HD2  . IAM A 1 7  ? -3.418  9.008   -0.460  1.00 0.00 ? 7  IAM A HD2  6  
HETATM 1203 H HT1  . IAM A 1 7  ? -4.986  9.786   4.149   1.00 0.00 ? 7  IAM A HT1  6  
HETATM 1204 H HT2  . IAM A 1 7  ? -3.905  8.729   5.028   1.00 0.00 ? 7  IAM A HT2  6  
HETATM 1205 H HH   . IAM A 1 7  ? -5.408  7.199   3.068   1.00 0.00 ? 7  IAM A HH   6  
HETATM 1206 H HI   . IAM A 1 7  ? -5.802  7.304   5.953   1.00 0.00 ? 7  IAM A HI   6  
HETATM 1207 H HK11 . IAM A 1 7  ? -7.593  6.163   3.799   1.00 0.00 ? 7  IAM A HK11 6  
HETATM 1208 H HK12 . IAM A 1 7  ? -6.304  5.294   4.597   1.00 0.00 ? 7  IAM A HK12 6  
HETATM 1209 H HK13 . IAM A 1 7  ? -7.706  5.806   5.506   1.00 0.00 ? 7  IAM A HK13 6  
HETATM 1210 H HK21 . IAM A 1 7  ? -7.298  8.958   6.158   1.00 0.00 ? 7  IAM A HK21 6  
HETATM 1211 H HK22 . IAM A 1 7  ? -7.258  9.246   4.436   1.00 0.00 ? 7  IAM A HK22 6  
HETATM 1212 H HK23 . IAM A 1 7  ? -8.377  8.082   5.102   1.00 0.00 ? 7  IAM A HK23 6  
ATOM   1213 N N    . THR A 1 8  ? -0.100  6.335   1.059   1.00 0.00 ? 8  THR A N    6  
ATOM   1214 C CA   . THR A 1 8  ? 0.652   5.587   2.053   1.00 0.00 ? 8  THR A CA   6  
ATOM   1215 C C    . THR A 1 8  ? 1.358   4.396   1.400   1.00 0.00 ? 8  THR A C    6  
ATOM   1216 O O    . THR A 1 8  ? 1.436   4.309   0.178   1.00 0.00 ? 8  THR A O    6  
ATOM   1217 C CB   . THR A 1 8  ? -0.313  5.185   3.171   1.00 0.00 ? 8  THR A CB   6  
ATOM   1218 O OG1  . THR A 1 8  ? -1.478  4.742   2.481   1.00 0.00 ? 8  THR A OG1  6  
ATOM   1219 C CG2  . THR A 1 8  ? -0.796  6.385   3.988   1.00 0.00 ? 8  THR A CG2  6  
ATOM   1220 H H    . THR A 1 8  ? -1.069  6.464   1.271   1.00 0.00 ? 8  THR A H    6  
ATOM   1221 H HA   . THR A 1 8  ? 1.427   6.237   2.458   1.00 0.00 ? 8  THR A HA   6  
ATOM   1222 H HB   . THR A 1 8  ? 0.134   4.428   3.816   1.00 0.00 ? 8  THR A HB   6  
ATOM   1223 H HG1  . THR A 1 8  ? -1.571  3.751   2.568   1.00 0.00 ? 8  THR A HG1  6  
ATOM   1224 H HG21 . THR A 1 8  ? -0.607  6.202   5.045   1.00 0.00 ? 8  THR A HG21 6  
ATOM   1225 H HG22 . THR A 1 8  ? -0.259  7.279   3.671   1.00 0.00 ? 8  THR A HG22 6  
ATOM   1226 H HG23 . THR A 1 8  ? -1.865  6.528   3.828   1.00 0.00 ? 8  THR A HG23 6  
ATOM   1227 N N    . PHE A 1 9  ? 1.854   3.508   2.250   1.00 0.00 ? 9  PHE A N    6  
ATOM   1228 C CA   . PHE A 1 9  ? 2.552   2.326   1.772   1.00 0.00 ? 9  PHE A CA   6  
ATOM   1229 C C    . PHE A 1 9  ? 2.464   1.188   2.791   1.00 0.00 ? 9  PHE A C    6  
ATOM   1230 O O    . PHE A 1 9  ? 3.400   0.401   2.931   1.00 0.00 ? 9  PHE A O    6  
ATOM   1231 C CB   . PHE A 1 9  ? 4.019   2.716   1.588   1.00 0.00 ? 9  PHE A CB   6  
ATOM   1232 C CG   . PHE A 1 9  ? 4.593   2.352   0.215   1.00 0.00 ? 9  PHE A CG   6  
ATOM   1233 C CD1  . PHE A 1 9  ? 4.084   2.927   -0.908  1.00 0.00 ? 9  PHE A CD1  6  
ATOM   1234 C CD2  . PHE A 1 9  ? 5.609   1.453   0.120   1.00 0.00 ? 9  PHE A CD2  6  
ATOM   1235 C CE1  . PHE A 1 9  ? 4.616   2.589   -2.181  1.00 0.00 ? 9  PHE A CE1  6  
ATOM   1236 C CE2  . PHE A 1 9  ? 6.140   1.115   -1.152  1.00 0.00 ? 9  PHE A CE2  6  
ATOM   1237 C CZ   . PHE A 1 9  ? 5.633   1.689   -2.276  1.00 0.00 ? 9  PHE A CZ   6  
ATOM   1238 H H    . PHE A 1 9  ? 1.787   3.585   3.245   1.00 0.00 ? 9  PHE A H    6  
ATOM   1239 H HA   . PHE A 1 9  ? 2.069   2.019   0.845   1.00 0.00 ? 9  PHE A HA   6  
ATOM   1240 H HB3  . PHE A 1 9  ? 4.614   2.229   2.359   1.00 0.00 ? 9  PHE A HB3  6  
ATOM   1241 H HD1  . PHE A 1 9  ? 3.271   3.646   -0.831  1.00 0.00 ? 9  PHE A HD1  6  
ATOM   1242 H HD2  . PHE A 1 9  ? 6.015   0.991   1.021   1.00 0.00 ? 9  PHE A HD2  6  
ATOM   1243 H HE1  . PHE A 1 9  ? 4.210   3.048   -3.080  1.00 0.00 ? 9  PHE A HE1  6  
ATOM   1244 H HE2  . PHE A 1 9  ? 6.955   0.395   -1.229  1.00 0.00 ? 9  PHE A HE2  6  
ATOM   1245 H HZ   . PHE A 1 9  ? 6.041   1.430   -3.252  1.00 0.00 ? 9  PHE A HZ   6  
HETATM 1246 N N    . HHK A 1 10 ? 1.333   1.138   3.479   1.00 0.00 ? 10 HHK A N    6  
HETATM 1247 C CA   . HHK A 1 10 ? 1.111   0.110   4.481   1.00 0.00 ? 10 HHK A CA   6  
HETATM 1248 C CB   . HHK A 1 10 ? -0.320  0.186   5.020   1.00 0.00 ? 10 HHK A CB   6  
HETATM 1249 C CG   . HHK A 1 10 ? -0.336  0.705   6.460   1.00 0.00 ? 10 HHK A CG   6  
HETATM 1250 C CD   . HHK A 1 10 ? -0.509  2.227   6.491   1.00 0.00 ? 10 HHK A CD   6  
HETATM 1251 C CE   . HHK A 1 10 ? -1.980  2.613   6.319   1.00 0.00 ? 10 HHK A CE   6  
HETATM 1252 C CZ   . HHK A 1 10 ? -2.191  3.261   4.940   1.00 0.00 ? 10 HHK A CZ   6  
HETATM 1253 C CT   . HHK A 1 10 ? -3.689  3.542   4.725   1.00 0.00 ? 10 HHK A CT   6  
HETATM 1254 N NH   . HHK A 1 10 ? -3.862  4.431   3.558   1.00 0.00 ? 10 HHK A NH   6  
HETATM 1255 C C    . HHK A 1 10 ? 1.474   -1.256  3.894   1.00 0.00 ? 10 HHK A C    6  
HETATM 1256 O O    . HHK A 1 10 ? 2.157   -2.050  4.539   1.00 0.00 ? 10 HHK A O    6  
HETATM 1257 H H    . HHK A 1 10 ? 0.577   1.782   3.361   1.00 0.00 ? 10 HHK A H    6  
HETATM 1258 H HA   . HHK A 1 10 ? 1.780   0.316   5.316   1.00 0.00 ? 10 HHK A HA   6  
HETATM 1259 H HB2  . HHK A 1 10 ? -0.918  0.843   4.386   1.00 0.00 ? 10 HHK A HB2  6  
HETATM 1260 H HB3  . HHK A 1 10 ? -0.781  -0.800  4.980   1.00 0.00 ? 10 HHK A HB3  6  
HETATM 1261 H HG2  . HHK A 1 10 ? -1.148  0.231   7.012   1.00 0.00 ? 10 HHK A HG2  6  
HETATM 1262 H HG3  . HHK A 1 10 ? 0.594   0.431   6.960   1.00 0.00 ? 10 HHK A HG3  6  
HETATM 1263 H HD2  . HHK A 1 10 ? -0.138  2.617   7.438   1.00 0.00 ? 10 HHK A HD2  6  
HETATM 1264 H HD3  . HHK A 1 10 ? 0.084   2.680   5.700   1.00 0.00 ? 10 HHK A HD3  6  
HETATM 1265 H HE2  . HHK A 1 10 ? -2.610  1.728   6.419   1.00 0.00 ? 10 HHK A HE2  6  
HETATM 1266 H HE3  . HHK A 1 10 ? -2.276  3.304   7.108   1.00 0.00 ? 10 HHK A HE3  6  
HETATM 1267 H HZ2  . HHK A 1 10 ? -1.643  4.178   4.891   1.00 0.00 ? 10 HHK A HZ2  6  
HETATM 1268 H HZ3  . HHK A 1 10 ? -1.839  2.597   4.176   1.00 0.00 ? 10 HHK A HZ3  6  
HETATM 1269 H HT2  . HHK A 1 10 ? -4.202  2.619   4.552   1.00 0.00 ? 10 HHK A HT2  6  
HETATM 1270 H HT1  . HHK A 1 10 ? -4.092  4.014   5.599   1.00 0.00 ? 10 HHK A HT1  6  
HETATM 1271 H HH2  . HHK A 1 10 ? -2.977  4.858   3.326   1.00 0.00 ? 10 HHK A HH2  6  
ATOM   1272 N N    . SER A 1 11 ? 1.001   -1.486  2.678   1.00 0.00 ? 11 SER A N    6  
ATOM   1273 C CA   . SER A 1 11 ? 1.269   -2.741  1.998   1.00 0.00 ? 11 SER A CA   6  
ATOM   1274 C C    . SER A 1 11 ? 0.688   -3.907  2.801   1.00 0.00 ? 11 SER A C    6  
ATOM   1275 O O    . SER A 1 11 ? 0.688   -3.878  4.031   1.00 0.00 ? 11 SER A O    6  
ATOM   1276 C CB   . SER A 1 11 ? 2.770   -2.942  1.780   1.00 0.00 ? 11 SER A CB   6  
ATOM   1277 O OG   . SER A 1 11 ? 3.172   -2.584  0.461   1.00 0.00 ? 11 SER A OG   6  
ATOM   1278 H H    . SER A 1 11 ? 0.447   -0.835  2.160   1.00 0.00 ? 11 SER A H    6  
ATOM   1279 H HA   . SER A 1 11 ? 0.771   -2.658  1.031   1.00 0.00 ? 11 SER A HA   6  
ATOM   1280 H HB3  . SER A 1 11 ? 3.026   -3.985  1.967   1.00 0.00 ? 11 SER A HB3  6  
ATOM   1281 H HG   . SER A 1 11 ? 2.476   -2.873  -0.198  1.00 0.00 ? 11 SER A HG   6  
ATOM   1282 N N    . CYS A 1 12 ? 0.205   -4.903  2.073   1.00 0.00 ? 12 CYS A N    6  
ATOM   1283 C CA   . CYS A 1 12 ? -0.376  -6.077  2.703   1.00 0.00 ? 12 CYS A CA   6  
ATOM   1284 C C    . CYS A 1 12 ? 0.710   -6.765  3.535   1.00 0.00 ? 12 CYS A C    6  
ATOM   1285 O O    . CYS A 1 12 ? 0.472   -7.819  4.121   1.00 0.00 ? 12 CYS A O    6  
ATOM   1286 C CB   . CYS A 1 12 ? -0.993  -7.025  1.674   1.00 0.00 ? 12 CYS A CB   6  
ATOM   1287 S SG   . CYS A 1 12 ? 0.211   -8.067  0.772   1.00 0.00 ? 12 CYS A SG   6  
ATOM   1288 H H    . CYS A 1 12 ? 0.210   -4.919  1.075   1.00 0.00 ? 12 CYS A H    6  
ATOM   1289 H HA   . CYS A 1 12 ? -1.184  -5.720  3.342   1.00 0.00 ? 12 CYS A HA   6  
ATOM   1290 H HB3  . CYS A 1 12 ? -1.556  -6.435  0.951   1.00 0.00 ? 12 CYS A HB3  6  
ATOM   1291 N N    . TYR A 1 1  ? -1.313  -9.662  -4.024  1.00 0.00 ? 1  TYR A N    7  
ATOM   1292 C CA   . TYR A 1 1  ? -0.249  -8.675  -4.056  1.00 0.00 ? 1  TYR A CA   7  
ATOM   1293 C C    . TYR A 1 1  ? -0.267  -7.806  -2.797  1.00 0.00 ? 1  TYR A C    7  
ATOM   1294 O O    . TYR A 1 1  ? -1.102  -8.003  -1.915  1.00 0.00 ? 1  TYR A O    7  
ATOM   1295 C CB   . TYR A 1 1  ? -0.531  -7.793  -5.274  1.00 0.00 ? 1  TYR A CB   7  
ATOM   1296 C CG   . TYR A 1 1  ? -0.349  -8.507  -6.616  1.00 0.00 ? 1  TYR A CG   7  
ATOM   1297 C CD1  . TYR A 1 1  ? -1.304  -9.398  -7.057  1.00 0.00 ? 1  TYR A CD1  7  
ATOM   1298 C CD2  . TYR A 1 1  ? 0.770   -8.257  -7.385  1.00 0.00 ? 1  TYR A CD2  7  
ATOM   1299 C CE1  . TYR A 1 1  ? -1.134  -10.070 -8.318  1.00 0.00 ? 1  TYR A CE1  7  
ATOM   1300 C CE2  . TYR A 1 1  ? 0.940   -8.929  -8.646  1.00 0.00 ? 1  TYR A CE2  7  
ATOM   1301 C CZ   . TYR A 1 1  ? -0.020  -9.802  -9.052  1.00 0.00 ? 1  TYR A CZ   7  
ATOM   1302 O OH   . TYR A 1 1  ? 0.141   -10.438 -10.243 1.00 0.00 ? 1  TYR A OH   7  
ATOM   1303 H H1   . TYR A 1 1  ? -1.329  -10.239 -3.206  1.00 0.00 ? 1  TYR A H1   7  
ATOM   1304 H HA   . TYR A 1 1  ? 0.700   -9.205  -4.109  1.00 0.00 ? 1  TYR A HA   7  
ATOM   1305 H HB3  . TYR A 1 1  ? 0.132   -6.926  -5.243  1.00 0.00 ? 1  TYR A HB3  7  
ATOM   1306 H HD1  . TYR A 1 1  ? -2.189  -9.595  -6.450  1.00 0.00 ? 1  TYR A HD1  7  
ATOM   1307 H HD2  . TYR A 1 1  ? 1.525   -7.553  -7.035  1.00 0.00 ? 1  TYR A HD2  7  
ATOM   1308 H HE1  . TYR A 1 1  ? -1.881  -10.778 -8.679  1.00 0.00 ? 1  TYR A HE1  7  
ATOM   1309 H HE2  . TYR A 1 1  ? 1.819   -8.742  -9.263  1.00 0.00 ? 1  TYR A HE2  7  
ATOM   1310 H HH   . TYR A 1 1  ? 1.026   -10.902 -10.266 1.00 0.00 ? 1  TYR A HH   7  
ATOM   1311 N N    . CYS A 1 2  ? 0.664   -6.865  -2.752  1.00 0.00 ? 2  CYS A N    7  
ATOM   1312 C CA   . CYS A 1 2  ? 0.765   -5.966  -1.617  1.00 0.00 ? 2  CYS A CA   7  
ATOM   1313 C C    . CYS A 1 2  ? -0.111  -4.744  -1.890  1.00 0.00 ? 2  CYS A C    7  
ATOM   1314 O O    . CYS A 1 2  ? -1.277  -4.710  -1.495  1.00 0.00 ? 2  CYS A O    7  
ATOM   1315 C CB   . CYS A 1 2  ? 2.217   -5.573  -1.332  1.00 0.00 ? 2  CYS A CB   7  
ATOM   1316 S SG   . CYS A 1 2  ? 2.918   -6.280  0.203   1.00 0.00 ? 2  CYS A SG   7  
ATOM   1317 H H    . CYS A 1 2  ? 1.340   -6.713  -3.473  1.00 0.00 ? 2  CYS A H    7  
ATOM   1318 H HA   . CYS A 1 2  ? 0.403   -6.517  -0.747  1.00 0.00 ? 2  CYS A HA   7  
ATOM   1319 H HB3  . CYS A 1 2  ? 2.281   -4.488  -1.277  1.00 0.00 ? 2  CYS A HB3  7  
ATOM   1320 N N    . LYS A 1 3  ? 0.479   -3.769  -2.565  1.00 0.00 ? 3  LYS A N    7  
ATOM   1321 C CA   . LYS A 1 3  ? -0.235  -2.548  -2.897  1.00 0.00 ? 3  LYS A CA   7  
ATOM   1322 C C    . LYS A 1 3  ? -0.168  -1.585  -1.711  1.00 0.00 ? 3  LYS A C    7  
ATOM   1323 O O    . LYS A 1 3  ? -0.672  -1.888  -0.630  1.00 0.00 ? 3  LYS A O    7  
ATOM   1324 C CB   . LYS A 1 3  ? -1.661  -2.868  -3.350  1.00 0.00 ? 3  LYS A CB   7  
ATOM   1325 C CG   . LYS A 1 3  ? -2.206  -1.769  -4.264  1.00 0.00 ? 3  LYS A CG   7  
ATOM   1326 C CD   . LYS A 1 3  ? -3.663  -1.442  -3.924  1.00 0.00 ? 3  LYS A CD   7  
ATOM   1327 C CE   . LYS A 1 3  ? -3.853  0.061   -3.715  1.00 0.00 ? 3  LYS A CE   7  
ATOM   1328 N NZ   . LYS A 1 3  ? -5.176  0.338   -3.117  1.00 0.00 ? 3  LYS A NZ   7  
ATOM   1329 H H    . LYS A 1 3  ? 1.427   -3.804  -2.884  1.00 0.00 ? 3  LYS A H    7  
ATOM   1330 H HA   . LYS A 1 3  ? 0.277   -2.091  -3.744  1.00 0.00 ? 3  LYS A HA   7  
ATOM   1331 H HB3  . LYS A 1 3  ? -2.307  -2.975  -2.478  1.00 0.00 ? 3  LYS A HB3  7  
ATOM   1332 H HG3  . LYS A 1 3  ? -2.135  -2.088  -5.304  1.00 0.00 ? 3  LYS A HG3  7  
ATOM   1333 H HD3  . LYS A 1 3  ? -3.956  -1.979  -3.022  1.00 0.00 ? 3  LYS A HD3  7  
ATOM   1334 H HE3  . LYS A 1 3  ? -3.761  0.581   -4.669  1.00 0.00 ? 3  LYS A HE3  7  
ATOM   1335 H HZ1  . LYS A 1 3  ? -5.249  -0.018  -2.170  1.00 0.00 ? 3  LYS A HZ1  7  
ATOM   1336 H HZ2  . LYS A 1 3  ? -5.375  1.331   -3.072  1.00 0.00 ? 3  LYS A HZ2  7  
ATOM   1337 N N    . PHE A 1 4  ? 0.460   -0.444  -1.951  1.00 0.00 ? 4  PHE A N    7  
ATOM   1338 C CA   . PHE A 1 4  ? 0.600   0.567   -0.915  1.00 0.00 ? 4  PHE A CA   7  
ATOM   1339 C C    . PHE A 1 4  ? -0.723  1.297   -0.680  1.00 0.00 ? 4  PHE A C    7  
ATOM   1340 O O    . PHE A 1 4  ? -1.510  0.905   0.182   1.00 0.00 ? 4  PHE A O    7  
ATOM   1341 C CB   . PHE A 1 4  ? 1.643   1.571   -1.409  1.00 0.00 ? 4  PHE A CB   7  
ATOM   1342 C CG   . PHE A 1 4  ? 3.085   1.073   -1.305  1.00 0.00 ? 4  PHE A CG   7  
ATOM   1343 C CD1  . PHE A 1 4  ? 3.580   0.662   -0.107  1.00 0.00 ? 4  PHE A CD1  7  
ATOM   1344 C CD2  . PHE A 1 4  ? 3.874   1.038   -2.413  1.00 0.00 ? 4  PHE A CD2  7  
ATOM   1345 C CE1  . PHE A 1 4  ? 4.918   0.199   -0.010  1.00 0.00 ? 4  PHE A CE1  7  
ATOM   1346 C CE2  . PHE A 1 4  ? 5.213   0.574   -2.317  1.00 0.00 ? 4  PHE A CE2  7  
ATOM   1347 C CZ   . PHE A 1 4  ? 5.708   0.164   -1.117  1.00 0.00 ? 4  PHE A CZ   7  
ATOM   1348 H H    . PHE A 1 4  ? 0.869   -0.205  -2.831  1.00 0.00 ? 4  PHE A H    7  
ATOM   1349 H HA   . PHE A 1 4  ? 0.897   0.053   0.000   1.00 0.00 ? 4  PHE A HA   7  
ATOM   1350 H HB3  . PHE A 1 4  ? 1.547   2.492   -0.832  1.00 0.00 ? 4  PHE A HB3  7  
ATOM   1351 H HD1  . PHE A 1 4  ? 2.947   0.690   0.782   1.00 0.00 ? 4  PHE A HD1  7  
ATOM   1352 H HD2  . PHE A 1 4  ? 3.479   1.367   -3.374  1.00 0.00 ? 4  PHE A HD2  7  
ATOM   1353 H HE1  . PHE A 1 4  ? 5.314   -0.131  0.952   1.00 0.00 ? 4  PHE A HE1  7  
ATOM   1354 H HE2  . PHE A 1 4  ? 5.846   0.546   -3.205  1.00 0.00 ? 4  PHE A HE2  7  
ATOM   1355 H HZ   . PHE A 1 4  ? 6.735   -0.192  -1.045  1.00 0.00 ? 4  PHE A HZ   7  
ATOM   1356 N N    . GLU A 1 5  ? -0.928  2.348   -1.461  1.00 0.00 ? 5  GLU A N    7  
ATOM   1357 C CA   . GLU A 1 5  ? -2.143  3.137   -1.347  1.00 0.00 ? 5  GLU A CA   7  
ATOM   1358 C C    . GLU A 1 5  ? -1.980  4.471   -2.080  1.00 0.00 ? 5  GLU A C    7  
ATOM   1359 O O    . GLU A 1 5  ? -0.968  4.700   -2.742  1.00 0.00 ? 5  GLU A O    7  
ATOM   1360 C CB   . GLU A 1 5  ? -2.519  3.362   0.119   1.00 0.00 ? 5  GLU A CB   7  
ATOM   1361 C CG   . GLU A 1 5  ? -3.820  2.635   0.469   1.00 0.00 ? 5  GLU A CG   7  
ATOM   1362 C CD   . GLU A 1 5  ? -3.537  1.244   1.034   1.00 0.00 ? 5  GLU A CD   7  
ATOM   1363 O OE1  . GLU A 1 5  ? -3.905  0.235   0.412   1.00 0.00 ? 5  GLU A OE1  7  
ATOM   1364 H H    . GLU A 1 5  ? -0.285  2.661   -2.159  1.00 0.00 ? 5  GLU A H    7  
ATOM   1365 H HA   . GLU A 1 5  ? -2.920  2.544   -1.828  1.00 0.00 ? 5  GLU A HA   7  
ATOM   1366 H HB2  . GLU A 1 5  ? -1.716  3.003   0.763   1.00 0.00 ? 5  GLU A HB2  7  
ATOM   1367 H HB3  . GLU A 1 5  ? -2.629  4.429   0.311   1.00 0.00 ? 5  GLU A HB3  7  
ATOM   1368 H HG2  . GLU A 1 5  ? -4.382  3.222   1.196   1.00 0.00 ? 5  GLU A HG2  7  
ATOM   1369 H HG3  . GLU A 1 5  ? -4.444  2.552   -0.422  1.00 0.00 ? 5  GLU A HG3  7  
HETATM 1370 N N    . DTR A 1 6  ? -2.990  5.315   -1.939  1.00 0.00 ? 6  DTR A N    7  
HETATM 1371 C CA   . DTR A 1 6  ? -2.971  6.619   -2.580  1.00 0.00 ? 6  DTR A CA   7  
HETATM 1372 C CB   . DTR A 1 6  ? -2.912  6.397   -4.092  1.00 0.00 ? 6  DTR A CB   7  
HETATM 1373 C CG   . DTR A 1 6  ? -4.171  5.754   -4.677  1.00 0.00 ? 6  DTR A CG   7  
HETATM 1374 C CD1  . DTR A 1 6  ? -4.556  4.472   -4.597  1.00 0.00 ? 6  DTR A CD1  7  
HETATM 1375 N NE1  . DTR A 1 6  ? -5.754  4.263   -5.249  1.00 0.00 ? 6  DTR A NE1  7  
HETATM 1376 C CE2  . DTR A 1 6  ? -6.158  5.483   -5.778  1.00 0.00 ? 6  DTR A CE2  7  
HETATM 1377 C CZ2  . DTR A 1 6  ? -7.301  5.793   -6.524  1.00 0.00 ? 6  DTR A CZ2  7  
HETATM 1378 C CH2  . DTR A 1 6  ? -7.441  7.128   -6.923  1.00 0.00 ? 6  DTR A CH2  7  
HETATM 1379 C CZ3  . DTR A 1 6  ? -6.468  8.056   -6.574  1.00 0.00 ? 6  DTR A CZ3  7  
HETATM 1380 C CE3  . DTR A 1 6  ? -5.320  7.762   -5.830  1.00 0.00 ? 6  DTR A CE3  7  
HETATM 1381 C CD2  . DTR A 1 6  ? -5.201  6.416   -5.440  1.00 0.00 ? 6  DTR A CD2  7  
HETATM 1382 C C    . DTR A 1 6  ? -1.717  7.360   -2.110  1.00 0.00 ? 6  DTR A C    7  
HETATM 1383 O O    . DTR A 1 6  ? -0.891  7.768   -2.924  1.00 0.00 ? 6  DTR A O    7  
HETATM 1384 H H    . DTR A 1 6  ? -3.809  5.122   -1.399  1.00 0.00 ? 6  DTR A H    7  
HETATM 1385 H HA   . DTR A 1 6  ? -3.892  7.168   -2.376  1.00 0.00 ? 6  DTR A HA   7  
HETATM 1386 H HB2  . DTR A 1 6  ? -2.745  7.354   -4.583  1.00 0.00 ? 6  DTR A HB2  7  
HETATM 1387 H HB3  . DTR A 1 6  ? -2.055  5.764   -4.322  1.00 0.00 ? 6  DTR A HB3  7  
HETATM 1388 H HD1  . DTR A 1 6  ? -3.993  3.694   -4.081  1.00 0.00 ? 6  DTR A HD1  7  
HETATM 1389 H HE1  . DTR A 1 6  ? -6.285  3.315   -5.334  1.00 0.00 ? 6  DTR A HE1  7  
HETATM 1390 H HZ2  . DTR A 1 6  ? -8.044  5.037   -6.777  1.00 0.00 ? 6  DTR A HZ2  7  
HETATM 1391 H HH2  . DTR A 1 6  ? -8.309  7.436   -7.507  1.00 0.00 ? 6  DTR A HH2  7  
HETATM 1392 H HZ3  . DTR A 1 6  ? -6.609  9.086   -6.903  1.00 0.00 ? 6  DTR A HZ3  7  
HETATM 1393 H HE3  . DTR A 1 6  ? -4.576  8.518   -5.576  1.00 0.00 ? 6  DTR A HE3  7  
HETATM 1394 N N    . IAM A 1 7  ? -1.614  7.507   -0.796  1.00 0.00 ? 7  IAM A N    7  
HETATM 1395 C CA   . IAM A 1 7  ? -0.475  8.190   -0.209  1.00 0.00 ? 7  IAM A CA   7  
HETATM 1396 C CB   . IAM A 1 7  ? -1.019  9.418   0.528   1.00 0.00 ? 7  IAM A CB   7  
HETATM 1397 C CG   . IAM A 1 7  ? -2.403  9.208   1.145   1.00 0.00 ? 7  IAM A CG   7  
HETATM 1398 C CD1  . IAM A 1 7  ? -3.519  9.551   0.446   1.00 0.00 ? 7  IAM A CD1  7  
HETATM 1399 C CE1  . IAM A 1 7  ? -4.805  9.357   1.018   1.00 0.00 ? 7  IAM A CE1  7  
HETATM 1400 C CZ   . IAM A 1 7  ? -4.919  8.829   2.267   1.00 0.00 ? 7  IAM A CZ   7  
HETATM 1401 C CE2  . IAM A 1 7  ? -3.804  8.485   2.965   1.00 0.00 ? 7  IAM A CE2  7  
HETATM 1402 C CD2  . IAM A 1 7  ? -2.519  8.679   2.392   1.00 0.00 ? 7  IAM A CD2  7  
HETATM 1403 C CT   . IAM A 1 7  ? -6.312  8.616   2.887   1.00 0.00 ? 7  IAM A CT   7  
HETATM 1404 N NH   . IAM A 1 7  ? -6.334  9.193   4.249   1.00 0.00 ? 7  IAM A NH   7  
HETATM 1405 C CI   . IAM A 1 7  ? -7.124  8.538   5.315   1.00 0.00 ? 7  IAM A CI   7  
HETATM 1406 C CK1  . IAM A 1 7  ? -6.819  9.210   6.667   1.00 0.00 ? 7  IAM A CK1  7  
HETATM 1407 C CK2  . IAM A 1 7  ? -6.779  7.040   5.396   1.00 0.00 ? 7  IAM A CK2  7  
HETATM 1408 C C    . IAM A 1 7  ? 0.248   7.290   0.793   1.00 0.00 ? 7  IAM A C    7  
HETATM 1409 O O    . IAM A 1 7  ? 1.475   7.276   0.849   1.00 0.00 ? 7  IAM A O    7  
HETATM 1410 H H    . IAM A 1 7  ? -2.291  7.173   -0.141  1.00 0.00 ? 7  IAM A H    7  
HETATM 1411 H HA   . IAM A 1 7  ? 0.205   8.445   -1.023  1.00 0.00 ? 7  IAM A HA   7  
HETATM 1412 H HB   . IAM A 1 7  ? -0.321  9.695   1.315   1.00 0.00 ? 7  IAM A HB   7  
HETATM 1413 H HB1  . IAM A 1 7  ? -1.066  10.255  -0.168  1.00 0.00 ? 7  IAM A HB1  7  
HETATM 1414 H HD1  . IAM A 1 7  ? -3.427  9.976   -0.554  1.00 0.00 ? 7  IAM A HD1  7  
HETATM 1415 H HE1  . IAM A 1 7  ? -5.698  9.631   0.459   1.00 0.00 ? 7  IAM A HE1  7  
HETATM 1416 H HE2  . IAM A 1 7  ? -3.896  8.060   3.966   1.00 0.00 ? 7  IAM A HE2  7  
HETATM 1417 H HD2  . IAM A 1 7  ? -1.625  8.405   2.951   1.00 0.00 ? 7  IAM A HD2  7  
HETATM 1418 H HT1  . IAM A 1 7  ? -6.522  7.567   2.938   1.00 0.00 ? 7  IAM A HT1  7  
HETATM 1419 H HT2  . IAM A 1 7  ? -7.051  9.103   2.283   1.00 0.00 ? 7  IAM A HT2  7  
HETATM 1420 H HH   . IAM A 1 7  ? -5.799  10.048  4.456   1.00 0.00 ? 7  IAM A HH   7  
HETATM 1421 H HI   . IAM A 1 7  ? -8.168  8.635   5.096   1.00 0.00 ? 7  IAM A HI   7  
HETATM 1422 H HK11 . IAM A 1 7  ? -5.778  9.095   6.896   1.00 0.00 ? 7  IAM A HK11 7  
HETATM 1423 H HK12 . IAM A 1 7  ? -7.058  10.252  6.610   1.00 0.00 ? 7  IAM A HK12 7  
HETATM 1424 H HK13 . IAM A 1 7  ? -7.404  8.751   7.435   1.00 0.00 ? 7  IAM A HK13 7  
HETATM 1425 H HK21 . IAM A 1 7  ? -6.486  6.795   6.397   1.00 0.00 ? 7  IAM A HK21 7  
HETATM 1426 H HK22 . IAM A 1 7  ? -7.635  6.459   5.124   1.00 0.00 ? 7  IAM A HK22 7  
HETATM 1427 H HK23 . IAM A 1 7  ? -5.974  6.821   4.727   1.00 0.00 ? 7  IAM A HK23 7  
ATOM   1428 N N    . THR A 1 8  ? -0.547  6.557   1.561   1.00 0.00 ? 8  THR A N    7  
ATOM   1429 C CA   . THR A 1 8  ? 0.003   5.654   2.558   1.00 0.00 ? 8  THR A CA   7  
ATOM   1430 C C    . THR A 1 8  ? 0.884   4.594   1.891   1.00 0.00 ? 8  THR A C    7  
ATOM   1431 O O    . THR A 1 8  ? 1.172   4.682   0.698   1.00 0.00 ? 8  THR A O    7  
ATOM   1432 C CB   . THR A 1 8  ? -1.164  5.061   3.352   1.00 0.00 ? 8  THR A CB   7  
ATOM   1433 O OG1  . THR A 1 8  ? -2.215  4.954   2.395   1.00 0.00 ? 8  THR A OG1  7  
ATOM   1434 C CG2  . THR A 1 8  ? -1.710  6.029   4.400   1.00 0.00 ? 8  THR A CG2  7  
ATOM   1435 H H    . THR A 1 8  ? -1.544  6.571   1.509   1.00 0.00 ? 8  THR A H    7  
ATOM   1436 H HA   . THR A 1 8  ? 0.644   6.228   3.226   1.00 0.00 ? 8  THR A HA   7  
ATOM   1437 H HB   . THR A 1 8  ? -0.880  4.110   3.807   1.00 0.00 ? 8  THR A HB   7  
ATOM   1438 H HG1  . THR A 1 8  ? -2.686  4.077   2.502   1.00 0.00 ? 8  THR A HG1  7  
ATOM   1439 H HG21 . THR A 1 8  ? -2.651  6.451   4.049   1.00 0.00 ? 8  THR A HG21 7  
ATOM   1440 H HG22 . THR A 1 8  ? -1.878  5.495   5.336   1.00 0.00 ? 8  THR A HG22 7  
ATOM   1441 H HG23 . THR A 1 8  ? -0.991  6.832   4.564   1.00 0.00 ? 8  THR A HG23 7  
ATOM   1442 N N    . PHE A 1 9  ? 1.289   3.619   2.692   1.00 0.00 ? 9  PHE A N    7  
ATOM   1443 C CA   . PHE A 1 9  ? 2.134   2.546   2.193   1.00 0.00 ? 9  PHE A CA   7  
ATOM   1444 C C    . PHE A 1 9  ? 1.857   1.240   2.942   1.00 0.00 ? 9  PHE A C    7  
ATOM   1445 O O    . PHE A 1 9  ? 2.750   0.409   3.098   1.00 0.00 ? 9  PHE A O    7  
ATOM   1446 C CB   . PHE A 1 9  ? 3.584   2.965   2.442   1.00 0.00 ? 9  PHE A CB   7  
ATOM   1447 C CG   . PHE A 1 9  ? 4.467   2.917   1.194   1.00 0.00 ? 9  PHE A CG   7  
ATOM   1448 C CD1  . PHE A 1 9  ? 3.974   3.326   -0.005  1.00 0.00 ? 9  PHE A CD1  7  
ATOM   1449 C CD2  . PHE A 1 9  ? 5.746   2.463   1.284   1.00 0.00 ? 9  PHE A CD2  7  
ATOM   1450 C CE1  . PHE A 1 9  ? 4.795   3.284   -1.162  1.00 0.00 ? 9  PHE A CE1  7  
ATOM   1451 C CE2  . PHE A 1 9  ? 6.567   2.418   0.126   1.00 0.00 ? 9  PHE A CE2  7  
ATOM   1452 C CZ   . PHE A 1 9  ? 6.074   2.829   -1.071  1.00 0.00 ? 9  PHE A CZ   7  
ATOM   1453 H H    . PHE A 1 9  ? 1.053   3.556   3.660   1.00 0.00 ? 9  PHE A H    7  
ATOM   1454 H HA   . PHE A 1 9  ? 1.899   2.414   1.137   1.00 0.00 ? 9  PHE A HA   7  
ATOM   1455 H HB3  . PHE A 1 9  ? 4.014   2.315   3.204   1.00 0.00 ? 9  PHE A HB3  7  
ATOM   1456 H HD1  . PHE A 1 9  ? 2.950   3.692   -0.076  1.00 0.00 ? 9  PHE A HD1  7  
ATOM   1457 H HD2  . PHE A 1 9  ? 6.142   2.133   2.245   1.00 0.00 ? 9  PHE A HD2  7  
ATOM   1458 H HE1  . PHE A 1 9  ? 4.402   3.613   -2.124  1.00 0.00 ? 9  PHE A HE1  7  
ATOM   1459 H HE2  . PHE A 1 9  ? 7.593   2.055   0.199   1.00 0.00 ? 9  PHE A HE2  7  
ATOM   1460 H HZ   . PHE A 1 9  ? 6.704   2.795   -1.962  1.00 0.00 ? 9  PHE A HZ   7  
HETATM 1461 N N    . HHK A 1 10 ? 0.616   1.099   3.382   1.00 0.00 ? 10 HHK A N    7  
HETATM 1462 C CA   . HHK A 1 10 ? 0.210   -0.091  4.109   1.00 0.00 ? 10 HHK A CA   7  
HETATM 1463 C CB   . HHK A 1 10 ? -1.158  0.120   4.765   1.00 0.00 ? 10 HHK A CB   7  
HETATM 1464 C CG   . HHK A 1 10 ? -1.009  0.400   6.262   1.00 0.00 ? 10 HHK A CG   7  
HETATM 1465 C CD   . HHK A 1 10 ? -1.708  1.706   6.647   1.00 0.00 ? 10 HHK A CD   7  
HETATM 1466 C CE   . HHK A 1 10 ? -3.132  1.751   6.089   1.00 0.00 ? 10 HHK A CE   7  
HETATM 1467 C CZ   . HHK A 1 10 ? -3.205  2.758   4.927   1.00 0.00 ? 10 HHK A CZ   7  
HETATM 1468 C CT   . HHK A 1 10 ? -4.226  2.268   3.884   1.00 0.00 ? 10 HHK A CT   7  
HETATM 1469 N NH   . HHK A 1 10 ? -3.670  1.104   3.161   1.00 0.00 ? 10 HHK A NH   7  
HETATM 1470 C C    . HHK A 1 10 ? 0.260   -1.300  3.172   1.00 0.00 ? 10 HHK A C    7  
HETATM 1471 O O    . HHK A 1 10 ? -0.774  -1.763  2.694   1.00 0.00 ? 10 HHK A O    7  
HETATM 1472 H H    . HHK A 1 10 ? -0.105  1.780   3.250   1.00 0.00 ? 10 HHK A H    7  
HETATM 1473 H HA   . HHK A 1 10 ? 0.932   -0.246  4.912   1.00 0.00 ? 10 HHK A HA   7  
HETATM 1474 H HB2  . HHK A 1 10 ? -1.669  0.954   4.284   1.00 0.00 ? 10 HHK A HB2  7  
HETATM 1475 H HB3  . HHK A 1 10 ? -1.777  -0.764  4.615   1.00 0.00 ? 10 HHK A HB3  7  
HETATM 1476 H HG2  . HHK A 1 10 ? -1.433  -0.427  6.833   1.00 0.00 ? 10 HHK A HG2  7  
HETATM 1477 H HG3  . HHK A 1 10 ? 0.047   0.459   6.522   1.00 0.00 ? 10 HHK A HG3  7  
HETATM 1478 H HD2  . HHK A 1 10 ? -1.738  1.799   7.733   1.00 0.00 ? 10 HHK A HD2  7  
HETATM 1479 H HD3  . HHK A 1 10 ? -1.139  2.553   6.269   1.00 0.00 ? 10 HHK A HD3  7  
HETATM 1480 H HE2  . HHK A 1 10 ? -3.425  0.758   5.744   1.00 0.00 ? 10 HHK A HE2  7  
HETATM 1481 H HE3  . HHK A 1 10 ? -3.830  2.033   6.877   1.00 0.00 ? 10 HHK A HE3  7  
HETATM 1482 H HZ2  . HHK A 1 10 ? -3.508  3.711   5.304   1.00 0.00 ? 10 HHK A HZ2  7  
HETATM 1483 H HZ3  . HHK A 1 10 ? -2.240  2.846   4.470   1.00 0.00 ? 10 HHK A HZ3  7  
HETATM 1484 H HT2  . HHK A 1 10 ? -5.130  1.987   4.377   1.00 0.00 ? 10 HHK A HT2  7  
HETATM 1485 H HT1  . HHK A 1 10 ? -4.430  3.057   3.189   1.00 0.00 ? 10 HHK A HT1  7  
HETATM 1486 H HH2  . HHK A 1 10 ? -2.785  1.356   2.744   1.00 0.00 ? 10 HHK A HH2  7  
ATOM   1487 N N    . SER A 1 11 ? 1.475   -1.773  2.935   1.00 0.00 ? 11 SER A N    7  
ATOM   1488 C CA   . SER A 1 11 ? 1.674   -2.917  2.064   1.00 0.00 ? 11 SER A CA   7  
ATOM   1489 C C    . SER A 1 11 ? 1.416   -4.214  2.834   1.00 0.00 ? 11 SER A C    7  
ATOM   1490 O O    . SER A 1 11 ? 1.619   -4.272  4.046   1.00 0.00 ? 11 SER A O    7  
ATOM   1491 C CB   . SER A 1 11 ? 3.087   -2.923  1.473   1.00 0.00 ? 11 SER A CB   7  
ATOM   1492 O OG   . SER A 1 11 ? 3.491   -1.624  1.045   1.00 0.00 ? 11 SER A OG   7  
ATOM   1493 H H    . SER A 1 11 ? 2.310   -1.392  3.328   1.00 0.00 ? 11 SER A H    7  
ATOM   1494 H HA   . SER A 1 11 ? 0.946   -2.800  1.261   1.00 0.00 ? 11 SER A HA   7  
ATOM   1495 H HB3  . SER A 1 11 ? 3.126   -3.611  0.630   1.00 0.00 ? 11 SER A HB3  7  
ATOM   1496 H HG   . SER A 1 11 ? 3.503   -0.996  1.823   1.00 0.00 ? 11 SER A HG   7  
ATOM   1497 N N    . CYS A 1 12 ? 0.974   -5.224  2.098   1.00 0.00 ? 12 CYS A N    7  
ATOM   1498 C CA   . CYS A 1 12 ? 0.687   -6.517  2.698   1.00 0.00 ? 12 CYS A CA   7  
ATOM   1499 C C    . CYS A 1 12 ? 1.813   -6.854  3.677   1.00 0.00 ? 12 CYS A C    7  
ATOM   1500 O O    . CYS A 1 12 ? 1.682   -7.768  4.488   1.00 0.00 ? 12 CYS A O    7  
ATOM   1501 C CB   . CYS A 1 12 ? 0.508   -7.605  1.636   1.00 0.00 ? 12 CYS A CB   7  
ATOM   1502 S SG   . CYS A 1 12 ? 2.010   -7.979  0.661   1.00 0.00 ? 12 CYS A SG   7  
ATOM   1503 H H    . CYS A 1 12 ? 0.812   -5.172  1.113   1.00 0.00 ? 12 CYS A H    7  
ATOM   1504 H HA   . CYS A 1 12 ? -0.263  -6.414  3.221   1.00 0.00 ? 12 CYS A HA   7  
ATOM   1505 H HB3  . CYS A 1 12 ? -0.285  -7.301  0.954   1.00 0.00 ? 12 CYS A HB3  7  
ATOM   1506 N N    . TYR A 1 1  ? -2.487  -9.146  -3.461  1.00 0.00 ? 1  TYR A N    8  
ATOM   1507 C CA   . TYR A 1 1  ? -1.235  -8.443  -3.685  1.00 0.00 ? 1  TYR A CA   8  
ATOM   1508 C C    . TYR A 1 1  ? -0.968  -7.429  -2.569  1.00 0.00 ? 1  TYR A C    8  
ATOM   1509 O O    . TYR A 1 1  ? -1.805  -7.232  -1.691  1.00 0.00 ? 1  TYR A O    8  
ATOM   1510 C CB   . TYR A 1 1  ? -1.402  -7.698  -5.009  1.00 0.00 ? 1  TYR A CB   8  
ATOM   1511 C CG   . TYR A 1 1  ? -1.881  -8.577  -6.165  1.00 0.00 ? 1  TYR A CG   8  
ATOM   1512 C CD1  . TYR A 1 1  ? -1.016  -9.484  -6.746  1.00 0.00 ? 1  TYR A CD1  8  
ATOM   1513 C CD2  . TYR A 1 1  ? -3.176  -8.466  -6.625  1.00 0.00 ? 1  TYR A CD2  8  
ATOM   1514 C CE1  . TYR A 1 1  ? -1.468  -10.312 -7.834  1.00 0.00 ? 1  TYR A CE1  8  
ATOM   1515 C CE2  . TYR A 1 1  ? -3.628  -9.295  -7.714  1.00 0.00 ? 1  TYR A CE2  8  
ATOM   1516 C CZ   . TYR A 1 1  ? -2.752  -10.178 -8.263  1.00 0.00 ? 1  TYR A CZ   8  
ATOM   1517 O OH   . TYR A 1 1  ? -3.177  -10.961 -9.290  1.00 0.00 ? 1  TYR A OH   8  
ATOM   1518 H H1   . TYR A 1 1  ? -2.538  -10.059 -3.866  1.00 0.00 ? 1  TYR A H1   8  
ATOM   1519 H HA   . TYR A 1 1  ? -0.433  -9.182  -3.693  1.00 0.00 ? 1  TYR A HA   8  
ATOM   1520 H HB3  . TYR A 1 1  ? -0.448  -7.244  -5.283  1.00 0.00 ? 1  TYR A HB3  8  
ATOM   1521 H HD1  . TYR A 1 1  ? 0.007   -9.572  -6.381  1.00 0.00 ? 1  TYR A HD1  8  
ATOM   1522 H HD2  . TYR A 1 1  ? -3.859  -7.751  -6.166  1.00 0.00 ? 1  TYR A HD2  8  
ATOM   1523 H HE1  . TYR A 1 1  ? -0.796  -11.033 -8.301  1.00 0.00 ? 1  TYR A HE1  8  
ATOM   1524 H HE2  . TYR A 1 1  ? -4.650  -9.218  -8.086  1.00 0.00 ? 1  TYR A HE2  8  
ATOM   1525 H HH   . TYR A 1 1  ? -2.392  -11.347 -9.775  1.00 0.00 ? 1  TYR A HH   8  
ATOM   1526 N N    . CYS A 1 2  ? 0.201   -6.812  -2.644  1.00 0.00 ? 2  CYS A N    8  
ATOM   1527 C CA   . CYS A 1 2  ? 0.590   -5.823  -1.653  1.00 0.00 ? 2  CYS A CA   8  
ATOM   1528 C C    . CYS A 1 2  ? -0.062  -4.490  -2.025  1.00 0.00 ? 2  CYS A C    8  
ATOM   1529 O O    . CYS A 1 2  ? -1.174  -4.195  -1.590  1.00 0.00 ? 2  CYS A O    8  
ATOM   1530 C CB   . CYS A 1 2  ? 2.109   -5.702  -1.538  1.00 0.00 ? 2  CYS A CB   8  
ATOM   1531 S SG   . CYS A 1 2  ? 2.836   -6.517  -0.070  1.00 0.00 ? 2  CYS A SG   8  
ATOM   1532 H H    . CYS A 1 2  ? 0.877   -6.977  -3.363  1.00 0.00 ? 2  CYS A H    8  
ATOM   1533 H HA   . CYS A 1 2  ? 0.218   -6.180  -0.693  1.00 0.00 ? 2  CYS A HA   8  
ATOM   1534 H HB3  . CYS A 1 2  ? 2.376   -4.646  -1.519  1.00 0.00 ? 2  CYS A HB3  8  
ATOM   1535 N N    . LYS A 1 3  ? 0.658   -3.718  -2.828  1.00 0.00 ? 3  LYS A N    8  
ATOM   1536 C CA   . LYS A 1 3  ? 0.165   -2.424  -3.263  1.00 0.00 ? 3  LYS A CA   8  
ATOM   1537 C C    . LYS A 1 3  ? 0.114   -1.472  -2.066  1.00 0.00 ? 3  LYS A C    8  
ATOM   1538 O O    . LYS A 1 3  ? -0.708  -1.643  -1.166  1.00 0.00 ? 3  LYS A O    8  
ATOM   1539 C CB   . LYS A 1 3  ? -1.177  -2.575  -3.984  1.00 0.00 ? 3  LYS A CB   8  
ATOM   1540 C CG   . LYS A 1 3  ? -1.021  -2.335  -5.487  1.00 0.00 ? 3  LYS A CG   8  
ATOM   1541 C CD   . LYS A 1 3  ? -0.515  -3.593  -6.195  1.00 0.00 ? 3  LYS A CD   8  
ATOM   1542 C CE   . LYS A 1 3  ? -0.617  -3.444  -7.714  1.00 0.00 ? 3  LYS A CE   8  
ATOM   1543 N NZ   . LYS A 1 3  ? -0.207  -4.698  -8.386  1.00 0.00 ? 3  LYS A NZ   8  
ATOM   1544 H H    . LYS A 1 3  ? 1.561   -3.965  -3.177  1.00 0.00 ? 3  LYS A H    8  
ATOM   1545 H HA   . LYS A 1 3  ? 0.876   -2.029  -3.986  1.00 0.00 ? 3  LYS A HA   8  
ATOM   1546 H HB3  . LYS A 1 3  ? -1.897  -1.870  -3.570  1.00 0.00 ? 3  LYS A HB3  8  
ATOM   1547 H HG3  . LYS A 1 3  ? -0.325  -1.513  -5.657  1.00 0.00 ? 3  LYS A HG3  8  
ATOM   1548 H HD3  . LYS A 1 3  ? -1.096  -4.455  -5.870  1.00 0.00 ? 3  LYS A HD3  8  
ATOM   1549 H HE3  . LYS A 1 3  ? 0.014   -2.622  -8.049  1.00 0.00 ? 3  LYS A HE3  8  
ATOM   1550 H HZ1  . LYS A 1 3  ? 0.488   -5.205  -7.851  1.00 0.00 ? 3  LYS A HZ1  8  
ATOM   1551 H HZ2  . LYS A 1 3  ? -0.991  -5.330  -8.523  1.00 0.00 ? 3  LYS A HZ2  8  
ATOM   1552 N N    . PHE A 1 4  ? 1.003   -0.490  -2.093  1.00 0.00 ? 4  PHE A N    8  
ATOM   1553 C CA   . PHE A 1 4  ? 1.072   0.487   -1.020  1.00 0.00 ? 4  PHE A CA   8  
ATOM   1554 C C    . PHE A 1 4  ? -0.268  1.209   -0.852  1.00 0.00 ? 4  PHE A C    8  
ATOM   1555 O O    . PHE A 1 4  ? -1.103  0.794   -0.048  1.00 0.00 ? 4  PHE A O    8  
ATOM   1556 C CB   . PHE A 1 4  ? 2.140   1.510   -1.412  1.00 0.00 ? 4  PHE A CB   8  
ATOM   1557 C CG   . PHE A 1 4  ? 3.576   1.018   -1.203  1.00 0.00 ? 4  PHE A CG   8  
ATOM   1558 C CD1  . PHE A 1 4  ? 3.937   0.460   -0.018  1.00 0.00 ? 4  PHE A CD1  8  
ATOM   1559 C CD2  . PHE A 1 4  ? 4.488   1.142   -2.205  1.00 0.00 ? 4  PHE A CD2  8  
ATOM   1560 C CE1  . PHE A 1 4  ? 5.270   0.004   0.174   1.00 0.00 ? 4  PHE A CE1  8  
ATOM   1561 C CE2  . PHE A 1 4  ? 5.820   0.686   -2.013  1.00 0.00 ? 4  PHE A CE2  8  
ATOM   1562 C CZ   . PHE A 1 4  ? 6.180   0.127   -0.827  1.00 0.00 ? 4  PHE A CZ   8  
ATOM   1563 H H    . PHE A 1 4  ? 1.668   -0.357  -2.827  1.00 0.00 ? 4  PHE A H    8  
ATOM   1564 H HA   . PHE A 1 4  ? 1.308   -0.053  -0.102  1.00 0.00 ? 4  PHE A HA   8  
ATOM   1565 H HB3  . PHE A 1 4  ? 1.991   2.417   -0.830  1.00 0.00 ? 4  PHE A HB3  8  
ATOM   1566 H HD1  . PHE A 1 4  ? 3.207   0.361   0.784   1.00 0.00 ? 4  PHE A HD1  8  
ATOM   1567 H HD2  . PHE A 1 4  ? 4.196   1.589   -3.155  1.00 0.00 ? 4  PHE A HD2  8  
ATOM   1568 H HE1  . PHE A 1 4  ? 5.559   -0.444  1.124   1.00 0.00 ? 4  PHE A HE1  8  
ATOM   1569 H HE2  . PHE A 1 4  ? 6.550   0.784   -2.815  1.00 0.00 ? 4  PHE A HE2  8  
ATOM   1570 H HZ   . PHE A 1 4  ? 7.203   -0.222  -0.678  1.00 0.00 ? 4  PHE A HZ   8  
ATOM   1571 N N    . GLU A 1 5  ? -0.428  2.277   -1.619  1.00 0.00 ? 5  GLU A N    8  
ATOM   1572 C CA   . GLU A 1 5  ? -1.653  3.059   -1.563  1.00 0.00 ? 5  GLU A CA   8  
ATOM   1573 C C    . GLU A 1 5  ? -1.434  4.431   -2.205  1.00 0.00 ? 5  GLU A C    8  
ATOM   1574 O O    . GLU A 1 5  ? -0.317  4.764   -2.602  1.00 0.00 ? 5  GLU A O    8  
ATOM   1575 C CB   . GLU A 1 5  ? -2.149  3.201   -0.124  1.00 0.00 ? 5  GLU A CB   8  
ATOM   1576 C CG   . GLU A 1 5  ? -3.410  2.363   0.106   1.00 0.00 ? 5  GLU A CG   8  
ATOM   1577 C CD   . GLU A 1 5  ? -3.297  1.545   1.393   1.00 0.00 ? 5  GLU A CD   8  
ATOM   1578 O OE1  . GLU A 1 5  ? -3.417  0.311   1.356   1.00 0.00 ? 5  GLU A OE1  8  
ATOM   1579 H H    . GLU A 1 5  ? 0.255   2.608   -2.267  1.00 0.00 ? 5  GLU A H    8  
ATOM   1580 H HA   . GLU A 1 5  ? -2.385  2.494   -2.140  1.00 0.00 ? 5  GLU A HA   8  
ATOM   1581 H HB2  . GLU A 1 5  ? -1.368  2.885   0.568   1.00 0.00 ? 5  GLU A HB2  8  
ATOM   1582 H HB3  . GLU A 1 5  ? -2.361  4.248   0.091   1.00 0.00 ? 5  GLU A HB3  8  
ATOM   1583 H HG2  . GLU A 1 5  ? -4.279  3.017   0.163   1.00 0.00 ? 5  GLU A HG2  8  
ATOM   1584 H HG3  . GLU A 1 5  ? -3.567  1.697   -0.741  1.00 0.00 ? 5  GLU A HG3  8  
HETATM 1585 N N    . DTR A 1 6  ? -2.516  5.191   -2.286  1.00 0.00 ? 6  DTR A N    8  
HETATM 1586 C CA   . DTR A 1 6  ? -2.456  6.518   -2.873  1.00 0.00 ? 6  DTR A CA   8  
HETATM 1587 C CB   . DTR A 1 6  ? -1.882  6.382   -4.285  1.00 0.00 ? 6  DTR A CB   8  
HETATM 1588 C CG   . DTR A 1 6  ? -2.547  5.289   -5.124  1.00 0.00 ? 6  DTR A CG   8  
HETATM 1589 C CD1  . DTR A 1 6  ? -2.334  3.967   -5.074  1.00 0.00 ? 6  DTR A CD1  8  
HETATM 1590 N NE1  . DTR A 1 6  ? -3.123  3.295   -5.987  1.00 0.00 ? 6  DTR A NE1  8  
HETATM 1591 C CE2  . DTR A 1 6  ? -3.884  4.244   -6.658  1.00 0.00 ? 6  DTR A CE2  8  
HETATM 1592 C CZ2  . DTR A 1 6  ? -4.832  4.066   -7.672  1.00 0.00 ? 6  DTR A CZ2  8  
HETATM 1593 C CH2  . DTR A 1 6  ? -5.444  5.226   -8.162  1.00 0.00 ? 6  DTR A CH2  8  
HETATM 1594 C CZ3  . DTR A 1 6  ? -5.097  6.463   -7.634  1.00 0.00 ? 6  DTR A CZ3  8  
HETATM 1595 C CE3  . DTR A 1 6  ? -4.149  6.658   -6.621  1.00 0.00 ? 6  DTR A CE3  8  
HETATM 1596 C CD2  . DTR A 1 6  ? -3.549  5.480   -6.145  1.00 0.00 ? 6  DTR A CD2  8  
HETATM 1597 C C    . DTR A 1 6  ? -1.527  7.375   -2.010  1.00 0.00 ? 6  DTR A C    8  
HETATM 1598 O O    . DTR A 1 6  ? -0.506  7.867   -2.492  1.00 0.00 ? 6  DTR A O    8  
HETATM 1599 H H    . DTR A 1 6  ? -3.420  4.914   -1.961  1.00 0.00 ? 6  DTR A H    8  
HETATM 1600 H HA   . DTR A 1 6  ? -3.455  6.946   -2.975  1.00 0.00 ? 6  DTR A HA   8  
HETATM 1601 H HB2  . DTR A 1 6  ? -1.984  7.336   -4.801  1.00 0.00 ? 6  DTR A HB2  8  
HETATM 1602 H HB3  . DTR A 1 6  ? -0.814  6.171   -4.212  1.00 0.00 ? 6  DTR A HB3  8  
HETATM 1603 H HD1  . DTR A 1 6  ? -1.629  3.484   -4.399  1.00 0.00 ? 6  DTR A HD1  8  
HETATM 1604 H HE1  . DTR A 1 6  ? -3.143  2.217   -6.149  1.00 0.00 ? 6  DTR A HE1  8  
HETATM 1605 H HZ2  . DTR A 1 6  ? -5.079  3.079   -8.061  1.00 0.00 ? 6  DTR A HZ2  8  
HETATM 1606 H HH2  . DTR A 1 6  ? -6.192  5.158   -8.953  1.00 0.00 ? 6  DTR A HH2  8  
HETATM 1607 H HZ3  . DTR A 1 6  ? -5.593  7.346   -8.040  1.00 0.00 ? 6  DTR A HZ3  8  
HETATM 1608 H HE3  . DTR A 1 6  ? -3.904  7.645   -6.231  1.00 0.00 ? 6  DTR A HE3  8  
HETATM 1609 N N    . IAM A 1 7  ? -1.913  7.526   -0.751  1.00 0.00 ? 7  IAM A N    8  
HETATM 1610 C CA   . IAM A 1 7  ? -1.126  8.315   0.182   1.00 0.00 ? 7  IAM A CA   8  
HETATM 1611 C CB   . IAM A 1 7  ? -2.076  9.326   0.826   1.00 0.00 ? 7  IAM A CB   8  
HETATM 1612 C CG   . IAM A 1 7  ? -3.463  8.762   1.142   1.00 0.00 ? 7  IAM A CG   8  
HETATM 1613 C CD1  . IAM A 1 7  ? -3.771  8.388   2.411   1.00 0.00 ? 7  IAM A CD1  8  
HETATM 1614 C CE1  . IAM A 1 7  ? -5.059  7.863   2.706   1.00 0.00 ? 7  IAM A CE1  8  
HETATM 1615 C CZ   . IAM A 1 7  ? -5.983  7.738   1.717   1.00 0.00 ? 7  IAM A CZ   8  
HETATM 1616 C CE2  . IAM A 1 7  ? -5.676  8.115   0.446   1.00 0.00 ? 7  IAM A CE2  8  
HETATM 1617 C CD2  . IAM A 1 7  ? -4.388  8.636   0.153   1.00 0.00 ? 7  IAM A CD2  8  
HETATM 1618 C CT   . IAM A 1 7  ? -7.380  7.173   2.036   1.00 0.00 ? 7  IAM A CT   8  
HETATM 1619 N NH   . IAM A 1 7  ? -7.602  5.942   1.246   1.00 0.00 ? 7  IAM A NH   8  
HETATM 1620 C CI   . IAM A 1 7  ? -8.973  5.414   1.069   1.00 0.00 ? 7  IAM A CI   8  
HETATM 1621 C CK1  . IAM A 1 7  ? -9.043  3.976   1.614   1.00 0.00 ? 7  IAM A CK1  8  
HETATM 1622 C CK2  . IAM A 1 7  ? -9.356  5.419   -0.422  1.00 0.00 ? 7  IAM A CK2  8  
HETATM 1623 C C    . IAM A 1 7  ? -0.527  7.431   1.277   1.00 0.00 ? 7  IAM A C    8  
HETATM 1624 O O    . IAM A 1 7  ? 0.440   7.818   1.932   1.00 0.00 ? 7  IAM A O    8  
HETATM 1625 H H    . IAM A 1 7  ? -2.744  7.124   -0.368  1.00 0.00 ? 7  IAM A H    8  
HETATM 1626 H HA   . IAM A 1 7  ? -0.323  8.782   -0.386  1.00 0.00 ? 7  IAM A HA   8  
HETATM 1627 H HB   . IAM A 1 7  ? -1.628  9.695   1.747   1.00 0.00 ? 7  IAM A HB   8  
HETATM 1628 H HB1  . IAM A 1 7  ? -2.188  10.181  0.159   1.00 0.00 ? 7  IAM A HB1  8  
HETATM 1629 H HD1  . IAM A 1 7  ? -3.030  8.487   3.205   1.00 0.00 ? 7  IAM A HD1  8  
HETATM 1630 H HE1  . IAM A 1 7  ? -5.307  7.562   3.724   1.00 0.00 ? 7  IAM A HE1  8  
HETATM 1631 H HE2  . IAM A 1 7  ? -6.417  8.014   -0.347  1.00 0.00 ? 7  IAM A HE2  8  
HETATM 1632 H HD2  . IAM A 1 7  ? -4.141  8.938   -0.865  1.00 0.00 ? 7  IAM A HD2  8  
HETATM 1633 H HT1  . IAM A 1 7  ? -8.123  7.899   1.783   1.00 0.00 ? 7  IAM A HT1  8  
HETATM 1634 H HT2  . IAM A 1 7  ? -7.443  6.941   3.079   1.00 0.00 ? 7  IAM A HT2  8  
HETATM 1635 H HH   . IAM A 1 7  ? -6.801  5.453   0.818   1.00 0.00 ? 7  IAM A HH   8  
HETATM 1636 H HI   . IAM A 1 7  ? -9.664  6.032   1.604   1.00 0.00 ? 7  IAM A HI   8  
HETATM 1637 H HK11 . IAM A 1 7  ? -8.363  3.354   1.069   1.00 0.00 ? 7  IAM A HK11 8  
HETATM 1638 H HK12 . IAM A 1 7  ? -8.778  3.975   2.651   1.00 0.00 ? 7  IAM A HK12 8  
HETATM 1639 H HK13 . IAM A 1 7  ? -10.038 3.600   1.501   1.00 0.00 ? 7  IAM A HK13 8  
HETATM 1640 H HK21 . IAM A 1 7  ? -9.735  4.457   -0.695  1.00 0.00 ? 7  IAM A HK21 8  
HETATM 1641 H HK22 . IAM A 1 7  ? -10.106 6.161   -0.596  1.00 0.00 ? 7  IAM A HK22 8  
HETATM 1642 H HK23 . IAM A 1 7  ? -8.491  5.642   -1.013  1.00 0.00 ? 7  IAM A HK23 8  
ATOM   1643 N N    . THR A 1 8  ? -1.122  6.259   1.440   1.00 0.00 ? 8  THR A N    8  
ATOM   1644 C CA   . THR A 1 8  ? -0.658  5.316   2.443   1.00 0.00 ? 8  THR A CA   8  
ATOM   1645 C C    . THR A 1 8  ? 0.327   4.323   1.826   1.00 0.00 ? 8  THR A C    8  
ATOM   1646 O O    . THR A 1 8  ? 0.520   4.307   0.612   1.00 0.00 ? 8  THR A O    8  
ATOM   1647 C CB   . THR A 1 8  ? -1.885  4.646   3.068   1.00 0.00 ? 8  THR A CB   8  
ATOM   1648 O OG1  . THR A 1 8  ? -2.926  4.884   2.124   1.00 0.00 ? 8  THR A OG1  8  
ATOM   1649 C CG2  . THR A 1 8  ? -2.361  5.359   4.334   1.00 0.00 ? 8  THR A CG2  8  
ATOM   1650 H H    . THR A 1 8  ? -1.908  5.951   0.903   1.00 0.00 ? 8  THR A H    8  
ATOM   1651 H HA   . THR A 1 8  ? -0.117  5.870   3.210   1.00 0.00 ? 8  THR A HA   8  
ATOM   1652 H HB   . THR A 1 8  ? -1.696  3.589   3.261   1.00 0.00 ? 8  THR A HB   8  
ATOM   1653 H HG1  . THR A 1 8  ? -3.291  5.809   2.241   1.00 0.00 ? 8  THR A HG1  8  
ATOM   1654 H HG21 . THR A 1 8  ? -3.352  4.996   4.606   1.00 0.00 ? 8  THR A HG21 8  
ATOM   1655 H HG22 . THR A 1 8  ? -1.664  5.157   5.148   1.00 0.00 ? 8  THR A HG22 8  
ATOM   1656 H HG23 . THR A 1 8  ? -2.405  6.433   4.153   1.00 0.00 ? 8  THR A HG23 8  
ATOM   1657 N N    . PHE A 1 9  ? 0.926   3.518   2.692   1.00 0.00 ? 9  PHE A N    8  
ATOM   1658 C CA   . PHE A 1 9  ? 1.888   2.523   2.246   1.00 0.00 ? 9  PHE A CA   8  
ATOM   1659 C C    . PHE A 1 9  ? 1.765   1.237   3.065   1.00 0.00 ? 9  PHE A C    8  
ATOM   1660 O O    . PHE A 1 9  ? 2.762   0.569   3.333   1.00 0.00 ? 9  PHE A O    8  
ATOM   1661 C CB   . PHE A 1 9  ? 3.280   3.119   2.464   1.00 0.00 ? 9  PHE A CB   8  
ATOM   1662 C CG   . PHE A 1 9  ? 4.131   3.194   1.193   1.00 0.00 ? 9  PHE A CG   8  
ATOM   1663 C CD1  . PHE A 1 9  ? 3.649   3.831   0.091   1.00 0.00 ? 9  PHE A CD1  8  
ATOM   1664 C CD2  . PHE A 1 9  ? 5.365   2.627   1.166   1.00 0.00 ? 9  PHE A CD2  8  
ATOM   1665 C CE1  . PHE A 1 9  ? 4.437   3.901   -1.088  1.00 0.00 ? 9  PHE A CE1  8  
ATOM   1666 C CE2  . PHE A 1 9  ? 6.154   2.698   -0.013  1.00 0.00 ? 9  PHE A CE2  8  
ATOM   1667 C CZ   . PHE A 1 9  ? 5.672   3.334   -1.115  1.00 0.00 ? 9  PHE A CZ   8  
ATOM   1668 H H    . PHE A 1 9  ? 0.764   3.537   3.679   1.00 0.00 ? 9  PHE A H    8  
ATOM   1669 H HA   . PHE A 1 9  ? 1.671   2.308   1.200   1.00 0.00 ? 9  PHE A HA   8  
ATOM   1670 H HB3  . PHE A 1 9  ? 3.809   2.520   3.206   1.00 0.00 ? 9  PHE A HB3  8  
ATOM   1671 H HD1  . PHE A 1 9  ? 2.660   4.285   0.113   1.00 0.00 ? 9  PHE A HD1  8  
ATOM   1672 H HD2  . PHE A 1 9  ? 5.750   2.119   2.050   1.00 0.00 ? 9  PHE A HD2  8  
ATOM   1673 H HE1  . PHE A 1 9  ? 4.051   4.412   -1.972  1.00 0.00 ? 9  PHE A HE1  8  
ATOM   1674 H HE2  . PHE A 1 9  ? 7.143   2.244   -0.034  1.00 0.00 ? 9  PHE A HE2  8  
ATOM   1675 H HZ   . PHE A 1 9  ? 6.278   3.389   -2.020  1.00 0.00 ? 9  PHE A HZ   8  
HETATM 1676 N N    . HHK A 1 10 ? 0.530   0.926   3.436   1.00 0.00 ? 10 HHK A N    8  
HETATM 1677 C CA   . HHK A 1 10 ? 0.263   -0.270  4.219   1.00 0.00 ? 10 HHK A CA   8  
HETATM 1678 C CB   . HHK A 1 10 ? -1.144  -0.216  4.814   1.00 0.00 ? 10 HHK A CB   8  
HETATM 1679 C CG   . HHK A 1 10 ? -1.184  0.693   6.044   1.00 0.00 ? 10 HHK A CG   8  
HETATM 1680 C CD   . HHK A 1 10 ? -1.851  2.031   5.715   1.00 0.00 ? 10 HHK A CD   8  
HETATM 1681 C CE   . HHK A 1 10 ? -3.316  1.831   5.327   1.00 0.00 ? 10 HHK A CE   8  
HETATM 1682 C CZ   . HHK A 1 10 ? -3.501  2.114   3.824   1.00 0.00 ? 10 HHK A CZ   8  
HETATM 1683 C CT   . HHK A 1 10 ? -4.704  1.313   3.294   1.00 0.00 ? 10 HHK A CT   8  
HETATM 1684 N NH   . HHK A 1 10 ? -5.261  1.991   2.104   1.00 0.00 ? 10 HHK A NH   8  
HETATM 1685 C C    . HHK A 1 10 ? 0.519   -1.506  3.353   1.00 0.00 ? 10 HHK A C    8  
HETATM 1686 O O    . HHK A 1 10 ? -0.416  -2.225  3.000   1.00 0.00 ? 10 HHK A O    8  
HETATM 1687 H H    . HHK A 1 10 ? -0.274  1.473   3.214   1.00 0.00 ? 10 HHK A H    8  
HETATM 1688 H HA   . HHK A 1 10 ? 0.966   -0.280  5.051   1.00 0.00 ? 10 HHK A HA   8  
HETATM 1689 H HB2  . HHK A 1 10 ? -1.847  0.147   4.066   1.00 0.00 ? 10 HHK A HB2  8  
HETATM 1690 H HB3  . HHK A 1 10 ? -1.464  -1.221  5.090   1.00 0.00 ? 10 HHK A HB3  8  
HETATM 1691 H HG2  . HHK A 1 10 ? -1.729  0.200   6.848   1.00 0.00 ? 10 HHK A HG2  8  
HETATM 1692 H HG3  . HHK A 1 10 ? -0.170  0.867   6.406   1.00 0.00 ? 10 HHK A HG3  8  
HETATM 1693 H HD2  . HHK A 1 10 ? -1.787  2.694   6.579   1.00 0.00 ? 10 HHK A HD2  8  
HETATM 1694 H HD3  . HHK A 1 10 ? -1.315  2.516   4.899   1.00 0.00 ? 10 HHK A HD3  8  
HETATM 1695 H HE2  . HHK A 1 10 ? -3.625  0.813   5.558   1.00 0.00 ? 10 HHK A HE2  8  
HETATM 1696 H HE3  . HHK A 1 10 ? -3.949  2.499   5.912   1.00 0.00 ? 10 HHK A HE3  8  
HETATM 1697 H HZ2  . HHK A 1 10 ? -3.671  3.157   3.677   1.00 0.00 ? 10 HHK A HZ2  8  
HETATM 1698 H HZ3  . HHK A 1 10 ? -2.615  1.820   3.295   1.00 0.00 ? 10 HHK A HZ3  8  
HETATM 1699 H HT2  . HHK A 1 10 ? -4.385  0.327   3.029   1.00 0.00 ? 10 HHK A HT2  8  
HETATM 1700 H HT1  . HHK A 1 10 ? -5.454  1.251   4.056   1.00 0.00 ? 10 HHK A HT1  8  
HETATM 1701 H HH2  . HHK A 1 10 ? -4.858  2.914   2.023   1.00 0.00 ? 10 HHK A HH2  8  
ATOM   1702 N N    . SER A 1 11 ? 1.788   -1.718  3.039   1.00 0.00 ? 11 SER A N    8  
ATOM   1703 C CA   . SER A 1 11 ? 2.178   -2.856  2.223   1.00 0.00 ? 11 SER A CA   8  
ATOM   1704 C C    . SER A 1 11 ? 1.845   -4.160  2.951   1.00 0.00 ? 11 SER A C    8  
ATOM   1705 O O    . SER A 1 11 ? 2.051   -4.271  4.159   1.00 0.00 ? 11 SER A O    8  
ATOM   1706 C CB   . SER A 1 11 ? 3.669   -2.804  1.882   1.00 0.00 ? 11 SER A CB   8  
ATOM   1707 O OG   . SER A 1 11 ? 4.151   -4.057  1.405   1.00 0.00 ? 11 SER A OG   8  
ATOM   1708 H H    . SER A 1 11 ? 2.542   -1.128  3.332   1.00 0.00 ? 11 SER A H    8  
ATOM   1709 H HA   . SER A 1 11 ? 1.593   -2.766  1.308   1.00 0.00 ? 11 SER A HA   8  
ATOM   1710 H HB3  . SER A 1 11 ? 4.233   -2.510  2.766   1.00 0.00 ? 11 SER A HB3  8  
ATOM   1711 H HG   . SER A 1 11 ? 4.267   -4.022  0.412   1.00 0.00 ? 11 SER A HG   8  
ATOM   1712 N N    . CYS A 1 12 ? 1.336   -5.114  2.186   1.00 0.00 ? 12 CYS A N    8  
ATOM   1713 C CA   . CYS A 1 12 ? 0.973   -6.405  2.742   1.00 0.00 ? 12 CYS A CA   8  
ATOM   1714 C C    . CYS A 1 12 ? 2.209   -7.001  3.420   1.00 0.00 ? 12 CYS A C    8  
ATOM   1715 O O    . CYS A 1 12 ? 2.419   -6.804  4.617   1.00 0.00 ? 12 CYS A O    8  
ATOM   1716 C CB   . CYS A 1 12 ? 0.402   -7.342  1.674   1.00 0.00 ? 12 CYS A CB   8  
ATOM   1717 S SG   . CYS A 1 12 ? 1.636   -8.004  0.495   1.00 0.00 ? 12 CYS A SG   8  
ATOM   1718 H H    . CYS A 1 12 ? 1.173   -5.015  1.203   1.00 0.00 ? 12 CYS A H    8  
ATOM   1719 H HA   . CYS A 1 12 ? 0.183   -6.223  3.470   1.00 0.00 ? 12 CYS A HA   8  
ATOM   1720 H HB3  . CYS A 1 12 ? -0.364  -6.806  1.115   1.00 0.00 ? 12 CYS A HB3  8  
ATOM   1721 N N    . TYR A 1 1  ? -1.374  -8.509  -5.219  1.00 0.00 ? 1  TYR A N    9  
ATOM   1722 C CA   . TYR A 1 1  ? -0.734  -7.271  -4.812  1.00 0.00 ? 1  TYR A CA   9  
ATOM   1723 C C    . TYR A 1 1  ? -0.562  -7.215  -3.294  1.00 0.00 ? 1  TYR A C    9  
ATOM   1724 O O    . TYR A 1 1  ? -0.828  -8.194  -2.598  1.00 0.00 ? 1  TYR A O    9  
ATOM   1725 C CB   . TYR A 1 1  ? -1.676  -6.148  -5.248  1.00 0.00 ? 1  TYR A CB   9  
ATOM   1726 C CG   . TYR A 1 1  ? -3.150  -6.409  -4.924  1.00 0.00 ? 1  TYR A CG   9  
ATOM   1727 C CD1  . TYR A 1 1  ? -3.629  -6.166  -3.653  1.00 0.00 ? 1  TYR A CD1  9  
ATOM   1728 C CD2  . TYR A 1 1  ? -3.997  -6.886  -5.902  1.00 0.00 ? 1  TYR A CD2  9  
ATOM   1729 C CE1  . TYR A 1 1  ? -5.014  -6.413  -3.348  1.00 0.00 ? 1  TYR A CE1  9  
ATOM   1730 C CE2  . TYR A 1 1  ? -5.383  -7.134  -5.597  1.00 0.00 ? 1  TYR A CE2  9  
ATOM   1731 C CZ   . TYR A 1 1  ? -5.824  -6.883  -4.335  1.00 0.00 ? 1  TYR A CZ   9  
ATOM   1732 O OH   . TYR A 1 1  ? -7.131  -7.117  -4.047  1.00 0.00 ? 1  TYR A OH   9  
ATOM   1733 H H1   . TYR A 1 1  ? -2.209  -8.398  -5.758  1.00 0.00 ? 1  TYR A H1   9  
ATOM   1734 H HA   . TYR A 1 1  ? 0.248   -7.230  -5.285  1.00 0.00 ? 1  TYR A HA   9  
ATOM   1735 H HB3  . TYR A 1 1  ? -1.573  -5.996  -6.324  1.00 0.00 ? 1  TYR A HB3  9  
ATOM   1736 H HD1  . TYR A 1 1  ? -2.960  -5.790  -2.880  1.00 0.00 ? 1  TYR A HD1  9  
ATOM   1737 H HD2  . TYR A 1 1  ? -3.617  -7.079  -6.906  1.00 0.00 ? 1  TYR A HD2  9  
ATOM   1738 H HE1  . TYR A 1 1  ? -5.408  -6.227  -2.348  1.00 0.00 ? 1  TYR A HE1  9  
ATOM   1739 H HE2  . TYR A 1 1  ? -6.062  -7.510  -6.360  1.00 0.00 ? 1  TYR A HE2  9  
ATOM   1740 H HH   . TYR A 1 1  ? -7.452  -6.463  -3.362  1.00 0.00 ? 1  TYR A HH   9  
ATOM   1741 N N    . CYS A 1 2  ? -0.117  -6.059  -2.822  1.00 0.00 ? 2  CYS A N    9  
ATOM   1742 C CA   . CYS A 1 2  ? 0.094   -5.863  -1.398  1.00 0.00 ? 2  CYS A CA   9  
ATOM   1743 C C    . CYS A 1 2  ? -1.001  -4.931  -0.875  1.00 0.00 ? 2  CYS A C    9  
ATOM   1744 O O    . CYS A 1 2  ? -2.108  -5.375  -0.576  1.00 0.00 ? 2  CYS A O    9  
ATOM   1745 C CB   . CYS A 1 2  ? 1.493   -5.320  -1.103  1.00 0.00 ? 2  CYS A CB   9  
ATOM   1746 S SG   . CYS A 1 2  ? 2.753   -6.599  -0.741  1.00 0.00 ? 2  CYS A SG   9  
ATOM   1747 H H    . CYS A 1 2  ? 0.098   -5.267  -3.394  1.00 0.00 ? 2  CYS A H    9  
ATOM   1748 H HA   . CYS A 1 2  ? 0.021   -6.845  -0.932  1.00 0.00 ? 2  CYS A HA   9  
ATOM   1749 H HB3  . CYS A 1 2  ? 1.434   -4.639  -0.254  1.00 0.00 ? 2  CYS A HB3  9  
ATOM   1750 N N    . LYS A 1 3  ? -0.652  -3.657  -0.778  1.00 0.00 ? 3  LYS A N    9  
ATOM   1751 C CA   . LYS A 1 3  ? -1.591  -2.659  -0.295  1.00 0.00 ? 3  LYS A CA   9  
ATOM   1752 C C    . LYS A 1 3  ? -0.854  -1.338  -0.069  1.00 0.00 ? 3  LYS A C    9  
ATOM   1753 O O    . LYS A 1 3  ? -1.052  -0.679  0.952   1.00 0.00 ? 3  LYS A O    9  
ATOM   1754 C CB   . LYS A 1 3  ? -2.330  -3.172  0.943   1.00 0.00 ? 3  LYS A CB   9  
ATOM   1755 C CG   . LYS A 1 3  ? -1.370  -3.884  1.897   1.00 0.00 ? 3  LYS A CG   9  
ATOM   1756 C CD   . LYS A 1 3  ? -1.969  -3.990  3.300   1.00 0.00 ? 3  LYS A CD   9  
ATOM   1757 C CE   . LYS A 1 3  ? -2.994  -5.122  3.375   1.00 0.00 ? 3  LYS A CE   9  
ATOM   1758 N NZ   . LYS A 1 3  ? -2.897  -5.825  4.675   1.00 0.00 ? 3  LYS A NZ   9  
ATOM   1759 H H    . LYS A 1 3  ? 0.251   -3.304  -1.022  1.00 0.00 ? 3  LYS A H    9  
ATOM   1760 H HA   . LYS A 1 3  ? -2.338  -2.508  -1.076  1.00 0.00 ? 3  LYS A HA   9  
ATOM   1761 H HB3  . LYS A 1 3  ? -3.123  -3.856  0.641   1.00 0.00 ? 3  LYS A HB3  9  
ATOM   1762 H HG3  . LYS A 1 3  ? -0.425  -3.341  1.941   1.00 0.00 ? 3  LYS A HG3  9  
ATOM   1763 H HD3  . LYS A 1 3  ? -2.444  -3.047  3.570   1.00 0.00 ? 3  LYS A HD3  9  
ATOM   1764 H HE3  . LYS A 1 3  ? -2.826  -5.828  2.561   1.00 0.00 ? 3  LYS A HE3  9  
ATOM   1765 H HZ1  . LYS A 1 3  ? -2.050  -5.583  5.175   1.00 0.00 ? 3  LYS A HZ1  9  
ATOM   1766 H HZ2  . LYS A 1 3  ? -3.673  -5.599  5.287   1.00 0.00 ? 3  LYS A HZ2  9  
ATOM   1767 N N    . PHE A 1 4  ? -0.020  -0.989  -1.036  1.00 0.00 ? 4  PHE A N    9  
ATOM   1768 C CA   . PHE A 1 4  ? 0.749   0.241   -0.955  1.00 0.00 ? 4  PHE A CA   9  
ATOM   1769 C C    . PHE A 1 4  ? -0.165  1.465   -1.041  1.00 0.00 ? 4  PHE A C    9  
ATOM   1770 O O    . PHE A 1 4  ? -0.367  2.164   -0.049  1.00 0.00 ? 4  PHE A O    9  
ATOM   1771 C CB   . PHE A 1 4  ? 1.707   0.251   -2.147  1.00 0.00 ? 4  PHE A CB   9  
ATOM   1772 C CG   . PHE A 1 4  ? 3.114   -0.250  -1.817  1.00 0.00 ? 4  PHE A CG   9  
ATOM   1773 C CD1  . PHE A 1 4  ? 3.904   0.455   -0.963  1.00 0.00 ? 4  PHE A CD1  9  
ATOM   1774 C CD2  . PHE A 1 4  ? 3.578   -1.397  -2.382  1.00 0.00 ? 4  PHE A CD2  9  
ATOM   1775 C CE1  . PHE A 1 4  ? 5.211   -0.010  -0.657  1.00 0.00 ? 4  PHE A CE1  9  
ATOM   1776 C CE2  . PHE A 1 4  ? 4.885   -1.862  -2.076  1.00 0.00 ? 4  PHE A CE2  9  
ATOM   1777 C CZ   . PHE A 1 4  ? 5.674   -1.158  -1.221  1.00 0.00 ? 4  PHE A CZ   9  
ATOM   1778 H H    . PHE A 1 4  ? 0.136   -1.530  -1.862  1.00 0.00 ? 4  PHE A H    9  
ATOM   1779 H HA   . PHE A 1 4  ? 1.262   0.240   0.008   1.00 0.00 ? 4  PHE A HA   9  
ATOM   1780 H HB3  . PHE A 1 4  ? 1.775   1.266   -2.537  1.00 0.00 ? 4  PHE A HB3  9  
ATOM   1781 H HD1  . PHE A 1 4  ? 3.532   1.375   -0.511  1.00 0.00 ? 4  PHE A HD1  9  
ATOM   1782 H HD2  . PHE A 1 4  ? 2.945   -1.962  -3.066  1.00 0.00 ? 4  PHE A HD2  9  
ATOM   1783 H HE1  . PHE A 1 4  ? 5.843   0.554   0.028   1.00 0.00 ? 4  PHE A HE1  9  
ATOM   1784 H HE2  . PHE A 1 4  ? 5.255   -2.781  -2.527  1.00 0.00 ? 4  PHE A HE2  9  
ATOM   1785 H HZ   . PHE A 1 4  ? 6.676   -1.514  -0.986  1.00 0.00 ? 4  PHE A HZ   9  
ATOM   1786 N N    . GLU A 1 5  ? -0.694  1.686   -2.235  1.00 0.00 ? 5  GLU A N    9  
ATOM   1787 C CA   . GLU A 1 5  ? -1.582  2.814   -2.462  1.00 0.00 ? 5  GLU A CA   9  
ATOM   1788 C C    . GLU A 1 5  ? -0.800  4.127   -2.399  1.00 0.00 ? 5  GLU A C    9  
ATOM   1789 O O    . GLU A 1 5  ? 0.322   4.163   -1.895  1.00 0.00 ? 5  GLU A O    9  
ATOM   1790 C CB   . GLU A 1 5  ? -2.737  2.814   -1.460  1.00 0.00 ? 5  GLU A CB   9  
ATOM   1791 C CG   . GLU A 1 5  ? -4.031  2.321   -2.113  1.00 0.00 ? 5  GLU A CG   9  
ATOM   1792 C CD   . GLU A 1 5  ? -4.374  0.903   -1.652  1.00 0.00 ? 5  GLU A CD   9  
ATOM   1793 O OE1  . GLU A 1 5  ? -4.263  -0.048  -2.439  1.00 0.00 ? 5  GLU A OE1  9  
ATOM   1794 H H    . GLU A 1 5  ? -0.526  1.113   -3.036  1.00 0.00 ? 5  GLU A H    9  
ATOM   1795 H HA   . GLU A 1 5  ? -1.982  2.669   -3.467  1.00 0.00 ? 5  GLU A HA   9  
ATOM   1796 H HB2  . GLU A 1 5  ? -2.487  2.175   -0.613  1.00 0.00 ? 5  GLU A HB2  9  
ATOM   1797 H HB3  . GLU A 1 5  ? -2.884  3.820   -1.068  1.00 0.00 ? 5  GLU A HB3  9  
ATOM   1798 H HG2  . GLU A 1 5  ? -4.849  2.997   -1.861  1.00 0.00 ? 5  GLU A HG2  9  
ATOM   1799 H HG3  . GLU A 1 5  ? -3.925  2.340   -3.198  1.00 0.00 ? 5  GLU A HG3  9  
HETATM 1800 N N    . DTR A 1 6  ? -1.423  5.175   -2.917  1.00 0.00 ? 6  DTR A N    9  
HETATM 1801 C CA   . DTR A 1 6  ? -0.799  6.488   -2.924  1.00 0.00 ? 6  DTR A CA   9  
HETATM 1802 C CB   . DTR A 1 6  ? 0.614   6.331   -3.489  1.00 0.00 ? 6  DTR A CB   9  
HETATM 1803 C CG   . DTR A 1 6  ? 0.695   5.422   -4.716  1.00 0.00 ? 6  DTR A CG   9  
HETATM 1804 C CD1  . DTR A 1 6  ? 0.868   4.094   -4.750  1.00 0.00 ? 6  DTR A CD1  9  
HETATM 1805 N NE1  . DTR A 1 6  ? 0.892   3.617   -6.046  1.00 0.00 ? 6  DTR A NE1  9  
HETATM 1806 C CE2  . DTR A 1 6  ? 0.724   4.709   -6.891  1.00 0.00 ? 6  DTR A CE2  9  
HETATM 1807 C CZ2  . DTR A 1 6  ? 0.676   4.750   -8.290  1.00 0.00 ? 6  DTR A CZ2  9  
HETATM 1808 C CH2  . DTR A 1 6  ? 0.492   6.011   -8.870  1.00 0.00 ? 6  DTR A CH2  9  
HETATM 1809 C CZ3  . DTR A 1 6  ? 0.372   7.132   -8.056  1.00 0.00 ? 6  DTR A CZ3  9  
HETATM 1810 C CE3  . DTR A 1 6  ? 0.416   7.108   -6.657  1.00 0.00 ? 6  DTR A CE3  9  
HETATM 1811 C CD2  . DTR A 1 6  ? 0.601   5.833   -6.098  1.00 0.00 ? 6  DTR A CD2  9  
HETATM 1812 C C    . DTR A 1 6  ? -0.733  6.989   -1.480  1.00 0.00 ? 6  DTR A C    9  
HETATM 1813 O O    . DTR A 1 6  ? 0.287   6.828   -0.810  1.00 0.00 ? 6  DTR A O    9  
HETATM 1814 H H    . DTR A 1 6  ? -2.336  5.140   -3.323  1.00 0.00 ? 6  DTR A H    9  
HETATM 1815 H HA   . DTR A 1 6  ? -1.332  7.169   -3.586  1.00 0.00 ? 6  DTR A HA   9  
HETATM 1816 H HB2  . DTR A 1 6  ? 1.000   7.315   -3.751  1.00 0.00 ? 6  DTR A HB2  9  
HETATM 1817 H HB3  . DTR A 1 6  ? 1.263   5.931   -2.710  1.00 0.00 ? 6  DTR A HB3  9  
HETATM 1818 H HD1  . DTR A 1 6  ? 0.978   3.466   -3.865  1.00 0.00 ? 6  DTR A HD1  9  
HETATM 1819 H HE1  . DTR A 1 6  ? 1.019   2.579   -6.351  1.00 0.00 ? 6  DTR A HE1  9  
HETATM 1820 H HZ2  . DTR A 1 6  ? 0.777   3.848   -8.894  1.00 0.00 ? 6  DTR A HZ2  9  
HETATM 1821 H HH2  . DTR A 1 6  ? 0.447   6.114   -9.953  1.00 0.00 ? 6  DTR A HH2  9  
HETATM 1822 H HZ3  . DTR A 1 6  ? 0.231   8.098   -8.542  1.00 0.00 ? 6  DTR A HZ3  9  
HETATM 1823 H HE3  . DTR A 1 6  ? 0.317   8.009   -6.052  1.00 0.00 ? 6  DTR A HE3  9  
HETATM 1824 N N    . IAM A 1 7  ? -1.833  7.585   -1.042  1.00 0.00 ? 7  IAM A N    9  
HETATM 1825 C CA   . IAM A 1 7  ? -1.912  8.109   0.310   1.00 0.00 ? 7  IAM A CA   9  
HETATM 1826 C CB   . IAM A 1 7  ? -3.396  8.312   0.625   1.00 0.00 ? 7  IAM A CB   9  
HETATM 1827 C CG   . IAM A 1 7  ? -4.311  7.243   0.024   1.00 0.00 ? 7  IAM A CG   9  
HETATM 1828 C CD1  . IAM A 1 7  ? -4.553  6.093   0.709   1.00 0.00 ? 7  IAM A CD1  9  
HETATM 1829 C CE1  . IAM A 1 7  ? -5.404  5.100   0.152   1.00 0.00 ? 7  IAM A CE1  9  
HETATM 1830 C CZ   . IAM A 1 7  ? -5.974  5.301   -1.066  1.00 0.00 ? 7  IAM A CZ   9  
HETATM 1831 C CE2  . IAM A 1 7  ? -5.733  6.451   -1.751  1.00 0.00 ? 7  IAM A CE2  9  
HETATM 1832 C CD2  . IAM A 1 7  ? -4.884  7.444   -1.192  1.00 0.00 ? 7  IAM A CD2  9  
HETATM 1833 C CT   . IAM A 1 7  ? -6.897  4.227   -1.669  1.00 0.00 ? 7  IAM A CT   9  
HETATM 1834 N NH   . IAM A 1 7  ? -6.532  4.003   -3.083  1.00 0.00 ? 7  IAM A NH   9  
HETATM 1835 C CI   . IAM A 1 7  ? -7.345  3.098   -3.923  1.00 0.00 ? 7  IAM A CI   9  
HETATM 1836 C CK1  . IAM A 1 7  ? -7.742  1.856   -3.104  1.00 0.00 ? 7  IAM A CK1  9  
HETATM 1837 C CK2  . IAM A 1 7  ? -6.545  2.661   -5.164  1.00 0.00 ? 7  IAM A CK2  9  
HETATM 1838 C C    . IAM A 1 7  ? -1.319  7.121   1.318   1.00 0.00 ? 7  IAM A C    9  
HETATM 1839 O O    . IAM A 1 7  ? -0.539  7.507   2.187   1.00 0.00 ? 7  IAM A O    9  
HETATM 1840 H H    . IAM A 1 7  ? -2.657  7.710   -1.594  1.00 0.00 ? 7  IAM A H    9  
HETATM 1841 H HA   . IAM A 1 7  ? -1.336  9.035   0.333   1.00 0.00 ? 7  IAM A HA   9  
HETATM 1842 H HB   . IAM A 1 7  ? -3.530  8.323   1.705   1.00 0.00 ? 7  IAM A HB   9  
HETATM 1843 H HB1  . IAM A 1 7  ? -3.705  9.290   0.255   1.00 0.00 ? 7  IAM A HB1  9  
HETATM 1844 H HD1  . IAM A 1 7  ? -4.094  5.931   1.686   1.00 0.00 ? 7  IAM A HD1  9  
HETATM 1845 H HE1  . IAM A 1 7  ? -5.599  4.179   0.701   1.00 0.00 ? 7  IAM A HE1  9  
HETATM 1846 H HE2  . IAM A 1 7  ? -6.192  6.611   -2.726  1.00 0.00 ? 7  IAM A HE2  9  
HETATM 1847 H HD2  . IAM A 1 7  ? -4.689  8.365   -1.741  1.00 0.00 ? 7  IAM A HD2  9  
HETATM 1848 H HT1  . IAM A 1 7  ? -7.915  4.556   -1.607  1.00 0.00 ? 7  IAM A HT1  9  
HETATM 1849 H HT2  . IAM A 1 7  ? -6.784  3.310   -1.124  1.00 0.00 ? 7  IAM A HT2  9  
HETATM 1850 H HH   . IAM A 1 7  ? -5.710  4.481   -3.484  1.00 0.00 ? 7  IAM A HH   9  
HETATM 1851 H HI   . IAM A 1 7  ? -8.227  3.609   -4.246  1.00 0.00 ? 7  IAM A HI   9  
HETATM 1852 H HK11 . IAM A 1 7  ? -6.858  1.336   -2.795  1.00 0.00 ? 7  IAM A HK11 9  
HETATM 1853 H HK12 . IAM A 1 7  ? -8.298  2.159   -2.242  1.00 0.00 ? 7  IAM A HK12 9  
HETATM 1854 H HK13 . IAM A 1 7  ? -8.344  1.208   -3.706  1.00 0.00 ? 7  IAM A HK13 9  
HETATM 1855 H HK21 . IAM A 1 7  ? -6.551  1.592   -5.234  1.00 0.00 ? 7  IAM A HK21 9  
HETATM 1856 H HK22 . IAM A 1 7  ? -6.990  3.079   -6.042  1.00 0.00 ? 7  IAM A HK22 9  
HETATM 1857 H HK23 . IAM A 1 7  ? -5.537  3.005   -5.079  1.00 0.00 ? 7  IAM A HK23 9  
ATOM   1858 N N    . THR A 1 8  ? -1.715  5.865   1.167   1.00 0.00 ? 8  THR A N    9  
ATOM   1859 C CA   . THR A 1 8  ? -1.234  4.818   2.054   1.00 0.00 ? 8  THR A CA   9  
ATOM   1860 C C    . THR A 1 8  ? 0.054   4.203   1.502   1.00 0.00 ? 8  THR A C    9  
ATOM   1861 O O    . THR A 1 8  ? 0.535   4.606   0.443   1.00 0.00 ? 8  THR A O    9  
ATOM   1862 C CB   . THR A 1 8  ? -2.360  3.802   2.242   1.00 0.00 ? 8  THR A CB   9  
ATOM   1863 O OG1  . THR A 1 8  ? -3.178  3.975   1.088   1.00 0.00 ? 8  THR A OG1  9  
ATOM   1864 C CG2  . THR A 1 8  ? -3.283  4.157   3.409   1.00 0.00 ? 8  THR A CG2  9  
ATOM   1865 H H    . THR A 1 8  ? -2.351  5.559   0.459   1.00 0.00 ? 8  THR A H    9  
ATOM   1866 H HA   . THR A 1 8  ? -0.986  5.269   3.014   1.00 0.00 ? 8  THR A HA   9  
ATOM   1867 H HB   . THR A 1 8  ? -1.962  2.794   2.353   1.00 0.00 ? 8  THR A HB   9  
ATOM   1868 H HG1  . THR A 1 8  ? -3.712  3.144   0.918   1.00 0.00 ? 8  THR A HG1  9  
ATOM   1869 H HG21 . THR A 1 8  ? -4.277  3.749   3.225   1.00 0.00 ? 8  THR A HG21 9  
ATOM   1870 H HG22 . THR A 1 8  ? -2.881  3.735   4.331   1.00 0.00 ? 8  THR A HG22 9  
ATOM   1871 H HG23 . THR A 1 8  ? -3.346  5.242   3.505   1.00 0.00 ? 8  THR A HG23 9  
ATOM   1872 N N    . PHE A 1 9  ? 0.576   3.239   2.243   1.00 0.00 ? 9  PHE A N    9  
ATOM   1873 C CA   . PHE A 1 9  ? 1.799   2.563   1.842   1.00 0.00 ? 9  PHE A CA   9  
ATOM   1874 C C    . PHE A 1 9  ? 2.120   1.403   2.786   1.00 0.00 ? 9  PHE A C    9  
ATOM   1875 O O    . PHE A 1 9  ? 3.288   1.105   3.035   1.00 0.00 ? 9  PHE A O    9  
ATOM   1876 C CB   . PHE A 1 9  ? 2.926   3.597   1.921   1.00 0.00 ? 9  PHE A CB   9  
ATOM   1877 C CG   . PHE A 1 9  ? 3.844   3.612   0.696   1.00 0.00 ? 9  PHE A CG   9  
ATOM   1878 C CD1  . PHE A 1 9  ? 3.311   3.710   -0.552  1.00 0.00 ? 9  PHE A CD1  9  
ATOM   1879 C CD2  . PHE A 1 9  ? 5.191   3.527   0.856   1.00 0.00 ? 9  PHE A CD2  9  
ATOM   1880 C CE1  . PHE A 1 9  ? 4.161   3.725   -1.687  1.00 0.00 ? 9  PHE A CE1  9  
ATOM   1881 C CE2  . PHE A 1 9  ? 6.042   3.542   -0.280  1.00 0.00 ? 9  PHE A CE2  9  
ATOM   1882 C CZ   . PHE A 1 9  ? 5.508   3.640   -1.529  1.00 0.00 ? 9  PHE A CZ   9  
ATOM   1883 H H    . PHE A 1 9  ? 0.180   2.918   3.102   1.00 0.00 ? 9  PHE A H    9  
ATOM   1884 H HA   . PHE A 1 9  ? 1.640   2.179   0.835   1.00 0.00 ? 9  PHE A HA   9  
ATOM   1885 H HB3  . PHE A 1 9  ? 3.527   3.396   2.808   1.00 0.00 ? 9  PHE A HB3  9  
ATOM   1886 H HD1  . PHE A 1 9  ? 2.230   3.780   -0.679  1.00 0.00 ? 9  PHE A HD1  9  
ATOM   1887 H HD2  . PHE A 1 9  ? 5.618   3.448   1.856   1.00 0.00 ? 9  PHE A HD2  9  
ATOM   1888 H HE1  . PHE A 1 9  ? 3.735   3.803   -2.686  1.00 0.00 ? 9  PHE A HE1  9  
ATOM   1889 H HE2  . PHE A 1 9  ? 7.123   3.473   -0.154  1.00 0.00 ? 9  PHE A HE2  9  
ATOM   1890 H HZ   . PHE A 1 9  ? 6.163   3.651   -2.400  1.00 0.00 ? 9  PHE A HZ   9  
HETATM 1891 N N    . HHK A 1 10 ? 1.063   0.778   3.282   1.00 0.00 ? 10 HHK A N    9  
HETATM 1892 C CA   . HHK A 1 10 ? 1.217   -0.345  4.192   1.00 0.00 ? 10 HHK A CA   9  
HETATM 1893 C CB   . HHK A 1 10 ? 0.086   -0.359  5.221   1.00 0.00 ? 10 HHK A CB   9  
HETATM 1894 C CG   . HHK A 1 10 ? -1.203  -0.915  4.611   1.00 0.00 ? 10 HHK A CG   9  
HETATM 1895 C CD   . HHK A 1 10 ? -2.318  0.132   4.647   1.00 0.00 ? 10 HHK A CD   9  
HETATM 1896 C CE   . HHK A 1 10 ? -3.434  -0.224  3.663   1.00 0.00 ? 10 HHK A CE   9  
HETATM 1897 C CZ   . HHK A 1 10 ? -3.281  0.608   2.376   1.00 0.00 ? 10 HHK A CZ   9  
HETATM 1898 C CT   . HHK A 1 10 ? -3.978  -0.115  1.210   1.00 0.00 ? 10 HHK A CT   9  
HETATM 1899 N NH   . HHK A 1 10 ? -4.791  0.854   0.444   1.00 0.00 ? 10 HHK A NH   9  
HETATM 1900 C C    . HHK A 1 10 ? 1.332   -1.639  3.385   1.00 0.00 ? 10 HHK A C    9  
HETATM 1901 O O    . HHK A 1 10 ? 0.680   -2.634  3.703   1.00 0.00 ? 10 HHK A O    9  
HETATM 1902 H H    . HHK A 1 10 ? 0.118   1.025   3.075   1.00 0.00 ? 10 HHK A H    9  
HETATM 1903 H HA   . HHK A 1 10 ? 2.149   -0.196  4.740   1.00 0.00 ? 10 HHK A HA   9  
HETATM 1904 H HB2  . HHK A 1 10 ? 0.377   -0.967  6.079   1.00 0.00 ? 10 HHK A HB2  9  
HETATM 1905 H HB3  . HHK A 1 10 ? -0.088  0.650   5.591   1.00 0.00 ? 10 HHK A HB3  9  
HETATM 1906 H HG2  . HHK A 1 10 ? -1.018  -1.220  3.581   1.00 0.00 ? 10 HHK A HG2  9  
HETATM 1907 H HG3  . HHK A 1 10 ? -1.515  -1.803  5.158   1.00 0.00 ? 10 HHK A HG3  9  
HETATM 1908 H HD2  . HHK A 1 10 ? -2.728  0.200   5.655   1.00 0.00 ? 10 HHK A HD2  9  
HETATM 1909 H HD3  . HHK A 1 10 ? -1.913  1.113   4.400   1.00 0.00 ? 10 HHK A HD3  9  
HETATM 1910 H HE2  . HHK A 1 10 ? -3.396  -1.288  3.428   1.00 0.00 ? 10 HHK A HE2  9  
HETATM 1911 H HE3  . HHK A 1 10 ? -4.407  -0.032  4.119   1.00 0.00 ? 10 HHK A HE3  9  
HETATM 1912 H HZ2  . HHK A 1 10 ? -3.728  1.568   2.520   1.00 0.00 ? 10 HHK A HZ2  9  
HETATM 1913 H HZ3  . HHK A 1 10 ? -2.241  0.728   2.151   1.00 0.00 ? 10 HHK A HZ3  9  
HETATM 1914 H HT2  . HHK A 1 10 ? -3.240  -0.548  0.569   1.00 0.00 ? 10 HHK A HT2  9  
HETATM 1915 H HT1  . HHK A 1 10 ? -4.611  -0.887  1.594   1.00 0.00 ? 10 HHK A HT1  9  
HETATM 1916 H HH2  . HHK A 1 10 ? -4.976  1.666   1.016   1.00 0.00 ? 10 HHK A HH2  9  
ATOM   1917 N N    . SER A 1 11 ? 2.164   -1.584  2.355   1.00 0.00 ? 11 SER A N    9  
ATOM   1918 C CA   . SER A 1 11 ? 2.371   -2.741  1.499   1.00 0.00 ? 11 SER A CA   9  
ATOM   1919 C C    . SER A 1 11 ? 2.542   -4.000  2.352   1.00 0.00 ? 11 SER A C    9  
ATOM   1920 O O    . SER A 1 11 ? 3.504   -4.116  3.107   1.00 0.00 ? 11 SER A O    9  
ATOM   1921 C CB   . SER A 1 11 ? 3.588   -2.545  0.595   1.00 0.00 ? 11 SER A CB   9  
ATOM   1922 O OG   . SER A 1 11 ? 4.791   -3.002  1.208   1.00 0.00 ? 11 SER A OG   9  
ATOM   1923 H H    . SER A 1 11 ? 2.690   -0.773  2.104   1.00 0.00 ? 11 SER A H    9  
ATOM   1924 H HA   . SER A 1 11 ? 1.472   -2.813  0.887   1.00 0.00 ? 11 SER A HA   9  
ATOM   1925 H HB3  . SER A 1 11 ? 3.690   -1.487  0.345   1.00 0.00 ? 11 SER A HB3  9  
ATOM   1926 H HG   . SER A 1 11 ? 5.268   -2.239  1.640   1.00 0.00 ? 11 SER A HG   9  
ATOM   1927 N N    . CYS A 1 12 ? 1.590   -4.910  2.201   1.00 0.00 ? 12 CYS A N    9  
ATOM   1928 C CA   . CYS A 1 12 ? 1.621   -6.156  2.948   1.00 0.00 ? 12 CYS A CA   9  
ATOM   1929 C C    . CYS A 1 12 ? 2.037   -5.843  4.387   1.00 0.00 ? 12 CYS A C    9  
ATOM   1930 O O    . CYS A 1 12 ? 2.908   -6.509  4.944   1.00 0.00 ? 12 CYS A O    9  
ATOM   1931 C CB   . CYS A 1 12 ? 2.551   -7.182  2.296   1.00 0.00 ? 12 CYS A CB   9  
ATOM   1932 S SG   . CYS A 1 12 ? 1.993   -7.797  0.667   1.00 0.00 ? 12 CYS A SG   9  
ATOM   1933 H H    . CYS A 1 12 ? 0.810   -4.807  1.586   1.00 0.00 ? 12 CYS A H    9  
ATOM   1934 H HA   . CYS A 1 12 ? 0.612   -6.566  2.917   1.00 0.00 ? 12 CYS A HA   9  
ATOM   1935 H HB3  . CYS A 1 12 ? 2.662   -8.032  2.971   1.00 0.00 ? 12 CYS A HB3  9  
ATOM   1936 N N    . TYR A 1 1  ? -1.300  -8.208  -5.526  1.00 0.00 ? 1  TYR A N    10 
ATOM   1937 C CA   . TYR A 1 1  ? -0.562  -7.043  -5.067  1.00 0.00 ? 1  TYR A CA   10 
ATOM   1938 C C    . TYR A 1 1  ? -0.374  -7.079  -3.549  1.00 0.00 ? 1  TYR A C    10 
ATOM   1939 O O    . TYR A 1 1  ? -0.700  -8.074  -2.902  1.00 0.00 ? 1  TYR A O    10 
ATOM   1940 C CB   . TYR A 1 1  ? -1.418  -5.829  -5.434  1.00 0.00 ? 1  TYR A CB   10 
ATOM   1941 C CG   . TYR A 1 1  ? -2.904  -5.994  -5.111  1.00 0.00 ? 1  TYR A CG   10 
ATOM   1942 C CD1  . TYR A 1 1  ? -3.745  -6.595  -6.024  1.00 0.00 ? 1  TYR A CD1  10 
ATOM   1943 C CD2  . TYR A 1 1  ? -3.403  -5.543  -3.906  1.00 0.00 ? 1  TYR A CD2  10 
ATOM   1944 C CE1  . TYR A 1 1  ? -5.144  -6.751  -5.721  1.00 0.00 ? 1  TYR A CE1  10 
ATOM   1945 C CE2  . TYR A 1 1  ? -4.802  -5.699  -3.601  1.00 0.00 ? 1  TYR A CE2  10 
ATOM   1946 C CZ   . TYR A 1 1  ? -5.604  -6.295  -4.525  1.00 0.00 ? 1  TYR A CZ   10 
ATOM   1947 O OH   . TYR A 1 1  ? -6.925  -6.442  -4.237  1.00 0.00 ? 1  TYR A OH   10 
ATOM   1948 H H1   . TYR A 1 1  ? -1.092  -8.498  -6.460  1.00 0.00 ? 1  TYR A H1   10 
ATOM   1949 H HA   . TYR A 1 1  ? 0.416   -7.054  -5.546  1.00 0.00 ? 1  TYR A HA   10 
ATOM   1950 H HB3  . TYR A 1 1  ? -1.308  -5.629  -6.499  1.00 0.00 ? 1  TYR A HB3  10 
ATOM   1951 H HD1  . TYR A 1 1  ? -3.352  -6.952  -6.977  1.00 0.00 ? 1  TYR A HD1  10 
ATOM   1952 H HD2  . TYR A 1 1  ? -2.738  -5.068  -3.184  1.00 0.00 ? 1  TYR A HD2  10 
ATOM   1953 H HE1  . TYR A 1 1  ? -5.821  -7.223  -6.433  1.00 0.00 ? 1  TYR A HE1  10 
ATOM   1954 H HE2  . TYR A 1 1  ? -5.208  -5.346  -2.654  1.00 0.00 ? 1  TYR A HE2  10 
ATOM   1955 H HH   . TYR A 1 1  ? -7.053  -7.195  -3.592  1.00 0.00 ? 1  TYR A HH   10 
ATOM   1956 N N    . CYS A 1 2  ? 0.152   -5.981  -3.025  1.00 0.00 ? 2  CYS A N    10 
ATOM   1957 C CA   . CYS A 1 2  ? 0.389   -5.875  -1.594  1.00 0.00 ? 2  CYS A CA   10 
ATOM   1958 C C    . CYS A 1 2  ? -0.626  -4.888  -1.013  1.00 0.00 ? 2  CYS A C    10 
ATOM   1959 O O    . CYS A 1 2  ? -1.690  -5.290  -0.541  1.00 0.00 ? 2  CYS A O    10 
ATOM   1960 C CB   . CYS A 1 2  ? 1.827   -5.459  -1.289  1.00 0.00 ? 2  CYS A CB   10 
ATOM   1961 S SG   . CYS A 1 2  ? 2.850   -6.757  -0.497  1.00 0.00 ? 2  CYS A SG   10 
ATOM   1962 H H    . CYS A 1 2  ? 0.415   -5.177  -3.557  1.00 0.00 ? 2  CYS A H    10 
ATOM   1963 H HA   . CYS A 1 2  ? 0.241   -6.872  -1.178  1.00 0.00 ? 2  CYS A HA   10 
ATOM   1964 H HB3  . CYS A 1 2  ? 1.810   -4.586  -0.636  1.00 0.00 ? 2  CYS A HB3  10 
ATOM   1965 N N    . LYS A 1 3  ? -0.261  -3.614  -1.064  1.00 0.00 ? 3  LYS A N    10 
ATOM   1966 C CA   . LYS A 1 3  ? -1.128  -2.567  -0.549  1.00 0.00 ? 3  LYS A CA   10 
ATOM   1967 C C    . LYS A 1 3  ? -0.360  -1.245  -0.522  1.00 0.00 ? 3  LYS A C    10 
ATOM   1968 O O    . LYS A 1 3  ? -0.411  -0.510  0.462   1.00 0.00 ? 3  LYS A O    10 
ATOM   1969 C CB   . LYS A 1 3  ? -1.703  -2.970  0.810   1.00 0.00 ? 3  LYS A CB   10 
ATOM   1970 C CG   . LYS A 1 3  ? -3.212  -3.203  0.719   1.00 0.00 ? 3  LYS A CG   10 
ATOM   1971 C CD   . LYS A 1 3  ? -3.705  -4.076  1.875   1.00 0.00 ? 3  LYS A CD   10 
ATOM   1972 C CE   . LYS A 1 3  ? -5.199  -4.374  1.740   1.00 0.00 ? 3  LYS A CE   10 
ATOM   1973 N NZ   . LYS A 1 3  ? -5.750  -4.858  3.025   1.00 0.00 ? 3  LYS A NZ   10 
ATOM   1974 H H    . LYS A 1 3  ? 0.604   -3.296  -1.448  1.00 0.00 ? 3  LYS A H    10 
ATOM   1975 H HA   . LYS A 1 3  ? -1.966  -2.467  -1.238  1.00 0.00 ? 3  LYS A HA   10 
ATOM   1976 H HB3  . LYS A 1 3  ? -1.494  -2.190  1.544   1.00 0.00 ? 3  LYS A HB3  10 
ATOM   1977 H HG3  . LYS A 1 3  ? -3.454  -3.677  -0.231  1.00 0.00 ? 3  LYS A HG3  10 
ATOM   1978 H HD3  . LYS A 1 3  ? -3.515  -3.571  2.823   1.00 0.00 ? 3  LYS A HD3  10 
ATOM   1979 H HE3  . LYS A 1 3  ? -5.357  -5.125  0.965   1.00 0.00 ? 3  LYS A HE3  10 
ATOM   1980 H HZ1  . LYS A 1 3  ? -5.151  -4.621  3.808   1.00 0.00 ? 3  LYS A HZ1  10 
ATOM   1981 H HZ2  . LYS A 1 3  ? -6.659  -4.458  3.223   1.00 0.00 ? 3  LYS A HZ2  10 
ATOM   1982 N N    . PHE A 1 4  ? 0.337   -0.981  -1.620  1.00 0.00 ? 4  PHE A N    10 
ATOM   1983 C CA   . PHE A 1 4  ? 1.115   0.240   -1.736  1.00 0.00 ? 4  PHE A CA   10 
ATOM   1984 C C    . PHE A 1 4  ? 0.265   1.467   -1.393  1.00 0.00 ? 4  PHE A C    10 
ATOM   1985 O O    . PHE A 1 4  ? 0.790   2.485   -0.944  1.00 0.00 ? 4  PHE A O    10 
ATOM   1986 C CB   . PHE A 1 4  ? 1.572   0.344   -3.192  1.00 0.00 ? 4  PHE A CB   10 
ATOM   1987 C CG   . PHE A 1 4  ? 3.031   -0.053  -3.414  1.00 0.00 ? 4  PHE A CG   10 
ATOM   1988 C CD1  . PHE A 1 4  ? 3.494   -1.241  -2.941  1.00 0.00 ? 4  PHE A CD1  10 
ATOM   1989 C CD2  . PHE A 1 4  ? 3.869   0.781   -4.089  1.00 0.00 ? 4  PHE A CD2  10 
ATOM   1990 C CE1  . PHE A 1 4  ? 4.850   -1.610  -3.148  1.00 0.00 ? 4  PHE A CE1  10 
ATOM   1991 C CE2  . PHE A 1 4  ? 5.223   0.412   -4.295  1.00 0.00 ? 4  PHE A CE2  10 
ATOM   1992 C CZ   . PHE A 1 4  ? 5.686   -0.775  -3.819  1.00 0.00 ? 4  PHE A CZ   10 
ATOM   1993 H H    . PHE A 1 4  ? 0.375   -1.582  -2.417  1.00 0.00 ? 4  PHE A H    10 
ATOM   1994 H HA   . PHE A 1 4  ? 1.942   0.168   -1.030  1.00 0.00 ? 4  PHE A HA   10 
ATOM   1995 H HB3  . PHE A 1 4  ? 1.427   1.369   -3.537  1.00 0.00 ? 4  PHE A HB3  10 
ATOM   1996 H HD1  . PHE A 1 4  ? 2.823   -1.910  -2.401  1.00 0.00 ? 4  PHE A HD1  10 
ATOM   1997 H HD2  . PHE A 1 4  ? 3.499   1.734   -4.469  1.00 0.00 ? 4  PHE A HD2  10 
ATOM   1998 H HE1  . PHE A 1 4  ? 5.219   -2.561  -2.767  1.00 0.00 ? 4  PHE A HE1  10 
ATOM   1999 H HE2  . PHE A 1 4  ? 5.896   1.082   -4.835  1.00 0.00 ? 4  PHE A HE2  10 
ATOM   2000 H HZ   . PHE A 1 4  ? 6.728   -1.058  -3.979  1.00 0.00 ? 4  PHE A HZ   10 
ATOM   2001 N N    . GLU A 1 5  ? -1.033  1.329   -1.619  1.00 0.00 ? 5  GLU A N    10 
ATOM   2002 C CA   . GLU A 1 5  ? -1.961  2.412   -1.339  1.00 0.00 ? 5  GLU A CA   10 
ATOM   2003 C C    . GLU A 1 5  ? -1.550  3.674   -2.104  1.00 0.00 ? 5  GLU A C    10 
ATOM   2004 O O    . GLU A 1 5  ? -0.411  3.789   -2.552  1.00 0.00 ? 5  GLU A O    10 
ATOM   2005 C CB   . GLU A 1 5  ? -2.048  2.687   0.164   1.00 0.00 ? 5  GLU A CB   10 
ATOM   2006 C CG   . GLU A 1 5  ? -3.470  2.464   0.681   1.00 0.00 ? 5  GLU A CG   10 
ATOM   2007 C CD   . GLU A 1 5  ? -3.849  0.983   0.624   1.00 0.00 ? 5  GLU A CD   10 
ATOM   2008 O OE1  . GLU A 1 5  ? -4.735  0.599   -0.155  1.00 0.00 ? 5  GLU A OE1  10 
ATOM   2009 H H    . GLU A 1 5  ? -1.452  0.498   -1.986  1.00 0.00 ? 5  GLU A H    10 
ATOM   2010 H HA   . GLU A 1 5  ? -2.930  2.063   -1.696  1.00 0.00 ? 5  GLU A HA   10 
ATOM   2011 H HB2  . GLU A 1 5  ? -1.356  2.033   0.695   1.00 0.00 ? 5  GLU A HB2  10 
ATOM   2012 H HB3  . GLU A 1 5  ? -1.738  3.712   0.367   1.00 0.00 ? 5  GLU A HB3  10 
ATOM   2013 H HG2  . GLU A 1 5  ? -3.548  2.826   1.705   1.00 0.00 ? 5  GLU A HG2  10 
ATOM   2014 H HG3  . GLU A 1 5  ? -4.172  3.046   0.083   1.00 0.00 ? 5  GLU A HG3  10 
HETATM 2015 N N    . DTR A 1 6  ? -2.503  4.585   -2.232  1.00 0.00 ? 6  DTR A N    10 
HETATM 2016 C CA   . DTR A 1 6  ? -2.256  5.832   -2.934  1.00 0.00 ? 6  DTR A CA   10 
HETATM 2017 C CB   . DTR A 1 6  ? -1.627  5.490   -4.286  1.00 0.00 ? 6  DTR A CB   10 
HETATM 2018 C CG   . DTR A 1 6  ? -2.285  4.306   -4.996  1.00 0.00 ? 6  DTR A CG   10 
HETATM 2019 C CD1  . DTR A 1 6  ? -1.992  3.005   -4.874  1.00 0.00 ? 6  DTR A CD1  10 
HETATM 2020 N NE1  . DTR A 1 6  ? -2.801  2.226   -5.676  1.00 0.00 ? 6  DTR A NE1  10 
HETATM 2021 C CE2  . DTR A 1 6  ? -3.665  3.082   -6.351  1.00 0.00 ? 6  DTR A CE2  10 
HETATM 2022 C CZ2  . DTR A 1 6  ? -4.671  2.780   -7.277  1.00 0.00 ? 6  DTR A CZ2  10 
HETATM 2023 C CH2  . DTR A 1 6  ? -5.385  3.868   -7.794  1.00 0.00 ? 6  DTR A CH2  10 
HETATM 2024 C CZ3  . DTR A 1 6  ? -5.073  5.156   -7.381  1.00 0.00 ? 6  DTR A CZ3  10 
HETATM 2025 C CE3  . DTR A 1 6  ? -4.070  5.476   -6.456  1.00 0.00 ? 6  DTR A CE3  10 
HETATM 2026 C CD2  . DTR A 1 6  ? -3.366  4.369   -5.950  1.00 0.00 ? 6  DTR A CD2  10 
HETATM 2027 C C    . DTR A 1 6  ? -1.277  6.661   -2.097  1.00 0.00 ? 6  DTR A C    10 
HETATM 2028 O O    . DTR A 1 6  ? -0.075  6.653   -2.353  1.00 0.00 ? 6  DTR A O    10 
HETATM 2029 H H    . DTR A 1 6  ? -3.428  4.483   -1.864  1.00 0.00 ? 6  DTR A H    10 
HETATM 2030 H HA   . DTR A 1 6  ? -3.189  6.357   -3.141  1.00 0.00 ? 6  DTR A HA   10 
HETATM 2031 H HB2  . DTR A 1 6  ? -1.685  6.366   -4.934  1.00 0.00 ? 6  DTR A HB2  10 
HETATM 2032 H HB3  . DTR A 1 6  ? -0.568  5.270   -4.139  1.00 0.00 ? 6  DTR A HB3  10 
HETATM 2033 H HD1  . DTR A 1 6  ? -1.211  2.609   -4.223  1.00 0.00 ? 6  DTR A HD1  10 
HETATM 2034 H HE1  . DTR A 1 6  ? -2.771  1.140   -5.764  1.00 0.00 ? 6  DTR A HE1  10 
HETATM 2035 H HZ2  . DTR A 1 6  ? -4.886  1.755   -7.578  1.00 0.00 ? 6  DTR A HZ2  10 
HETATM 2036 H HH2  . DTR A 1 6  ? -6.183  3.702   -8.520  1.00 0.00 ? 6  DTR A HH2  10 
HETATM 2037 H HZ3  . DTR A 1 6  ? -5.650  5.979   -7.805  1.00 0.00 ? 6  DTR A HZ3  10 
HETATM 2038 H HE3  . DTR A 1 6  ? -3.855  6.499   -6.157  1.00 0.00 ? 6  DTR A HE3  10 
HETATM 2039 N N    . IAM A 1 7  ? -1.831  7.354   -1.115  1.00 0.00 ? 7  IAM A N    10 
HETATM 2040 C CA   . IAM A 1 7  ? -1.022  8.186   -0.240  1.00 0.00 ? 7  IAM A CA   10 
HETATM 2041 C CB   . IAM A 1 7  ? -1.961  9.220   0.388   1.00 0.00 ? 7  IAM A CB   10 
HETATM 2042 C CG   . IAM A 1 7  ? -3.164  8.611   1.112   1.00 0.00 ? 7  IAM A CG   10 
HETATM 2043 C CD1  . IAM A 1 7  ? -3.053  8.235   2.414   1.00 0.00 ? 7  IAM A CD1  10 
HETATM 2044 C CE1  . IAM A 1 7  ? -4.169  7.670   3.087   1.00 0.00 ? 7  IAM A CE1  10 
HETATM 2045 C CZ   . IAM A 1 7  ? -5.347  7.505   2.427   1.00 0.00 ? 7  IAM A CZ   10 
HETATM 2046 C CE2  . IAM A 1 7  ? -5.458  7.882   1.126   1.00 0.00 ? 7  IAM A CE2  10 
HETATM 2047 C CD2  . IAM A 1 7  ? -4.341  8.447   0.453   1.00 0.00 ? 7  IAM A CD2  10 
HETATM 2048 C CT   . IAM A 1 7  ? -6.558  6.893   3.155   1.00 0.00 ? 7  IAM A CT   10 
HETATM 2049 N NH   . IAM A 1 7  ? -7.285  5.995   2.232   1.00 0.00 ? 7  IAM A NH   10 
HETATM 2050 C CI   . IAM A 1 7  ? -7.329  4.541   2.496   1.00 0.00 ? 7  IAM A CI   10 
HETATM 2051 C CK1  . IAM A 1 7  ? -7.957  3.819   1.291   1.00 0.00 ? 7  IAM A CK1  10 
HETATM 2052 C CK2  . IAM A 1 7  ? -8.163  4.255   3.758   1.00 0.00 ? 7  IAM A CK2  10 
HETATM 2053 C C    . IAM A 1 7  ? -0.386  7.353   0.875   1.00 0.00 ? 7  IAM A C    10 
HETATM 2054 O O    . IAM A 1 7  ? 0.620   7.755   1.458   1.00 0.00 ? 7  IAM A O    10 
HETATM 2055 H H    . IAM A 1 7  ? -2.810  7.357   -0.913  1.00 0.00 ? 7  IAM A H    10 
HETATM 2056 H HA   . IAM A 1 7  ? -0.238  8.633   -0.850  1.00 0.00 ? 7  IAM A HA   10 
HETATM 2057 H HB   . IAM A 1 7  ? -1.395  9.828   1.093   1.00 0.00 ? 7  IAM A HB   10 
HETATM 2058 H HB1  . IAM A 1 7  ? -2.321  9.890   -0.393  1.00 0.00 ? 7  IAM A HB1  10 
HETATM 2059 H HD1  . IAM A 1 7  ? -2.108  8.367   2.941   1.00 0.00 ? 7  IAM A HD1  10 
HETATM 2060 H HE1  . IAM A 1 7  ? -4.082  7.368   4.131   1.00 0.00 ? 7  IAM A HE1  10 
HETATM 2061 H HE2  . IAM A 1 7  ? -6.402  7.750   0.597   1.00 0.00 ? 7  IAM A HE2  10 
HETATM 2062 H HD2  . IAM A 1 7  ? -4.429  8.748   -0.590  1.00 0.00 ? 7  IAM A HD2  10 
HETATM 2063 H HT1  . IAM A 1 7  ? -7.209  7.679   3.483   1.00 0.00 ? 7  IAM A HT1  10 
HETATM 2064 H HT2  . IAM A 1 7  ? -6.219  6.333   4.004   1.00 0.00 ? 7  IAM A HT2  10 
HETATM 2065 H HH   . IAM A 1 7  ? -7.762  6.384   1.407   1.00 0.00 ? 7  IAM A HH   10 
HETATM 2066 H HI   . IAM A 1 7  ? -6.335  4.177   2.653   1.00 0.00 ? 7  IAM A HI   10 
HETATM 2067 H HK11 . IAM A 1 7  ? -8.957  4.172   1.145   1.00 0.00 ? 7  IAM A HK11 10 
HETATM 2068 H HK12 . IAM A 1 7  ? -7.380  4.019   0.413   1.00 0.00 ? 7  IAM A HK12 10 
HETATM 2069 H HK13 . IAM A 1 7  ? -7.975  2.765   1.475   1.00 0.00 ? 7  IAM A HK13 10 
HETATM 2070 H HK21 . IAM A 1 7  ? -9.075  4.813   3.720   1.00 0.00 ? 7  IAM A HK21 10 
HETATM 2071 H HK22 . IAM A 1 7  ? -8.387  3.209   3.811   1.00 0.00 ? 7  IAM A HK22 10 
HETATM 2072 H HK23 . IAM A 1 7  ? -7.606  4.542   4.627   1.00 0.00 ? 7  IAM A HK23 10 
ATOM   2073 N N    . THR A 1 8  ? -0.997  6.207   1.136   1.00 0.00 ? 8  THR A N    10 
ATOM   2074 C CA   . THR A 1 8  ? -0.503  5.313   2.168   1.00 0.00 ? 8  THR A CA   10 
ATOM   2075 C C    . THR A 1 8  ? 0.520   4.338   1.583   1.00 0.00 ? 8  THR A C    10 
ATOM   2076 O O    . THR A 1 8  ? 0.894   4.449   0.417   1.00 0.00 ? 8  THR A O    10 
ATOM   2077 C CB   . THR A 1 8  ? -1.705  4.621   2.812   1.00 0.00 ? 8  THR A CB   10 
ATOM   2078 O OG1  . THR A 1 8  ? -2.776  4.871   1.903   1.00 0.00 ? 8  THR A OG1  10 
ATOM   2079 C CG2  . THR A 1 8  ? -2.150  5.302   4.108   1.00 0.00 ? 8  THR A CG2  10 
ATOM   2080 H H    . THR A 1 8  ? -1.813  5.889   0.658   1.00 0.00 ? 8  THR A H    10 
ATOM   2081 H HA   . THR A 1 8  ? 0.018   5.910   2.918   1.00 0.00 ? 8  THR A HA   10 
ATOM   2082 H HB   . THR A 1 8  ? -1.504  3.562   2.978   1.00 0.00 ? 8  THR A HB   10 
ATOM   2083 H HG1  . THR A 1 8  ? -3.138  5.791   2.048   1.00 0.00 ? 8  THR A HG1  10 
ATOM   2084 H HG21 . THR A 1 8  ? -1.641  4.837   4.955   1.00 0.00 ? 8  THR A HG21 10 
ATOM   2085 H HG22 . THR A 1 8  ? -1.895  6.360   4.068   1.00 0.00 ? 8  THR A HG22 10 
ATOM   2086 H HG23 . THR A 1 8  ? -3.227  5.192   4.227   1.00 0.00 ? 8  THR A HG23 10 
ATOM   2087 N N    . PHE A 1 9  ? 0.944   3.401   2.422   1.00 0.00 ? 9  PHE A N    10 
ATOM   2088 C CA   . PHE A 1 9  ? 1.914   2.405   2.002   1.00 0.00 ? 9  PHE A CA   10 
ATOM   2089 C C    . PHE A 1 9  ? 1.973   1.242   2.995   1.00 0.00 ? 9  PHE A C    10 
ATOM   2090 O O    . PHE A 1 9  ? 3.039   0.676   3.231   1.00 0.00 ? 9  PHE A O    10 
ATOM   2091 C CB   . PHE A 1 9  ? 3.277   3.098   1.964   1.00 0.00 ? 9  PHE A CB   10 
ATOM   2092 C CG   . PHE A 1 9  ? 3.994   2.990   0.617   1.00 0.00 ? 9  PHE A CG   10 
ATOM   2093 C CD1  . PHE A 1 9  ? 4.756   1.898   0.338   1.00 0.00 ? 9  PHE A CD1  10 
ATOM   2094 C CD2  . PHE A 1 9  ? 3.872   3.985   -0.300  1.00 0.00 ? 9  PHE A CD2  10 
ATOM   2095 C CE1  . PHE A 1 9  ? 5.420   1.798   -0.912  1.00 0.00 ? 9  PHE A CE1  10 
ATOM   2096 C CE2  . PHE A 1 9  ? 4.537   3.886   -1.550  1.00 0.00 ? 9  PHE A CE2  10 
ATOM   2097 C CZ   . PHE A 1 9  ? 5.297   2.794   -1.829  1.00 0.00 ? 9  PHE A CZ   10 
ATOM   2098 H H    . PHE A 1 9  ? 0.634   3.316   3.369   1.00 0.00 ? 9  PHE A H    10 
ATOM   2099 H HA   . PHE A 1 9  ? 1.596   2.033   1.028   1.00 0.00 ? 9  PHE A HA   10 
ATOM   2100 H HB3  . PHE A 1 9  ? 3.914   2.667   2.740   1.00 0.00 ? 9  PHE A HB3  10 
ATOM   2101 H HD1  . PHE A 1 9  ? 4.855   1.099   1.075   1.00 0.00 ? 9  PHE A HD1  10 
ATOM   2102 H HD2  . PHE A 1 9  ? 3.261   4.861   -0.077  1.00 0.00 ? 9  PHE A HD2  10 
ATOM   2103 H HE1  . PHE A 1 9  ? 6.031   0.922   -1.136  1.00 0.00 ? 9  PHE A HE1  10 
ATOM   2104 H HE2  . PHE A 1 9  ? 4.438   4.684   -2.286  1.00 0.00 ? 9  PHE A HE2  10 
ATOM   2105 H HZ   . PHE A 1 9  ? 5.809   2.715   -2.789  1.00 0.00 ? 9  PHE A HZ   10 
HETATM 2106 N N    . HHK A 1 10 ? 0.813   0.923   3.552   1.00 0.00 ? 10 HHK A N    10 
HETATM 2107 C CA   . HHK A 1 10 ? 0.719   -0.162  4.515   1.00 0.00 ? 10 HHK A CA   10 
HETATM 2108 C CB   . HHK A 1 10 ? -0.743  -0.549  4.742   1.00 0.00 ? 10 HHK A CB   10 
HETATM 2109 C CG   . HHK A 1 10 ? -1.191  -0.198  6.162   1.00 0.00 ? 10 HHK A CG   10 
HETATM 2110 C CD   . HHK A 1 10 ? -1.747  1.227   6.224   1.00 0.00 ? 10 HHK A CD   10 
HETATM 2111 C CE   . HHK A 1 10 ? -3.198  1.270   5.745   1.00 0.00 ? 10 HHK A CE   10 
HETATM 2112 C CZ   . HHK A 1 10 ? -3.240  1.556   4.233   1.00 0.00 ? 10 HHK A CZ   10 
HETATM 2113 C CT   . HHK A 1 10 ? -3.795  0.326   3.493   1.00 0.00 ? 10 HHK A CT   10 
HETATM 2114 N NH   . HHK A 1 10 ? -2.949  0.036   2.314   1.00 0.00 ? 10 HHK A NH   10 
HETATM 2115 C C    . HHK A 1 10 ? 1.600   -1.324  4.056   1.00 0.00 ? 10 HHK A C    10 
HETATM 2116 O O    . HHK A 1 10 ? 2.264   -1.964  4.869   1.00 0.00 ? 10 HHK A O    10 
HETATM 2117 H H    . HHK A 1 10 ? -0.049  1.390   3.355   1.00 0.00 ? 10 HHK A H    10 
HETATM 2118 H HA   . HHK A 1 10 ? 1.104   0.210   5.465   1.00 0.00 ? 10 HHK A HA   10 
HETATM 2119 H HB2  . HHK A 1 10 ? -1.377  -0.036  4.019   1.00 0.00 ? 10 HHK A HB2  10 
HETATM 2120 H HB3  . HHK A 1 10 ? -0.869  -1.619  4.570   1.00 0.00 ? 10 HHK A HB3  10 
HETATM 2121 H HG2  . HHK A 1 10 ? -1.953  -0.904  6.491   1.00 0.00 ? 10 HHK A HG2  10 
HETATM 2122 H HG3  . HHK A 1 10 ? -0.348  -0.295  6.846   1.00 0.00 ? 10 HHK A HG3  10 
HETATM 2123 H HD2  . HHK A 1 10 ? -1.685  1.599   7.246   1.00 0.00 ? 10 HHK A HD2  10 
HETATM 2124 H HD3  . HHK A 1 10 ? -1.135  1.886   5.608   1.00 0.00 ? 10 HHK A HD3  10 
HETATM 2125 H HE2  . HHK A 1 10 ? -3.687  0.322   5.961   1.00 0.00 ? 10 HHK A HE2  10 
HETATM 2126 H HE3  . HHK A 1 10 ? -3.743  2.043   6.289   1.00 0.00 ? 10 HHK A HE3  10 
HETATM 2127 H HZ2  . HHK A 1 10 ? -3.871  2.399   4.049   1.00 0.00 ? 10 HHK A HZ2  10 
HETATM 2128 H HZ3  . HHK A 1 10 ? -2.251  1.768   3.882   1.00 0.00 ? 10 HHK A HZ3  10 
HETATM 2129 H HT2  . HHK A 1 10 ? -3.791  -0.516  4.151   1.00 0.00 ? 10 HHK A HT2  10 
HETATM 2130 H HT1  . HHK A 1 10 ? -4.797  0.522   3.173   1.00 0.00 ? 10 HHK A HT1  10 
HETATM 2131 H HH2  . HHK A 1 10 ? -2.420  0.862   2.068   1.00 0.00 ? 10 HHK A HH2  10 
ATOM   2132 N N    . SER A 1 11 ? 1.580   -1.561  2.752   1.00 0.00 ? 11 SER A N    10 
ATOM   2133 C CA   . SER A 1 11 ? 2.369   -2.635  2.175   1.00 0.00 ? 11 SER A CA   10 
ATOM   2134 C C    . SER A 1 11 ? 2.016   -3.964  2.847   1.00 0.00 ? 11 SER A C    10 
ATOM   2135 O O    . SER A 1 11 ? 2.365   -4.190  4.005   1.00 0.00 ? 11 SER A O    10 
ATOM   2136 C CB   . SER A 1 11 ? 3.867   -2.354  2.311   1.00 0.00 ? 11 SER A CB   10 
ATOM   2137 O OG   . SER A 1 11 ? 4.365   -1.570  1.230   1.00 0.00 ? 11 SER A OG   10 
ATOM   2138 H H    . SER A 1 11 ? 1.037   -1.036  2.097   1.00 0.00 ? 11 SER A H    10 
ATOM   2139 H HA   . SER A 1 11 ? 2.100   -2.658  1.118   1.00 0.00 ? 11 SER A HA   10 
ATOM   2140 H HB3  . SER A 1 11 ? 4.411   -3.297  2.355   1.00 0.00 ? 11 SER A HB3  10 
ATOM   2141 H HG   . SER A 1 11 ? 5.036   -2.092  0.708   1.00 0.00 ? 11 SER A HG   10 
ATOM   2142 N N    . CYS A 1 12 ? 1.330   -4.807  2.091   1.00 0.00 ? 12 CYS A N    10 
ATOM   2143 C CA   . CYS A 1 12 ? 0.926   -6.107  2.597   1.00 0.00 ? 12 CYS A CA   10 
ATOM   2144 C C    . CYS A 1 12 ? 2.102   -6.712  3.367   1.00 0.00 ? 12 CYS A C    10 
ATOM   2145 O O    . CYS A 1 12 ? 3.251   -6.325  3.153   1.00 0.00 ? 12 CYS A O    10 
ATOM   2146 C CB   . CYS A 1 12 ? 0.442   -7.030  1.475   1.00 0.00 ? 12 CYS A CB   10 
ATOM   2147 S SG   . CYS A 1 12 ? 1.768   -7.953  0.619   1.00 0.00 ? 12 CYS A SG   10 
ATOM   2148 H H    . CYS A 1 12 ? 1.049   -4.617  1.150   1.00 0.00 ? 12 CYS A H    10 
ATOM   2149 H HA   . CYS A 1 12 ? 0.079   -5.935  3.263   1.00 0.00 ? 12 CYS A HA   10 
ATOM   2150 H HB3  . CYS A 1 12 ? -0.098  -6.432  0.741   1.00 0.00 ? 12 CYS A HB3  10 
# 
loop_
_pdbx_poly_seq_scheme.asym_id 
_pdbx_poly_seq_scheme.entity_id 
_pdbx_poly_seq_scheme.seq_id 
_pdbx_poly_seq_scheme.mon_id 
_pdbx_poly_seq_scheme.ndb_seq_num 
_pdbx_poly_seq_scheme.pdb_seq_num 
_pdbx_poly_seq_scheme.auth_seq_num 
_pdbx_poly_seq_scheme.pdb_mon_id 
_pdbx_poly_seq_scheme.auth_mon_id 
_pdbx_poly_seq_scheme.pdb_strand_id 
_pdbx_poly_seq_scheme.pdb_ins_code 
_pdbx_poly_seq_scheme.hetero 
A 1 1  TYR 1  1  1  TYR TYR A . n 
A 1 2  CYS 2  2  2  CYS CYS A . n 
A 1 3  LYS 3  3  3  LYS LYS A . n 
A 1 4  PHE 4  4  4  PHE PHE A . n 
A 1 5  GLU 5  5  5  GLU GLU A . n 
A 1 6  DTR 6  6  6  DTR DTR A . n 
A 1 7  IAM 7  7  7  IAM IAM A . n 
A 1 8  THR 8  8  8  THR THR A . n 
A 1 9  PHE 9  9  9  PHE PHE A . n 
A 1 10 HHK 10 10 10 HHK HHK A . n 
A 1 11 SER 11 11 11 SER SER A . n 
A 1 12 CYS 12 12 12 CYS CYS A . n 
# 
loop_
_pdbx_struct_mod_residue.id 
_pdbx_struct_mod_residue.label_asym_id 
_pdbx_struct_mod_residue.label_comp_id 
_pdbx_struct_mod_residue.label_seq_id 
_pdbx_struct_mod_residue.auth_asym_id 
_pdbx_struct_mod_residue.auth_comp_id 
_pdbx_struct_mod_residue.auth_seq_id 
_pdbx_struct_mod_residue.PDB_ins_code 
_pdbx_struct_mod_residue.parent_comp_id 
_pdbx_struct_mod_residue.details 
1 A DTR 6  A DTR 6  ? TRP D-TRYPTOPHAN                              
2 A IAM 7  A IAM 7  ? ALA '4-[(ISOPROPYLAMINO)METHYL]PHENYLALANINE' 
3 A HHK 10 A HHK 10 ? ALA '(2S)-2,8-DIAMINOOCTANOIC ACID'           
4 A HHK 10 A HHK 10 ? LYS '(2S)-2,8-DIAMINOOCTANOIC ACID'           
# 
_pdbx_struct_assembly.id                   1 
_pdbx_struct_assembly.details              author_defined_assembly 
_pdbx_struct_assembly.method_details       ? 
_pdbx_struct_assembly.oligomeric_details   monomeric 
_pdbx_struct_assembly.oligomeric_count     1 
# 
_pdbx_struct_assembly_gen.assembly_id       1 
_pdbx_struct_assembly_gen.oper_expression   1 
_pdbx_struct_assembly_gen.asym_id_list      A 
# 
_pdbx_struct_oper_list.id                   1 
_pdbx_struct_oper_list.type                 'identity operation' 
_pdbx_struct_oper_list.name                 1_555 
_pdbx_struct_oper_list.symmetry_operation   x,y,z 
_pdbx_struct_oper_list.matrix[1][1]         1.0000000000 
_pdbx_struct_oper_list.matrix[1][2]         0.0000000000 
_pdbx_struct_oper_list.matrix[1][3]         0.0000000000 
_pdbx_struct_oper_list.vector[1]            0.0000000000 
_pdbx_struct_oper_list.matrix[2][1]         0.0000000000 
_pdbx_struct_oper_list.matrix[2][2]         1.0000000000 
_pdbx_struct_oper_list.matrix[2][3]         0.0000000000 
_pdbx_struct_oper_list.vector[2]            0.0000000000 
_pdbx_struct_oper_list.matrix[3][1]         0.0000000000 
_pdbx_struct_oper_list.matrix[3][2]         0.0000000000 
_pdbx_struct_oper_list.matrix[3][3]         1.0000000000 
_pdbx_struct_oper_list.vector[3]            0.0000000000 
# 
loop_
_pdbx_audit_revision_history.ordinal 
_pdbx_audit_revision_history.data_content_type 
_pdbx_audit_revision_history.major_revision 
_pdbx_audit_revision_history.minor_revision 
_pdbx_audit_revision_history.revision_date 
1 'Structure model' 1 0 2005-02-15 
2 'Structure model' 1 1 2008-04-30 
3 'Structure model' 1 2 2011-07-13 
4 'Structure model' 1 3 2022-03-02 
# 
_pdbx_audit_revision_details.ordinal             1 
_pdbx_audit_revision_details.revision_ordinal    1 
_pdbx_audit_revision_details.data_content_type   'Structure model' 
_pdbx_audit_revision_details.provider            repository 
_pdbx_audit_revision_details.type                'Initial release' 
_pdbx_audit_revision_details.description         ? 
_pdbx_audit_revision_details.details             ? 
# 
loop_
_pdbx_audit_revision_group.ordinal 
_pdbx_audit_revision_group.revision_ordinal 
_pdbx_audit_revision_group.data_content_type 
_pdbx_audit_revision_group.group 
1 2 'Structure model' 'Version format compliance' 
2 3 'Structure model' 'Version format compliance' 
3 4 'Structure model' 'Data collection'           
4 4 'Structure model' 'Database references'       
5 4 'Structure model' 'Derived calculations'      
# 
loop_
_pdbx_audit_revision_category.ordinal 
_pdbx_audit_revision_category.revision_ordinal 
_pdbx_audit_revision_category.data_content_type 
_pdbx_audit_revision_category.category 
1 4 'Structure model' database_2            
2 4 'Structure model' pdbx_nmr_spectrometer 
3 4 'Structure model' pdbx_struct_assembly  
4 4 'Structure model' pdbx_struct_oper_list 
5 4 'Structure model' struct_conn           
# 
loop_
_pdbx_audit_revision_item.ordinal 
_pdbx_audit_revision_item.revision_ordinal 
_pdbx_audit_revision_item.data_content_type 
_pdbx_audit_revision_item.item 
1 4 'Structure model' '_database_2.pdbx_DOI'                
2 4 'Structure model' '_database_2.pdbx_database_accession' 
3 4 'Structure model' '_pdbx_nmr_spectrometer.model'        
4 4 'Structure model' '_struct_conn.pdbx_leaving_atom_flag' 
# 
loop_
_pdbx_validate_close_contact.id 
_pdbx_validate_close_contact.PDB_model_num 
_pdbx_validate_close_contact.auth_atom_id_1 
_pdbx_validate_close_contact.auth_asym_id_1 
_pdbx_validate_close_contact.auth_comp_id_1 
_pdbx_validate_close_contact.auth_seq_id_1 
_pdbx_validate_close_contact.PDB_ins_code_1 
_pdbx_validate_close_contact.label_alt_id_1 
_pdbx_validate_close_contact.auth_atom_id_2 
_pdbx_validate_close_contact.auth_asym_id_2 
_pdbx_validate_close_contact.auth_comp_id_2 
_pdbx_validate_close_contact.auth_seq_id_2 
_pdbx_validate_close_contact.PDB_ins_code_2 
_pdbx_validate_close_contact.label_alt_id_2 
_pdbx_validate_close_contact.dist 
1  1  CD A GLU 5 ? ? NH A HHK 10 ? ? 2.14 
2  2  CD A GLU 5 ? ? NH A HHK 10 ? ? 2.14 
3  3  CD A GLU 5 ? ? NH A HHK 10 ? ? 2.14 
4  4  CD A GLU 5 ? ? NH A HHK 10 ? ? 2.14 
5  5  CD A GLU 5 ? ? NH A HHK 10 ? ? 2.14 
6  6  CD A GLU 5 ? ? NH A HHK 10 ? ? 2.14 
7  7  CD A GLU 5 ? ? NH A HHK 10 ? ? 2.14 
8  8  CD A GLU 5 ? ? NH A HHK 10 ? ? 2.14 
9  9  CD A GLU 5 ? ? NH A HHK 10 ? ? 2.14 
10 10 CD A GLU 5 ? ? NH A HHK 10 ? ? 2.14 
# 
loop_
_pdbx_validate_torsion.id 
_pdbx_validate_torsion.PDB_model_num 
_pdbx_validate_torsion.auth_comp_id 
_pdbx_validate_torsion.auth_asym_id 
_pdbx_validate_torsion.auth_seq_id 
_pdbx_validate_torsion.PDB_ins_code 
_pdbx_validate_torsion.label_alt_id 
_pdbx_validate_torsion.phi 
_pdbx_validate_torsion.psi 
1  1  CYS A 2  ? ? -93.12  -93.97  
2  1  LYS A 3  ? ? 63.64   148.61  
3  1  PHE A 4  ? ? -71.62  -80.47  
4  1  GLU A 5  ? ? 162.80  168.76  
5  1  HHK A 10 ? ? -68.00  69.43   
6  1  SER A 11 ? ? -64.62  99.02   
7  2  CYS A 2  ? ? -72.68  -84.93  
8  2  LYS A 3  ? ? 70.31   112.76  
9  2  PHE A 4  ? ? -66.39  -87.45  
10 2  GLU A 5  ? ? 163.02  -170.69 
11 2  PHE A 9  ? ? -144.65 31.98   
12 2  SER A 11 ? ? 61.48   141.04  
13 3  LYS A 3  ? ? 43.07   91.30   
14 3  PHE A 4  ? ? -57.55  -86.49  
15 3  GLU A 5  ? ? 163.60  176.11  
16 3  PHE A 9  ? ? -140.89 31.33   
17 3  SER A 11 ? ? 56.23   -174.80 
18 4  CYS A 2  ? ? -79.04  -88.37  
19 4  LYS A 3  ? ? 79.46   146.60  
20 4  PHE A 4  ? ? -74.31  -87.54  
21 4  GLU A 5  ? ? 162.22  -178.25 
22 4  THR A 8  ? ? -64.48  -177.30 
23 5  LYS A 3  ? ? 56.82   163.62  
24 5  PHE A 4  ? ? -101.26 -87.72  
25 5  GLU A 5  ? ? 164.06  179.70  
26 5  SER A 11 ? ? 75.32   118.83  
27 6  CYS A 2  ? ? -142.87 -75.20  
28 6  LYS A 3  ? ? -175.27 48.70   
29 6  GLU A 5  ? ? 76.01   -178.19 
30 6  DTR A 6  ? ? -60.13  -76.89  
31 6  THR A 8  ? ? -54.89  -167.52 
32 6  PHE A 9  ? ? -153.98 34.02   
33 6  SER A 11 ? ? 61.04   144.72  
34 7  CYS A 2  ? ? -89.76  -86.97  
35 7  LYS A 3  ? ? 84.10   117.34  
36 7  PHE A 4  ? ? -74.66  -87.62  
37 7  GLU A 5  ? ? 165.36  -174.39 
38 7  THR A 8  ? ? -60.64  -171.48 
39 7  PHE A 9  ? ? -148.68 30.35   
40 7  HHK A 10 ? ? -66.65  77.01   
41 8  CYS A 2  ? ? -81.74  -89.71  
42 8  LYS A 3  ? ? 68.17   110.47  
43 8  PHE A 4  ? ? -58.04  -87.17  
44 8  GLU A 5  ? ? 163.17  175.64  
45 8  DTR A 6  ? ? -63.11  -60.63  
46 8  PHE A 9  ? ? -143.03 35.06   
47 8  HHK A 10 ? ? -68.69  68.68   
48 9  CYS A 2  ? ? -108.04 -97.21  
49 9  LYS A 3  ? ? 170.60  44.60   
50 9  PHE A 4  ? ? -67.27  -71.27  
51 9  GLU A 5  ? ? 69.85   163.73  
52 9  DTR A 6  ? ? -69.24  -84.46  
53 9  PHE A 9  ? ? -174.40 33.33   
54 9  HHK A 10 ? ? -87.95  46.22   
55 10 CYS A 2  ? ? -108.63 -86.39  
56 10 LYS A 3  ? ? 170.53  45.31   
57 10 GLU A 5  ? ? 56.67   161.67  
58 10 DTR A 6  ? ? -68.50  -82.62  
59 10 PHE A 9  ? ? -165.31 35.06   
60 10 SER A 11 ? ? 56.16   108.59  
# 
loop_
_pdbx_unobs_or_zero_occ_atoms.id 
_pdbx_unobs_or_zero_occ_atoms.PDB_model_num 
_pdbx_unobs_or_zero_occ_atoms.polymer_flag 
_pdbx_unobs_or_zero_occ_atoms.occupancy_flag 
_pdbx_unobs_or_zero_occ_atoms.auth_asym_id 
_pdbx_unobs_or_zero_occ_atoms.auth_comp_id 
_pdbx_unobs_or_zero_occ_atoms.auth_seq_id 
_pdbx_unobs_or_zero_occ_atoms.PDB_ins_code 
_pdbx_unobs_or_zero_occ_atoms.auth_atom_id 
_pdbx_unobs_or_zero_occ_atoms.label_alt_id 
_pdbx_unobs_or_zero_occ_atoms.label_asym_id 
_pdbx_unobs_or_zero_occ_atoms.label_comp_id 
_pdbx_unobs_or_zero_occ_atoms.label_seq_id 
_pdbx_unobs_or_zero_occ_atoms.label_atom_id 
1  1  Y 1 A GLU 5 ? OE2 ? A GLU 5 OE2 
2  2  Y 1 A GLU 5 ? OE2 ? A GLU 5 OE2 
3  3  Y 1 A GLU 5 ? OE2 ? A GLU 5 OE2 
4  4  Y 1 A GLU 5 ? OE2 ? A GLU 5 OE2 
5  5  Y 1 A GLU 5 ? OE2 ? A GLU 5 OE2 
6  6  Y 1 A GLU 5 ? OE2 ? A GLU 5 OE2 
7  7  Y 1 A GLU 5 ? OE2 ? A GLU 5 OE2 
8  8  Y 1 A GLU 5 ? OE2 ? A GLU 5 OE2 
9  9  Y 1 A GLU 5 ? OE2 ? A GLU 5 OE2 
10 10 Y 1 A GLU 5 ? OE2 ? A GLU 5 OE2 
# 
